data_2X9C
# 
_entry.id   2X9C 
# 
_audit_conform.dict_name       mmcif_pdbx.dic 
_audit_conform.dict_version    5.383 
_audit_conform.dict_location   http://mmcif.pdb.org/dictionaries/ascii/mmcif_pdbx.dic 
# 
loop_
_database_2.database_id 
_database_2.database_code 
_database_2.pdbx_database_accession 
_database_2.pdbx_DOI 
PDB   2X9C         pdb_00002x9c 10.2210/pdb2x9c/pdb 
PDBE  EBI-43161    ?            ?                   
WWPDB D_1290043161 ?            ?                   
# 
_pdbx_database_related.db_name        PDB 
_pdbx_database_related.db_id          2KV7 
_pdbx_database_related.content_type   unspecified 
_pdbx_database_related.details        'NMR SOLUTION STRUCTURE OF A SOLUBLE PRGI MUTANT FROM SALMONELLA TYPHIMURIUM' 
# 
_pdbx_database_status.status_code                     REL 
_pdbx_database_status.entry_id                        2X9C 
_pdbx_database_status.deposit_site                    PDBE 
_pdbx_database_status.process_site                    PDBE 
_pdbx_database_status.SG_entry                        . 
_pdbx_database_status.recvd_initial_deposition_date   2010-03-15 
_pdbx_database_status.pdb_format_compatible           Y 
_pdbx_database_status.status_code_sf                  REL 
_pdbx_database_status.status_code_mr                  ? 
_pdbx_database_status.status_code_cs                  ? 
_pdbx_database_status.methods_development_category    ? 
_pdbx_database_status.status_code_nmr_data            ? 
# 
loop_
_audit_author.name 
_audit_author.pdbx_ordinal 
'Poyraz, O.'       1  
'Schmidt, H.'      2  
'Seidel, K.'       3  
'Delissen, F.'     4  
'Ader, C.'         5  
'Tenenboim, H.'    6  
'Goosmann, C.'     7  
'Laube, B.'        8  
'Thuenemann, A.F.' 9  
'Zychlinsky, A.'   10 
'Baldus, M.'       11 
'Lange, A.'        12 
'Griesinger, C.'   13 
'Kolbe, M.'        14 
# 
_citation.id                        primary 
_citation.title                     'Protein Refolding is Required for Assembly of the Type Three Secretion Needle' 
_citation.journal_abbrev            Nat.Struct.Mol.Biol. 
_citation.journal_volume            17 
_citation.page_first                788 
_citation.page_last                 ? 
_citation.year                      2010 
_citation.journal_id_ASTM           ? 
_citation.country                   US 
_citation.journal_id_ISSN           1545-9993 
_citation.journal_id_CSD            ? 
_citation.book_publisher            ? 
_citation.pdbx_database_id_PubMed   20543831 
_citation.pdbx_database_id_DOI      10.1038/NSMB.1822 
# 
loop_
_citation_author.citation_id 
_citation_author.name 
_citation_author.ordinal 
_citation_author.identifier_ORCID 
primary 'Poyraz, O.'       1  ? 
primary 'Schmidt, H.'      2  ? 
primary 'Seidel, K.'       3  ? 
primary 'Delissen, F.'     4  ? 
primary 'Ader, C.'         5  ? 
primary 'Tenenboim, H.'    6  ? 
primary 'Goosmann, C.'     7  ? 
primary 'Laube, B.'        8  ? 
primary 'Thuenemann, A.F.' 9  ? 
primary 'Zychlinsky, A.'   10 ? 
primary 'Baldus, M.'       11 ? 
primary 'Lange, A.'        12 ? 
primary 'Griesinger, C.'   13 ? 
primary 'Kolbe, M.'        14 ? 
# 
_cell.entry_id           2X9C 
_cell.length_a           64.530 
_cell.length_b           64.530 
_cell.length_c           104.290 
_cell.angle_alpha        90.00 
_cell.angle_beta         90.00 
_cell.angle_gamma        120.00 
_cell.Z_PDB              12 
_cell.pdbx_unique_axis   ? 
# 
_symmetry.entry_id                         2X9C 
_symmetry.space_group_name_H-M             'P 31 1 2' 
_symmetry.pdbx_full_space_group_name_H-M   ? 
_symmetry.cell_setting                     ? 
_symmetry.Int_Tables_number                151 
# 
loop_
_entity.id 
_entity.type 
_entity.src_method 
_entity.pdbx_description 
_entity.formula_weight 
_entity.pdbx_number_of_molecules 
_entity.pdbx_ec 
_entity.pdbx_mutation 
_entity.pdbx_fragment 
_entity.details 
1 polymer man 'PROTEIN PRGI' 9091.037 2 ? YES ? ? 
2 water   nat water          18.015   9 ? ?   ? ? 
# 
_entity_name_com.entity_id   1 
_entity_name_com.name        PRGI 
# 
_entity_poly.entity_id                      1 
_entity_poly.type                           'polypeptide(L)' 
_entity_poly.nstd_linkage                   no 
_entity_poly.nstd_monomer                   no 
_entity_poly.pdbx_seq_one_letter_code       
;GSHMATPWSGYLDDVSAKFDTGVDNLQTQVTEALDKLAAKPSDPALLAAYQSKLSEYNLYRNAQSNTAKAFKDIDAAIIQ
NFR
;
_entity_poly.pdbx_seq_one_letter_code_can   
;GSHMATPWSGYLDDVSAKFDTGVDNLQTQVTEALDKLAAKPSDPALLAAYQSKLSEYNLYRNAQSNTAKAFKDIDAAIIQ
NFR
;
_entity_poly.pdbx_strand_id                 A,B 
_entity_poly.pdbx_target_identifier         ? 
# 
loop_
_entity_poly_seq.entity_id 
_entity_poly_seq.num 
_entity_poly_seq.mon_id 
_entity_poly_seq.hetero 
1 1  GLY n 
1 2  SER n 
1 3  HIS n 
1 4  MET n 
1 5  ALA n 
1 6  THR n 
1 7  PRO n 
1 8  TRP n 
1 9  SER n 
1 10 GLY n 
1 11 TYR n 
1 12 LEU n 
1 13 ASP n 
1 14 ASP n 
1 15 VAL n 
1 16 SER n 
1 17 ALA n 
1 18 LYS n 
1 19 PHE n 
1 20 ASP n 
1 21 THR n 
1 22 GLY n 
1 23 VAL n 
1 24 ASP n 
1 25 ASN n 
1 26 LEU n 
1 27 GLN n 
1 28 THR n 
1 29 GLN n 
1 30 VAL n 
1 31 THR n 
1 32 GLU n 
1 33 ALA n 
1 34 LEU n 
1 35 ASP n 
1 36 LYS n 
1 37 LEU n 
1 38 ALA n 
1 39 ALA n 
1 40 LYS n 
1 41 PRO n 
1 42 SER n 
1 43 ASP n 
1 44 PRO n 
1 45 ALA n 
1 46 LEU n 
1 47 LEU n 
1 48 ALA n 
1 49 ALA n 
1 50 TYR n 
1 51 GLN n 
1 52 SER n 
1 53 LYS n 
1 54 LEU n 
1 55 SER n 
1 56 GLU n 
1 57 TYR n 
1 58 ASN n 
1 59 LEU n 
1 60 TYR n 
1 61 ARG n 
1 62 ASN n 
1 63 ALA n 
1 64 GLN n 
1 65 SER n 
1 66 ASN n 
1 67 THR n 
1 68 ALA n 
1 69 LYS n 
1 70 ALA n 
1 71 PHE n 
1 72 LYS n 
1 73 ASP n 
1 74 ILE n 
1 75 ASP n 
1 76 ALA n 
1 77 ALA n 
1 78 ILE n 
1 79 ILE n 
1 80 GLN n 
1 81 ASN n 
1 82 PHE n 
1 83 ARG n 
# 
_entity_src_gen.entity_id                          1 
_entity_src_gen.pdbx_src_id                        1 
_entity_src_gen.pdbx_alt_source_flag               sample 
_entity_src_gen.pdbx_seq_type                      ? 
_entity_src_gen.pdbx_beg_seq_num                   ? 
_entity_src_gen.pdbx_end_seq_num                   ? 
_entity_src_gen.gene_src_common_name               ? 
_entity_src_gen.gene_src_genus                     ? 
_entity_src_gen.pdbx_gene_src_gene                 ? 
_entity_src_gen.gene_src_species                   ? 
_entity_src_gen.gene_src_strain                    SL1344 
_entity_src_gen.gene_src_tissue                    ? 
_entity_src_gen.gene_src_tissue_fraction           ? 
_entity_src_gen.gene_src_details                   ? 
_entity_src_gen.pdbx_gene_src_fragment             ? 
_entity_src_gen.pdbx_gene_src_scientific_name      'SALMONELLA TYPHIMURIUM' 
_entity_src_gen.pdbx_gene_src_ncbi_taxonomy_id     216597 
_entity_src_gen.pdbx_gene_src_variant              ? 
_entity_src_gen.pdbx_gene_src_cell_line            ? 
_entity_src_gen.pdbx_gene_src_atcc                 ? 
_entity_src_gen.pdbx_gene_src_organ                ? 
_entity_src_gen.pdbx_gene_src_organelle            ? 
_entity_src_gen.pdbx_gene_src_cell                 ? 
_entity_src_gen.pdbx_gene_src_cellular_location    ? 
_entity_src_gen.host_org_common_name               ? 
_entity_src_gen.pdbx_host_org_scientific_name      'ESCHERICHIA COLI' 
_entity_src_gen.pdbx_host_org_ncbi_taxonomy_id     469008 
_entity_src_gen.host_org_genus                     ? 
_entity_src_gen.pdbx_host_org_gene                 ? 
_entity_src_gen.pdbx_host_org_organ                ? 
_entity_src_gen.host_org_species                   ? 
_entity_src_gen.pdbx_host_org_tissue               ? 
_entity_src_gen.pdbx_host_org_tissue_fraction      ? 
_entity_src_gen.pdbx_host_org_strain               'BL21 (DE3)' 
_entity_src_gen.pdbx_host_org_variant              ? 
_entity_src_gen.pdbx_host_org_cell_line            ? 
_entity_src_gen.pdbx_host_org_atcc                 ? 
_entity_src_gen.pdbx_host_org_culture_collection   ? 
_entity_src_gen.pdbx_host_org_cell                 ? 
_entity_src_gen.pdbx_host_org_organelle            ? 
_entity_src_gen.pdbx_host_org_cellular_location    ? 
_entity_src_gen.pdbx_host_org_vector_type          ? 
_entity_src_gen.pdbx_host_org_vector               ? 
_entity_src_gen.host_org_details                   ? 
_entity_src_gen.expression_system_id               ? 
_entity_src_gen.plasmid_name                       PET-28A 
_entity_src_gen.plasmid_details                    ? 
_entity_src_gen.pdbx_description                   ? 
# 
_struct_ref.id                         1 
_struct_ref.db_name                    UNP 
_struct_ref.db_code                    PRGI_SALTY 
_struct_ref.entity_id                  1 
_struct_ref.pdbx_seq_one_letter_code   ? 
_struct_ref.pdbx_align_begin           ? 
_struct_ref.pdbx_db_accession          P41784 
_struct_ref.pdbx_db_isoform            ? 
# 
loop_
_struct_ref_seq.align_id 
_struct_ref_seq.ref_id 
_struct_ref_seq.pdbx_PDB_id_code 
_struct_ref_seq.pdbx_strand_id 
_struct_ref_seq.seq_align_beg 
_struct_ref_seq.pdbx_seq_align_beg_ins_code 
_struct_ref_seq.seq_align_end 
_struct_ref_seq.pdbx_seq_align_end_ins_code 
_struct_ref_seq.pdbx_db_accession 
_struct_ref_seq.db_align_beg 
_struct_ref_seq.pdbx_db_align_beg_ins_code 
_struct_ref_seq.db_align_end 
_struct_ref_seq.pdbx_db_align_end_ins_code 
_struct_ref_seq.pdbx_auth_seq_align_beg 
_struct_ref_seq.pdbx_auth_seq_align_end 
1 1 2X9C A 4 ? 83 ? P41784 1 ? 80 ? 1 80 
2 1 2X9C B 4 ? 83 ? P41784 1 ? 80 ? 1 80 
# 
loop_
_struct_ref_seq_dif.align_id 
_struct_ref_seq_dif.pdbx_pdb_id_code 
_struct_ref_seq_dif.mon_id 
_struct_ref_seq_dif.pdbx_pdb_strand_id 
_struct_ref_seq_dif.seq_num 
_struct_ref_seq_dif.pdbx_pdb_ins_code 
_struct_ref_seq_dif.pdbx_seq_db_name 
_struct_ref_seq_dif.pdbx_seq_db_accession_code 
_struct_ref_seq_dif.db_mon_id 
_struct_ref_seq_dif.pdbx_seq_db_seq_num 
_struct_ref_seq_dif.details 
_struct_ref_seq_dif.pdbx_auth_seq_num 
_struct_ref_seq_dif.pdbx_ordinal 
1 2X9C GLY A 1  ? UNP P41784 ?   ?  'expression tag'      -2 1  
1 2X9C SER A 2  ? UNP P41784 ?   ?  'expression tag'      -1 2  
1 2X9C HIS A 3  ? UNP P41784 ?   ?  'expression tag'      0  3  
1 2X9C ALA A 68 ? UNP P41784 VAL 65 'engineered mutation' 65 4  
1 2X9C ALA A 70 ? UNP P41784 VAL 67 'engineered mutation' 67 5  
2 2X9C GLY B 1  ? UNP P41784 ?   ?  'expression tag'      -2 6  
2 2X9C SER B 2  ? UNP P41784 ?   ?  'expression tag'      -1 7  
2 2X9C HIS B 3  ? UNP P41784 ?   ?  'expression tag'      0  8  
2 2X9C ALA B 68 ? UNP P41784 VAL 65 'engineered mutation' 65 9  
2 2X9C ALA B 70 ? UNP P41784 VAL 67 'engineered mutation' 67 10 
# 
loop_
_chem_comp.id 
_chem_comp.type 
_chem_comp.mon_nstd_flag 
_chem_comp.name 
_chem_comp.pdbx_synonyms 
_chem_comp.formula 
_chem_comp.formula_weight 
ALA 'L-peptide linking' y ALANINE         ? 'C3 H7 N O2'     89.093  
ARG 'L-peptide linking' y ARGININE        ? 'C6 H15 N4 O2 1' 175.209 
ASN 'L-peptide linking' y ASPARAGINE      ? 'C4 H8 N2 O3'    132.118 
ASP 'L-peptide linking' y 'ASPARTIC ACID' ? 'C4 H7 N O4'     133.103 
GLN 'L-peptide linking' y GLUTAMINE       ? 'C5 H10 N2 O3'   146.144 
GLU 'L-peptide linking' y 'GLUTAMIC ACID' ? 'C5 H9 N O4'     147.129 
GLY 'peptide linking'   y GLYCINE         ? 'C2 H5 N O2'     75.067  
HIS 'L-peptide linking' y HISTIDINE       ? 'C6 H10 N3 O2 1' 156.162 
HOH non-polymer         . WATER           ? 'H2 O'           18.015  
ILE 'L-peptide linking' y ISOLEUCINE      ? 'C6 H13 N O2'    131.173 
LEU 'L-peptide linking' y LEUCINE         ? 'C6 H13 N O2'    131.173 
LYS 'L-peptide linking' y LYSINE          ? 'C6 H15 N2 O2 1' 147.195 
MET 'L-peptide linking' y METHIONINE      ? 'C5 H11 N O2 S'  149.211 
PHE 'L-peptide linking' y PHENYLALANINE   ? 'C9 H11 N O2'    165.189 
PRO 'L-peptide linking' y PROLINE         ? 'C5 H9 N O2'     115.130 
SER 'L-peptide linking' y SERINE          ? 'C3 H7 N O3'     105.093 
THR 'L-peptide linking' y THREONINE       ? 'C4 H9 N O3'     119.119 
TRP 'L-peptide linking' y TRYPTOPHAN      ? 'C11 H12 N2 O2'  204.225 
TYR 'L-peptide linking' y TYROSINE        ? 'C9 H11 N O3'    181.189 
VAL 'L-peptide linking' y VALINE          ? 'C5 H11 N O2'    117.146 
# 
_exptl.entry_id          2X9C 
_exptl.method            'X-RAY DIFFRACTION' 
_exptl.crystals_number   1 
# 
_exptl_crystal.id                    1 
_exptl_crystal.density_meas          ? 
_exptl_crystal.density_Matthews      3.45 
_exptl_crystal.density_percent_sol   64.4 
_exptl_crystal.description           'DATA DETWINNED USING CNS WITH TWIN FRACTION 0.18 AND TWIN OPERATOR K,H,-L' 
# 
_exptl_crystal_grow.crystal_id      1 
_exptl_crystal_grow.method          'VAPOR DIFFUSION, HANGING DROP' 
_exptl_crystal_grow.temp            ? 
_exptl_crystal_grow.temp_details    ? 
_exptl_crystal_grow.pH              ? 
_exptl_crystal_grow.pdbx_pH_range   ? 
_exptl_crystal_grow.pdbx_details    
;RESERVOIR SOLUTION 0.15 MM NAH2PO4. SAMPLE BUFFER 20 MM HEPES (PH 7.5) 50 MM NACL. HANGING DROP WITH 1 UL SAMPLE AND 1 UL RESERVOIR SOLUTION.
;
# 
_diffrn.id                     1 
_diffrn.ambient_temp           100 
_diffrn.ambient_temp_details   ? 
_diffrn.crystal_id             1 
# 
_diffrn_detector.diffrn_id              1 
_diffrn_detector.detector               CCD 
_diffrn_detector.type                   'ADSC QUANTUM 315r' 
_diffrn_detector.pdbx_collection_date   2007-05-13 
_diffrn_detector.details                'TOROIDAL MIRROR' 
# 
_diffrn_radiation.diffrn_id                        1 
_diffrn_radiation.wavelength_id                    1 
_diffrn_radiation.pdbx_monochromatic_or_laue_m_l   M 
_diffrn_radiation.monochromator                    'SI(111) CHANNEL-CUT' 
_diffrn_radiation.pdbx_diffrn_protocol             'SINGLE WAVELENGTH' 
_diffrn_radiation.pdbx_scattering_type             x-ray 
# 
_diffrn_radiation_wavelength.id           1 
_diffrn_radiation_wavelength.wavelength   0.97625 
_diffrn_radiation_wavelength.wt           1.0 
# 
_diffrn_source.diffrn_id                   1 
_diffrn_source.source                      SYNCHROTRON 
_diffrn_source.type                        'ESRF BEAMLINE ID23-1' 
_diffrn_source.pdbx_synchrotron_site       ESRF 
_diffrn_source.pdbx_synchrotron_beamline   ID23-1 
_diffrn_source.pdbx_wavelength             0.97625 
_diffrn_source.pdbx_wavelength_list        ? 
# 
_reflns.pdbx_diffrn_id               1 
_reflns.pdbx_ordinal                 1 
_reflns.entry_id                     2X9C 
_reflns.observed_criterion_sigma_I   -3.0 
_reflns.observed_criterion_sigma_F   ? 
_reflns.d_resolution_low             50.00 
_reflns.d_resolution_high            2.25 
_reflns.number_obs                   11435 
_reflns.number_all                   ? 
_reflns.percent_possible_obs         94.9 
_reflns.pdbx_Rmerge_I_obs            0.11 
_reflns.pdbx_Rsym_value              ? 
_reflns.pdbx_netI_over_sigmaI        9.83 
_reflns.B_iso_Wilson_estimate        63.9 
_reflns.pdbx_redundancy              7.5 
# 
_reflns_shell.pdbx_diffrn_id         1 
_reflns_shell.pdbx_ordinal           1 
_reflns_shell.d_res_high             2.25 
_reflns_shell.d_res_low              2.31 
_reflns_shell.percent_possible_all   96.8 
_reflns_shell.Rmerge_I_obs           0.92 
_reflns_shell.pdbx_Rsym_value        ? 
_reflns_shell.meanI_over_sigI_obs    2.11 
_reflns_shell.pdbx_redundancy        7.6 
# 
_refine.pdbx_refine_id                           'X-RAY DIFFRACTION' 
_refine.entry_id                                 2X9C 
_refine.pdbx_diffrn_id                           1 
_refine.pdbx_TLS_residual_ADP_flag               ? 
_refine.ls_number_reflns_obs                     8544 
_refine.ls_number_reflns_all                     ? 
_refine.pdbx_ls_sigma_I                          ? 
_refine.pdbx_ls_sigma_F                          0.0 
_refine.pdbx_data_cutoff_high_absF               2660057.81 
_refine.pdbx_data_cutoff_low_absF                0.000000 
_refine.pdbx_data_cutoff_high_rms_absF           ? 
_refine.ls_d_res_low                             38.13 
_refine.ls_d_res_high                            2.45 
_refine.ls_percent_reflns_obs                    91.2 
_refine.ls_R_factor_obs                          0.225 
_refine.ls_R_factor_all                          ? 
_refine.ls_R_factor_R_work                       0.225 
_refine.ls_R_factor_R_free                       0.239 
_refine.ls_R_factor_R_free_error                 0.012 
_refine.ls_R_factor_R_free_error_details         ? 
_refine.ls_percent_reflns_R_free                 4.7 
_refine.ls_number_reflns_R_free                  400 
_refine.ls_number_parameters                     ? 
_refine.ls_number_restraints                     ? 
_refine.occupancy_min                            ? 
_refine.occupancy_max                            ? 
_refine.correlation_coeff_Fo_to_Fc               ? 
_refine.correlation_coeff_Fo_to_Fc_free          ? 
_refine.B_iso_mean                               81.6 
_refine.aniso_B[1][1]                            -7.80 
_refine.aniso_B[2][2]                            -7.80 
_refine.aniso_B[3][3]                            15.60 
_refine.aniso_B[1][2]                            0.00 
_refine.aniso_B[1][3]                            0.00 
_refine.aniso_B[2][3]                            0.00 
_refine.solvent_model_details                    'FLAT MODEL' 
_refine.solvent_model_param_ksol                 0.4 
_refine.solvent_model_param_bsol                 79.6715 
_refine.pdbx_solvent_vdw_probe_radii             ? 
_refine.pdbx_solvent_ion_probe_radii             ? 
_refine.pdbx_solvent_shrinkage_radii             ? 
_refine.pdbx_ls_cross_valid_method               THROUGHOUT 
_refine.details                                  
;CHAIN A RESIDUES 1-18 AND 80 ARE DISORDERED. CHAIN B RESIDUES 1-17 ARE DISORDERED. N-TERMINAL RESIDUES GLY-SER-HIS REMAINING FROM THROMBIN CLEAVAGE SITE ARE DISORDERED IN CHAINS A AND B. THE STRUCTURE WAS REFINED AT LOWER RESOLUTION (2.45 A) THAN THE COLLECTED DATASET (2.25 A) BECAUSE OF THE POOR MERGING STATISTICS AT HIGH RESOLUTION.
;
_refine.pdbx_starting_model                      'PDB ENTRY 2CA5' 
_refine.pdbx_method_to_determine_struct          'MOLECULAR REPLACEMENT' 
_refine.pdbx_isotropic_thermal_model             RESTRAINED 
_refine.pdbx_stereochemistry_target_values       'MAXIMUM LIKELIHOOD' 
_refine.pdbx_stereochem_target_val_spec_case     ? 
_refine.pdbx_R_Free_selection_details            RANDOM 
_refine.pdbx_overall_ESU_R                       ? 
_refine.pdbx_overall_ESU_R_Free                  ? 
_refine.overall_SU_ML                            ? 
_refine.pdbx_overall_phase_error                 ? 
_refine.overall_SU_B                             ? 
_refine.overall_SU_R_Cruickshank_DPI             ? 
_refine.pdbx_overall_SU_R_free_Cruickshank_DPI   ? 
_refine.pdbx_overall_SU_R_Blow_DPI               ? 
_refine.pdbx_overall_SU_R_free_Blow_DPI          ? 
# 
_refine_analyze.pdbx_refine_id                  'X-RAY DIFFRACTION' 
_refine_analyze.entry_id                        2X9C 
_refine_analyze.Luzzati_coordinate_error_obs    0.39 
_refine_analyze.Luzzati_sigma_a_obs             0.55 
_refine_analyze.Luzzati_d_res_low_obs           5.00 
_refine_analyze.Luzzati_coordinate_error_free   0.41 
_refine_analyze.Luzzati_sigma_a_free            0.61 
_refine_analyze.Luzzati_d_res_low_free          ? 
_refine_analyze.number_disordered_residues      ? 
_refine_analyze.occupancy_sum_hydrogen          ? 
_refine_analyze.occupancy_sum_non_hydrogen      ? 
# 
_refine_hist.pdbx_refine_id                   'X-RAY DIFFRACTION' 
_refine_hist.cycle_id                         LAST 
_refine_hist.pdbx_number_atoms_protein        958 
_refine_hist.pdbx_number_atoms_nucleic_acid   0 
_refine_hist.pdbx_number_atoms_ligand         0 
_refine_hist.number_atoms_solvent             9 
_refine_hist.number_atoms_total               967 
_refine_hist.d_res_high                       2.45 
_refine_hist.d_res_low                        38.13 
# 
loop_
_refine_ls_restr.type 
_refine_ls_restr.dev_ideal 
_refine_ls_restr.dev_ideal_target 
_refine_ls_restr.weight 
_refine_ls_restr.number 
_refine_ls_restr.pdbx_refine_id 
_refine_ls_restr.pdbx_restraint_function 
c_bond_d                0.008 ?    ? ? 'X-RAY DIFFRACTION' ? 
c_bond_d_na             ?     ?    ? ? 'X-RAY DIFFRACTION' ? 
c_bond_d_prot           ?     ?    ? ? 'X-RAY DIFFRACTION' ? 
c_angle_d               ?     ?    ? ? 'X-RAY DIFFRACTION' ? 
c_angle_d_na            ?     ?    ? ? 'X-RAY DIFFRACTION' ? 
c_angle_d_prot          ?     ?    ? ? 'X-RAY DIFFRACTION' ? 
c_angle_deg             1.1   ?    ? ? 'X-RAY DIFFRACTION' ? 
c_angle_deg_na          ?     ?    ? ? 'X-RAY DIFFRACTION' ? 
c_angle_deg_prot        ?     ?    ? ? 'X-RAY DIFFRACTION' ? 
c_dihedral_angle_d      17.0  ?    ? ? 'X-RAY DIFFRACTION' ? 
c_dihedral_angle_d_na   ?     ?    ? ? 'X-RAY DIFFRACTION' ? 
c_dihedral_angle_d_prot ?     ?    ? ? 'X-RAY DIFFRACTION' ? 
c_improper_angle_d      0.69  ?    ? ? 'X-RAY DIFFRACTION' ? 
c_improper_angle_d_na   ?     ?    ? ? 'X-RAY DIFFRACTION' ? 
c_improper_angle_d_prot ?     ?    ? ? 'X-RAY DIFFRACTION' ? 
c_mcbond_it             1.83  2.00 ? ? 'X-RAY DIFFRACTION' ? 
c_mcangle_it            3.03  3.00 ? ? 'X-RAY DIFFRACTION' ? 
c_scbond_it             5.51  4.50 ? ? 'X-RAY DIFFRACTION' ? 
c_scangle_it            7.65  6.00 ? ? 'X-RAY DIFFRACTION' ? 
# 
_refine_ls_restr_ncs.pdbx_refine_id      'X-RAY DIFFRACTION' 
_refine_ls_restr_ncs.dom_id              1 
_refine_ls_restr_ncs.ncs_model_details   NONE 
_refine_ls_restr_ncs.rms_dev_position    ? 
_refine_ls_restr_ncs.weight_position     ? 
_refine_ls_restr_ncs.rms_dev_B_iso       ? 
_refine_ls_restr_ncs.weight_B_iso        ? 
_refine_ls_restr_ncs.pdbx_ordinal        1 
_refine_ls_restr_ncs.pdbx_type           . 
_refine_ls_restr_ncs.pdbx_auth_asym_id   . 
_refine_ls_restr_ncs.pdbx_ens_id         1 
_refine_ls_restr_ncs.pdbx_number         ? 
_refine_ls_restr_ncs.pdbx_asym_id        ? 
_refine_ls_restr_ncs.pdbx_rms            ? 
_refine_ls_restr_ncs.pdbx_weight         ? 
# 
_refine_ls_shell.pdbx_refine_id                   'X-RAY DIFFRACTION' 
_refine_ls_shell.pdbx_total_number_of_bins_used   6 
_refine_ls_shell.d_res_high                       2.45 
_refine_ls_shell.d_res_low                        2.60 
_refine_ls_shell.number_reflns_R_work             1385 
_refine_ls_shell.R_factor_R_work                  0.439 
_refine_ls_shell.percent_reflns_obs               93.5 
_refine_ls_shell.R_factor_R_free                  0.542 
_refine_ls_shell.R_factor_R_free_error            0.071 
_refine_ls_shell.percent_reflns_R_free            4.1 
_refine_ls_shell.number_reflns_R_free             59 
_refine_ls_shell.number_reflns_all                ? 
_refine_ls_shell.R_factor_all                     ? 
# 
loop_
_pdbx_xplor_file.pdbx_refine_id 
_pdbx_xplor_file.serial_no 
_pdbx_xplor_file.param_file 
_pdbx_xplor_file.topol_file 
'X-RAY DIFFRACTION' 1 PROTEIN_REP.PARAM PROTEIN.TOP 
'X-RAY DIFFRACTION' 2 WATER_REP.PARAM   WATER.TOP   
# 
_struct_ncs_oper.id             1 
_struct_ncs_oper.code           given 
_struct_ncs_oper.details        ? 
_struct_ncs_oper.matrix[1][1]   0.20674526 
_struct_ncs_oper.matrix[1][2]   0.41199877 
_struct_ncs_oper.matrix[1][3]   0.88742038 
_struct_ncs_oper.matrix[2][1]   0.49467189 
_struct_ncs_oper.matrix[2][2]   -0.82655771 
_struct_ncs_oper.matrix[2][3]   0.26850057 
_struct_ncs_oper.matrix[3][1]   0.84413404 
_struct_ncs_oper.matrix[3][2]   0.38346850 
_struct_ncs_oper.matrix[3][3]   -0.37468756 
_struct_ncs_oper.vector[1]      2.10393 
_struct_ncs_oper.vector[2]      1.49977 
_struct_ncs_oper.vector[3]      1.85218 
# 
_struct_ncs_dom.id            1 
_struct_ncs_dom.details       ? 
_struct_ncs_dom.pdbx_ens_id   1 
# 
_struct_ncs_ens.id        1 
_struct_ncs_ens.details   ? 
# 
_struct.entry_id                  2X9C 
_struct.title                     'Crystal structure of a soluble PrgI mutant from Salmonella Typhimurium' 
_struct.pdbx_model_details        ? 
_struct.pdbx_CASP_flag            ? 
_struct.pdbx_model_type_details   ? 
# 
_struct_keywords.entry_id        2X9C 
_struct_keywords.pdbx_keywords   'PROTEIN TRANSPORT' 
_struct_keywords.text            'NEEDLE PROTOMER, PROTEIN TRANSPORT, BACTERIAL PATHOGENESIS' 
# 
loop_
_struct_asym.id 
_struct_asym.pdbx_blank_PDB_chainid_flag 
_struct_asym.pdbx_modified 
_struct_asym.entity_id 
_struct_asym.details 
A N N 1 ? 
B N N 1 ? 
C N N 2 ? 
D N N 2 ? 
# 
_struct_biol.id   1 
# 
loop_
_struct_conf.conf_type_id 
_struct_conf.id 
_struct_conf.pdbx_PDB_helix_id 
_struct_conf.beg_label_comp_id 
_struct_conf.beg_label_asym_id 
_struct_conf.beg_label_seq_id 
_struct_conf.pdbx_beg_PDB_ins_code 
_struct_conf.end_label_comp_id 
_struct_conf.end_label_asym_id 
_struct_conf.end_label_seq_id 
_struct_conf.pdbx_end_PDB_ins_code 
_struct_conf.beg_auth_comp_id 
_struct_conf.beg_auth_asym_id 
_struct_conf.beg_auth_seq_id 
_struct_conf.end_auth_comp_id 
_struct_conf.end_auth_asym_id 
_struct_conf.end_auth_seq_id 
_struct_conf.pdbx_PDB_helix_class 
_struct_conf.details 
_struct_conf.pdbx_PDB_helix_length 
HELX_P HELX_P1 1 VAL A 23 ? LYS A 40 ? VAL A 20 LYS A 37 1 ? 18 
HELX_P HELX_P2 2 ASP A 43 ? GLN A 80 ? ASP A 40 GLN A 77 1 ? 38 
HELX_P HELX_P3 3 THR B 21 ? LYS B 40 ? THR B 18 LYS B 37 1 ? 20 
HELX_P HELX_P4 4 ASP B 43 ? PHE B 82 ? ASP B 40 PHE B 79 1 ? 40 
# 
_struct_conf_type.id          HELX_P 
_struct_conf_type.criteria    ? 
_struct_conf_type.reference   ? 
# 
_atom_sites.entry_id                    2X9C 
_atom_sites.fract_transf_matrix[1][1]   0.00930140 
_atom_sites.fract_transf_matrix[1][2]   -0.00212676 
_atom_sites.fract_transf_matrix[1][3]   0.01513825 
_atom_sites.fract_transf_matrix[2][1]   -0.00449736 
_atom_sites.fract_transf_matrix[2][2]   -0.01293072 
_atom_sites.fract_transf_matrix[2][3]   0.01152239 
_atom_sites.fract_transf_matrix[3][1]   0.00592150 
_atom_sites.fract_transf_matrix[3][2]   -0.00606028 
_atom_sites.fract_transf_matrix[3][3]   -0.00448975 
_atom_sites.fract_transf_vector[1]      0.018615 
_atom_sites.fract_transf_vector[2]      -0.346281 
_atom_sites.fract_transf_vector[3]      0.167998 
# 
loop_
_atom_type.symbol 
C 
N 
O 
# 
loop_
_atom_site.group_PDB 
_atom_site.id 
_atom_site.type_symbol 
_atom_site.label_atom_id 
_atom_site.label_alt_id 
_atom_site.label_comp_id 
_atom_site.label_asym_id 
_atom_site.label_entity_id 
_atom_site.label_seq_id 
_atom_site.pdbx_PDB_ins_code 
_atom_site.Cartn_x 
_atom_site.Cartn_y 
_atom_site.Cartn_z 
_atom_site.occupancy 
_atom_site.B_iso_or_equiv 
_atom_site.pdbx_formal_charge 
_atom_site.auth_seq_id 
_atom_site.auth_comp_id 
_atom_site.auth_asym_id 
_atom_site.auth_atom_id 
_atom_site.pdbx_PDB_model_num 
ATOM   1   N N   . GLY A 1 22 ? -3.928  -10.608 6.378   1.00 116.84 ? 19   GLY A N   1 
ATOM   2   C CA  . GLY A 1 22 ? -2.947  -9.491  6.350   1.00 118.72 ? 19   GLY A CA  1 
ATOM   3   C C   . GLY A 1 22 ? -3.528  -8.192  6.880   1.00 119.96 ? 19   GLY A C   1 
ATOM   4   O O   . GLY A 1 22 ? -2.828  -7.183  6.967   1.00 118.97 ? 19   GLY A O   1 
ATOM   5   N N   . VAL A 1 23 ? -4.807  -8.214  7.243   1.00 121.46 ? 20   VAL A N   1 
ATOM   6   C CA  . VAL A 1 23 ? -5.477  -7.026  7.766   1.00 123.16 ? 20   VAL A CA  1 
ATOM   7   C C   . VAL A 1 23 ? -5.517  -7.036  9.291   1.00 124.36 ? 20   VAL A C   1 
ATOM   8   O O   . VAL A 1 23 ? -5.675  -5.988  9.921   1.00 124.70 ? 20   VAL A O   1 
ATOM   9   C CB  . VAL A 1 23 ? -6.936  -6.918  7.245   1.00 123.18 ? 20   VAL A CB  1 
ATOM   10  C CG1 . VAL A 1 23 ? -7.750  -8.127  7.700   1.00 121.29 ? 20   VAL A CG1 1 
ATOM   11  C CG2 . VAL A 1 23 ? -7.572  -5.628  7.742   1.00 121.32 ? 20   VAL A CG2 1 
ATOM   12  N N   . ASP A 1 24 ? -5.382  -8.224  9.878   1.00 124.80 ? 21   ASP A N   1 
ATOM   13  C CA  . ASP A 1 24 ? -5.415  -8.362  11.328  1.00 124.93 ? 21   ASP A CA  1 
ATOM   14  C C   . ASP A 1 24 ? -4.060  -8.035  11.941  1.00 122.70 ? 21   ASP A C   1 
ATOM   15  O O   . ASP A 1 24 ? -3.987  -7.578  13.078  1.00 122.87 ? 21   ASP A O   1 
ATOM   16  C CB  . ASP A 1 24 ? -5.837  -9.778  11.723  1.00 130.41 ? 21   ASP A CB  1 
ATOM   17  C CG  . ASP A 1 24 ? -6.291  -9.869  13.178  1.00 137.09 ? 21   ASP A CG  1 
ATOM   18  O OD1 . ASP A 1 24 ? -5.506  -9.502  14.088  1.00 134.84 ? 21   ASP A OD1 1 
ATOM   19  O OD2 . ASP A 1 24 ? -7.439  -10.312 13.411  1.00 141.84 ? 21   ASP A OD2 1 
ATOM   20  N N   . ASN A 1 25 ? -2.985  -8.284  11.201  1.00 120.54 ? 22   ASN A N   1 
ATOM   21  C CA  . ASN A 1 25 ? -1.655  -7.960  11.701  1.00 119.34 ? 22   ASN A CA  1 
ATOM   22  C C   . ASN A 1 25 ? -1.644  -6.445  11.891  1.00 117.11 ? 22   ASN A C   1 
ATOM   23  O O   . ASN A 1 25 ? -1.035  -5.916  12.822  1.00 117.95 ? 22   ASN A O   1 
ATOM   24  C CB  . ASN A 1 25 ? -0.583  -8.355  10.682  1.00 121.36 ? 22   ASN A CB  1 
ATOM   25  C CG  . ASN A 1 25 ? -0.531  -9.849  10.439  1.00 128.58 ? 22   ASN A CG  1 
ATOM   26  O OD1 . ASN A 1 25 ? -0.188  -10.621 11.335  1.00 132.08 ? 22   ASN A OD1 1 
ATOM   27  N ND2 . ASN A 1 25 ? -0.877  -10.268 9.223   1.00 131.22 ? 22   ASN A ND2 1 
ATOM   28  N N   . LEU A 1 26 ? -2.340  -5.759  10.992  1.00 112.92 ? 23   LEU A N   1 
ATOM   29  C CA  . LEU A 1 26 ? -2.449  -4.312  11.028  1.00 108.64 ? 23   LEU A CA  1 
ATOM   30  C C   . LEU A 1 26 ? -3.244  -3.934  12.270  1.00 106.22 ? 23   LEU A C   1 
ATOM   31  O O   . LEU A 1 26 ? -2.814  -3.093  13.055  1.00 106.44 ? 23   LEU A O   1 
ATOM   32  C CB  . LEU A 1 26 ? -3.161  -3.814  9.765   1.00 106.62 ? 23   LEU A CB  1 
ATOM   33  C CG  . LEU A 1 26 ? -2.544  -2.626  9.020   1.00 106.25 ? 23   LEU A CG  1 
ATOM   34  C CD1 . LEU A 1 26 ? -1.097  -2.914  8.668   1.00 102.66 ? 23   LEU A CD1 1 
ATOM   35  C CD2 . LEU A 1 26 ? -3.355  -2.359  7.769   1.00 101.22 ? 23   LEU A CD2 1 
ATOM   36  N N   . GLN A 1 27 ? -4.401  -4.562  12.443  1.00 104.26 ? 24   GLN A N   1 
ATOM   37  C CA  . GLN A 1 27 ? -5.244  -4.307  13.601  1.00 104.63 ? 24   GLN A CA  1 
ATOM   38  C C   . GLN A 1 27 ? -4.417  -4.461  14.864  1.00 105.09 ? 24   GLN A C   1 
ATOM   39  O O   . GLN A 1 27 ? -4.629  -3.762  15.858  1.00 105.26 ? 24   GLN A O   1 
ATOM   40  C CB  . GLN A 1 27 ? -6.407  -5.297  13.638  1.00 106.64 ? 24   GLN A CB  1 
ATOM   41  C CG  . GLN A 1 27 ? -7.737  -4.695  13.243  1.00 114.55 ? 24   GLN A CG  1 
ATOM   42  C CD  . GLN A 1 27 ? -8.242  -3.674  14.256  1.00 118.69 ? 24   GLN A CD  1 
ATOM   43  O OE1 . GLN A 1 27 ? -7.500  -2.791  14.696  1.00 120.75 ? 24   GLN A OE1 1 
ATOM   44  N NE2 . GLN A 1 27 ? -9.518  -3.783  14.618  1.00 116.21 ? 24   GLN A NE2 1 
ATOM   45  N N   . THR A 1 28 ? -3.468  -5.387  14.808  1.00 103.80 ? 25   THR A N   1 
ATOM   46  C CA  . THR A 1 28 ? -2.591  -5.660  15.929  1.00 101.87 ? 25   THR A CA  1 
ATOM   47  C C   . THR A 1 28 ? -1.571  -4.546  16.105  1.00 100.57 ? 25   THR A C   1 
ATOM   48  O O   . THR A 1 28 ? -1.467  -3.957  17.180  1.00 101.30 ? 25   THR A O   1 
ATOM   49  C CB  . THR A 1 28 ? -1.871  -7.007  15.721  1.00 103.48 ? 25   THR A CB  1 
ATOM   50  O OG1 . THR A 1 28 ? -2.815  -8.068  15.908  1.00 100.11 ? 25   THR A OG1 1 
ATOM   51  C CG2 . THR A 1 28 ? -0.712  -7.173  16.689  1.00 103.91 ? 25   THR A CG2 1 
ATOM   52  N N   . GLN A 1 29 ? -0.827  -4.256  15.046  1.00 97.74  ? 26   GLN A N   1 
ATOM   53  C CA  . GLN A 1 29 ? 0.183   -3.212  15.093  1.00 95.89  ? 26   GLN A CA  1 
ATOM   54  C C   . GLN A 1 29 ? -0.374  -1.851  15.494  1.00 94.45  ? 26   GLN A C   1 
ATOM   55  O O   . GLN A 1 29 ? 0.347   -1.022  16.038  1.00 94.29  ? 26   GLN A O   1 
ATOM   56  C CB  . GLN A 1 29 ? 0.861   -3.096  13.739  1.00 96.37  ? 26   GLN A CB  1 
ATOM   57  C CG  . GLN A 1 29 ? 1.518   -4.373  13.290  1.00 100.01 ? 26   GLN A CG  1 
ATOM   58  C CD  . GLN A 1 29 ? 1.818   -4.355  11.810  1.00 105.29 ? 26   GLN A CD  1 
ATOM   59  O OE1 . GLN A 1 29 ? 2.580   -3.519  11.330  1.00 100.46 ? 26   GLN A OE1 1 
ATOM   60  N NE2 . GLN A 1 29 ? 1.203   -5.272  11.072  1.00 108.53 ? 26   GLN A NE2 1 
ATOM   61  N N   . VAL A 1 30 ? -1.651  -1.614  15.215  1.00 92.58  ? 27   VAL A N   1 
ATOM   62  C CA  . VAL A 1 30 ? -2.276  -0.339  15.560  1.00 92.01  ? 27   VAL A CA  1 
ATOM   63  C C   . VAL A 1 30 ? -2.584  -0.290  17.049  1.00 91.55  ? 27   VAL A C   1 
ATOM   64  O O   . VAL A 1 30 ? -2.441  0.746   17.695  1.00 91.19  ? 27   VAL A O   1 
ATOM   65  C CB  . VAL A 1 30 ? -3.591  -0.120  14.773  1.00 91.90  ? 27   VAL A CB  1 
ATOM   66  C CG1 . VAL A 1 30 ? -4.275  1.159   15.244  1.00 81.98  ? 27   VAL A CG1 1 
ATOM   67  C CG2 . VAL A 1 30 ? -3.299  -0.036  13.285  1.00 90.03  ? 27   VAL A CG2 1 
ATOM   68  N N   . THR A 1 31 ? -3.014  -1.421  17.583  1.00 91.66  ? 28   THR A N   1 
ATOM   69  C CA  . THR A 1 31 ? -3.333  -1.522  18.993  1.00 92.72  ? 28   THR A CA  1 
ATOM   70  C C   . THR A 1 31 ? -2.034  -1.448  19.785  1.00 92.22  ? 28   THR A C   1 
ATOM   71  O O   . THR A 1 31 ? -1.947  -0.786  20.822  1.00 90.28  ? 28   THR A O   1 
ATOM   72  C CB  . THR A 1 31 ? -4.049  -2.849  19.278  1.00 96.63  ? 28   THR A CB  1 
ATOM   73  O OG1 . THR A 1 31 ? -5.271  -2.886  18.529  1.00 95.46  ? 28   THR A OG1 1 
ATOM   74  C CG2 . THR A 1 31 ? -4.350  -2.995  20.769  1.00 97.32  ? 28   THR A CG2 1 
ATOM   75  N N   . GLU A 1 32 ? -1.024  -2.129  19.260  1.00 92.05  ? 29   GLU A N   1 
ATOM   76  C CA  . GLU A 1 32 ? 0.303   -2.179  19.859  1.00 91.60  ? 29   GLU A CA  1 
ATOM   77  C C   . GLU A 1 32 ? 0.969   -0.790  19.898  1.00 89.53  ? 29   GLU A C   1 
ATOM   78  O O   . GLU A 1 32 ? 1.585   -0.410  20.900  1.00 89.43  ? 29   GLU A O   1 
ATOM   79  C CB  . GLU A 1 32 ? 1.159   -3.149  19.054  1.00 95.38  ? 29   GLU A CB  1 
ATOM   80  C CG  . GLU A 1 32 ? 2.500   -3.496  19.658  1.00 111.32 ? 29   GLU A CG  1 
ATOM   81  C CD  . GLU A 1 32 ? 3.327   -4.384  18.735  1.00 123.35 ? 29   GLU A CD  1 
ATOM   82  O OE1 . GLU A 1 32 ? 2.770   -5.389  18.228  1.00 125.43 ? 29   GLU A OE1 1 
ATOM   83  O OE2 . GLU A 1 32 ? 4.527   -4.076  18.522  1.00 125.85 ? 29   GLU A OE2 1 
ATOM   84  N N   . ALA A 1 33 ? 0.848   -0.046  18.801  1.00 86.99  ? 30   ALA A N   1 
ATOM   85  C CA  . ALA A 1 33 ? 1.419   1.295   18.698  1.00 82.82  ? 30   ALA A CA  1 
ATOM   86  C C   . ALA A 1 33 ? 0.694   2.260   19.632  1.00 79.79  ? 30   ALA A C   1 
ATOM   87  O O   . ALA A 1 33 ? 1.298   3.191   20.163  1.00 76.67  ? 30   ALA A O   1 
ATOM   88  C CB  . ALA A 1 33 ? 1.316   1.795   17.257  1.00 77.96  ? 30   ALA A CB  1 
ATOM   89  N N   . LEU A 1 34 ? -0.605  2.028   19.806  1.00 77.39  ? 31   LEU A N   1 
ATOM   90  C CA  . LEU A 1 34 ? -1.449  2.853   20.655  1.00 77.94  ? 31   LEU A CA  1 
ATOM   91  C C   . LEU A 1 34 ? -1.121  2.603   22.113  1.00 80.55  ? 31   LEU A C   1 
ATOM   92  O O   . LEU A 1 34 ? -1.138  3.522   22.936  1.00 77.41  ? 31   LEU A O   1 
ATOM   93  C CB  . LEU A 1 34 ? -2.920  2.527   20.414  1.00 73.75  ? 31   LEU A CB  1 
ATOM   94  C CG  . LEU A 1 34 ? -3.878  3.333   21.289  1.00 78.70  ? 31   LEU A CG  1 
ATOM   95  C CD1 . LEU A 1 34 ? -3.743  4.811   20.984  1.00 75.96  ? 31   LEU A CD1 1 
ATOM   96  C CD2 . LEU A 1 34 ? -5.298  2.885   21.034  1.00 77.37  ? 31   LEU A CD2 1 
ATOM   97  N N   . ASP A 1 35 ? -0.832  1.343   22.425  1.00 81.58  ? 32   ASP A N   1 
ATOM   98  C CA  . ASP A 1 35 ? -0.493  0.967   23.785  1.00 80.59  ? 32   ASP A CA  1 
ATOM   99  C C   . ASP A 1 35 ? 0.821   1.603   24.182  1.00 78.85  ? 32   ASP A C   1 
ATOM   100 O O   . ASP A 1 35 ? 0.946   2.134   25.280  1.00 80.63  ? 32   ASP A O   1 
ATOM   101 C CB  . ASP A 1 35 ? -0.399  -0.552  23.925  1.00 84.55  ? 32   ASP A CB  1 
ATOM   102 C CG  . ASP A 1 35 ? -1.763  -1.233  23.881  1.00 90.95  ? 32   ASP A CG  1 
ATOM   103 O OD1 . ASP A 1 35 ? -2.773  -0.584  24.231  1.00 93.78  ? 32   ASP A OD1 1 
ATOM   104 O OD2 . ASP A 1 35 ? -1.828  -2.429  23.519  1.00 94.82  ? 32   ASP A OD2 1 
ATOM   105 N N   . LYS A 1 36 ? 1.805   1.555   23.297  1.00 76.59  ? 33   LYS A N   1 
ATOM   106 C CA  . LYS A 1 36 ? 3.095   2.156   23.607  1.00 77.91  ? 33   LYS A CA  1 
ATOM   107 C C   . LYS A 1 36 ? 2.963   3.670   23.834  1.00 77.89  ? 33   LYS A C   1 
ATOM   108 O O   . LYS A 1 36 ? 3.616   4.232   24.713  1.00 79.40  ? 33   LYS A O   1 
ATOM   109 C CB  . LYS A 1 36 ? 4.102   1.861   22.494  1.00 74.96  ? 33   LYS A CB  1 
ATOM   110 C CG  . LYS A 1 36 ? 4.366   0.382   22.315  1.00 86.47  ? 33   LYS A CG  1 
ATOM   111 C CD  . LYS A 1 36 ? 5.415   0.120   21.250  1.00 100.26 ? 33   LYS A CD  1 
ATOM   112 C CE  . LYS A 1 36 ? 5.562   -1.383  20.969  1.00 104.51 ? 33   LYS A CE  1 
ATOM   113 N NZ  . LYS A 1 36 ? 6.474   -1.670  19.816  1.00 107.04 ? 33   LYS A NZ  1 
ATOM   114 N N   . LEU A 1 37 ? 2.099   4.315   23.055  1.00 74.27  ? 34   LEU A N   1 
ATOM   115 C CA  . LEU A 1 37 ? 1.878   5.745   23.174  1.00 71.58  ? 34   LEU A CA  1 
ATOM   116 C C   . LEU A 1 37 ? 1.083   6.072   24.434  1.00 71.18  ? 34   LEU A C   1 
ATOM   117 O O   . LEU A 1 37 ? 1.360   7.048   25.124  1.00 70.20  ? 34   LEU A O   1 
ATOM   118 C CB  . LEU A 1 37 ? 1.110   6.255   21.957  1.00 68.93  ? 34   LEU A CB  1 
ATOM   119 C CG  . LEU A 1 37 ? 0.603   7.702   22.014  1.00 62.59  ? 34   LEU A CG  1 
ATOM   120 C CD1 . LEU A 1 37 ? 1.775   8.677   21.926  1.00 55.73  ? 34   LEU A CD1 1 
ATOM   121 C CD2 . LEU A 1 37 ? -0.395  7.940   20.886  1.00 59.04  ? 34   LEU A CD2 1 
ATOM   122 N N   . ALA A 1 38 ? 0.089   5.246   24.725  1.00 70.41  ? 35   ALA A N   1 
ATOM   123 C CA  . ALA A 1 38 ? -0.760  5.457   25.886  1.00 70.34  ? 35   ALA A CA  1 
ATOM   124 C C   . ALA A 1 38 ? 0.074   5.486   27.150  1.00 73.71  ? 35   ALA A C   1 
ATOM   125 O O   . ALA A 1 38 ? -0.261  6.180   28.114  1.00 75.98  ? 35   ALA A O   1 
ATOM   126 C CB  . ALA A 1 38 ? -1.814  4.347   25.977  1.00 58.82  ? 35   ALA A CB  1 
ATOM   127 N N   . ALA A 1 39 ? 1.173   4.735   27.129  1.00 74.23  ? 36   ALA A N   1 
ATOM   128 C CA  . ALA A 1 39 ? 2.063   4.616   28.274  1.00 73.19  ? 36   ALA A CA  1 
ATOM   129 C C   . ALA A 1 39 ? 3.191   5.645   28.322  1.00 73.36  ? 36   ALA A C   1 
ATOM   130 O O   . ALA A 1 39 ? 3.853   5.784   29.342  1.00 75.67  ? 36   ALA A O   1 
ATOM   131 C CB  . ALA A 1 39 ? 2.643   3.208   28.313  1.00 71.44  ? 36   ALA A CB  1 
ATOM   132 N N   . LYS A 1 40 ? 3.417   6.364   27.232  1.00 71.30  ? 37   LYS A N   1 
ATOM   133 C CA  . LYS A 1 40 ? 4.480   7.357   27.192  1.00 72.35  ? 37   LYS A CA  1 
ATOM   134 C C   . LYS A 1 40 ? 4.060   8.398   26.156  1.00 71.98  ? 37   LYS A C   1 
ATOM   135 O O   . LYS A 1 40 ? 4.742   8.635   25.156  1.00 73.86  ? 37   LYS A O   1 
ATOM   136 C CB  . LYS A 1 40 ? 5.797   6.669   26.806  1.00 74.42  ? 37   LYS A CB  1 
ATOM   137 C CG  . LYS A 1 40 ? 7.057   7.496   27.046  1.00 85.63  ? 37   LYS A CG  1 
ATOM   138 C CD  . LYS A 1 40 ? 8.316   6.688   26.687  1.00 95.61  ? 37   LYS A CD  1 
ATOM   139 C CE  . LYS A 1 40 ? 9.636   7.433   27.007  1.00 99.03  ? 37   LYS A CE  1 
ATOM   140 N NZ  . LYS A 1 40 ? 9.834   8.740   26.289  1.00 93.49  ? 37   LYS A NZ  1 
ATOM   141 N N   . PRO A 1 41 ? 2.924   9.053   26.402  1.00 72.12  ? 38   PRO A N   1 
ATOM   142 C CA  . PRO A 1 41 ? 2.392   10.066  25.488  1.00 73.35  ? 38   PRO A CA  1 
ATOM   143 C C   . PRO A 1 41 ? 3.271   11.276  25.188  1.00 73.67  ? 38   PRO A C   1 
ATOM   144 O O   . PRO A 1 41 ? 2.908   12.093  24.345  1.00 74.31  ? 38   PRO A O   1 
ATOM   145 C CB  . PRO A 1 41 ? 1.055   10.438  26.133  1.00 73.85  ? 38   PRO A CB  1 
ATOM   146 C CG  . PRO A 1 41 ? 1.329   10.249  27.587  1.00 74.09  ? 38   PRO A CG  1 
ATOM   147 C CD  . PRO A 1 41 ? 2.108   8.964   27.625  1.00 70.65  ? 38   PRO A CD  1 
ATOM   148 N N   . SER A 1 42 ? 4.422   11.380  25.848  1.00 73.72  ? 39   SER A N   1 
ATOM   149 C CA  . SER A 1 42 ? 5.336   12.506  25.632  1.00 74.09  ? 39   SER A CA  1 
ATOM   150 C C   . SER A 1 42 ? 6.389   12.206  24.561  1.00 74.23  ? 39   SER A C   1 
ATOM   151 O O   . SER A 1 42 ? 7.152   13.092  24.156  1.00 73.14  ? 39   SER A O   1 
ATOM   152 C CB  . SER A 1 42 ? 6.046   12.883  26.941  1.00 75.50  ? 39   SER A CB  1 
ATOM   153 O OG  . SER A 1 42 ? 6.961   11.870  27.344  1.00 77.26  ? 39   SER A OG  1 
ATOM   154 N N   . ASP A 1 43 ? 6.437   10.955  24.116  1.00 76.61  ? 40   ASP A N   1 
ATOM   155 C CA  . ASP A 1 43 ? 7.390   10.537  23.089  1.00 77.60  ? 40   ASP A CA  1 
ATOM   156 C C   . ASP A 1 43 ? 6.802   10.804  21.710  1.00 79.14  ? 40   ASP A C   1 
ATOM   157 O O   . ASP A 1 43 ? 5.772   10.225  21.345  1.00 81.17  ? 40   ASP A O   1 
ATOM   158 C CB  . ASP A 1 43 ? 7.691   9.050   23.223  1.00 77.81  ? 40   ASP A CB  1 
ATOM   159 C CG  . ASP A 1 43 ? 8.975   8.651   22.526  1.00 84.35  ? 40   ASP A CG  1 
ATOM   160 O OD1 . ASP A 1 43 ? 9.315   9.261   21.488  1.00 82.88  ? 40   ASP A OD1 1 
ATOM   161 O OD2 . ASP A 1 43 ? 9.647   7.720   23.025  1.00 88.18  ? 40   ASP A OD2 1 
ATOM   162 N N   . PRO A 1 44 ? 7.444   11.690  20.925  1.00 79.63  ? 41   PRO A N   1 
ATOM   163 C CA  . PRO A 1 44 ? 6.976   12.033  19.579  1.00 78.21  ? 41   PRO A CA  1 
ATOM   164 C C   . PRO A 1 44 ? 7.199   10.916  18.541  1.00 78.07  ? 41   PRO A C   1 
ATOM   165 O O   . PRO A 1 44 ? 6.441   10.793  17.577  1.00 79.01  ? 41   PRO A O   1 
ATOM   166 C CB  . PRO A 1 44 ? 7.752   13.310  19.273  1.00 73.07  ? 41   PRO A CB  1 
ATOM   167 C CG  . PRO A 1 44 ? 9.052   13.055  19.924  1.00 78.38  ? 41   PRO A CG  1 
ATOM   168 C CD  . PRO A 1 44 ? 8.640   12.482  21.269  1.00 80.23  ? 41   PRO A CD  1 
ATOM   169 N N   . ALA A 1 45 ? 8.233   10.103  18.737  1.00 78.30  ? 42   ALA A N   1 
ATOM   170 C CA  . ALA A 1 45 ? 8.495   8.999   17.819  1.00 77.84  ? 42   ALA A CA  1 
ATOM   171 C C   . ALA A 1 45 ? 7.343   7.999   17.923  1.00 76.43  ? 42   ALA A C   1 
ATOM   172 O O   . ALA A 1 45 ? 6.989   7.356   16.936  1.00 78.46  ? 42   ALA A O   1 
ATOM   173 C CB  . ALA A 1 45 ? 9.823   8.318   18.142  1.00 73.13  ? 42   ALA A CB  1 
ATOM   174 N N   . LEU A 1 46 ? 6.755   7.875   19.114  1.00 73.62  ? 43   LEU A N   1 
ATOM   175 C CA  . LEU A 1 46 ? 5.624   6.968   19.318  1.00 72.91  ? 43   LEU A CA  1 
ATOM   176 C C   . LEU A 1 46 ? 4.325   7.576   18.781  1.00 70.59  ? 43   LEU A C   1 
ATOM   177 O O   . LEU A 1 46 ? 3.414   6.846   18.400  1.00 69.83  ? 43   LEU A O   1 
ATOM   178 C CB  . LEU A 1 46 ? 5.448   6.619   20.804  1.00 72.89  ? 43   LEU A CB  1 
ATOM   179 C CG  . LEU A 1 46 ? 6.589   5.858   21.507  1.00 82.00  ? 43   LEU A CG  1 
ATOM   180 C CD1 . LEU A 1 46 ? 6.176   5.557   22.957  1.00 73.41  ? 43   LEU A CD1 1 
ATOM   181 C CD2 . LEU A 1 46 ? 6.920   4.564   20.752  1.00 72.82  ? 43   LEU A CD2 1 
ATOM   182 N N   . LEU A 1 47 ? 4.232   8.905   18.763  1.00 66.94  ? 44   LEU A N   1 
ATOM   183 C CA  . LEU A 1 47 ? 3.039   9.549   18.229  1.00 65.63  ? 44   LEU A CA  1 
ATOM   184 C C   . LEU A 1 47 ? 3.102   9.459   16.696  1.00 67.13  ? 44   LEU A C   1 
ATOM   185 O O   . LEU A 1 47 ? 2.068   9.362   16.022  1.00 66.19  ? 44   LEU A O   1 
ATOM   186 C CB  . LEU A 1 47 ? 2.953   11.019  18.644  1.00 55.65  ? 44   LEU A CB  1 
ATOM   187 C CG  . LEU A 1 47 ? 1.749   11.707  17.987  1.00 55.58  ? 44   LEU A CG  1 
ATOM   188 C CD1 . LEU A 1 47 ? 0.422   11.183  18.555  1.00 48.34  ? 44   LEU A CD1 1 
ATOM   189 C CD2 . LEU A 1 47 ? 1.855   13.172  18.206  1.00 49.22  ? 44   LEU A CD2 1 
ATOM   190 N N   . ALA A 1 48 ? 4.318   9.508   16.152  1.00 67.06  ? 45   ALA A N   1 
ATOM   191 C CA  . ALA A 1 48 ? 4.524   9.404   14.709  1.00 65.78  ? 45   ALA A CA  1 
ATOM   192 C C   . ALA A 1 48 ? 4.233   7.972   14.251  1.00 65.71  ? 45   ALA A C   1 
ATOM   193 O O   . ALA A 1 48 ? 3.617   7.750   13.209  1.00 67.83  ? 45   ALA A O   1 
ATOM   194 C CB  . ALA A 1 48 ? 5.940   9.784   14.366  1.00 59.99  ? 45   ALA A CB  1 
ATOM   195 N N   . ALA A 1 49 ? 4.640   6.997   15.047  1.00 65.53  ? 46   ALA A N   1 
ATOM   196 C CA  . ALA A 1 49 ? 4.410   5.604   14.677  1.00 67.16  ? 46   ALA A CA  1 
ATOM   197 C C   . ALA A 1 49 ? 2.925   5.283   14.701  1.00 67.52  ? 46   ALA A C   1 
ATOM   198 O O   . ALA A 1 49 ? 2.422   4.588   13.818  1.00 68.40  ? 46   ALA A O   1 
ATOM   199 C CB  . ALA A 1 49 ? 5.160   4.670   15.626  1.00 56.59  ? 46   ALA A CB  1 
ATOM   200 N N   . TYR A 1 50 ? 2.216   5.801   15.698  1.00 66.45  ? 47   TYR A N   1 
ATOM   201 C CA  . TYR A 1 50 ? 0.803   5.506   15.793  1.00 64.28  ? 47   TYR A CA  1 
ATOM   202 C C   . TYR A 1 50 ? 0.008   6.158   14.692  1.00 62.78  ? 47   TYR A C   1 
ATOM   203 O O   . TYR A 1 50 ? -0.937  5.568   14.189  1.00 61.09  ? 47   TYR A O   1 
ATOM   204 C CB  . TYR A 1 50 ? 0.210   5.968   17.108  1.00 62.27  ? 47   TYR A CB  1 
ATOM   205 C CG  . TYR A 1 50 ? -1.280  5.761   17.111  1.00 63.83  ? 47   TYR A CG  1 
ATOM   206 C CD1 . TYR A 1 50 ? -1.810  4.480   17.100  1.00 60.30  ? 47   TYR A CD1 1 
ATOM   207 C CD2 . TYR A 1 50 ? -2.159  6.840   17.107  1.00 59.89  ? 47   TYR A CD2 1 
ATOM   208 C CE1 . TYR A 1 50 ? -3.169  4.264   17.090  1.00 58.80  ? 47   TYR A CE1 1 
ATOM   209 C CE2 . TYR A 1 50 ? -3.528  6.635   17.098  1.00 65.34  ? 47   TYR A CE2 1 
ATOM   210 C CZ  . TYR A 1 50 ? -4.026  5.339   17.094  1.00 68.23  ? 47   TYR A CZ  1 
ATOM   211 O OH  . TYR A 1 50 ? -5.382  5.117   17.123  1.00 70.62  ? 47   TYR A OH  1 
ATOM   212 N N   . GLN A 1 51 ? 0.367   7.392   14.347  1.00 63.13  ? 48   GLN A N   1 
ATOM   213 C CA  . GLN A 1 51 ? -0.343  8.111   13.295  1.00 65.10  ? 48   GLN A CA  1 
ATOM   214 C C   . GLN A 1 51 ? -0.161  7.354   11.977  1.00 66.25  ? 48   GLN A C   1 
ATOM   215 O O   . GLN A 1 51 ? -1.119  7.134   11.238  1.00 63.50  ? 48   GLN A O   1 
ATOM   216 C CB  . GLN A 1 51 ? 0.189   9.550   13.154  1.00 57.85  ? 48   GLN A CB  1 
ATOM   217 C CG  . GLN A 1 51 ? -0.267  10.499  14.243  1.00 63.69  ? 48   GLN A CG  1 
ATOM   218 C CD  . GLN A 1 51 ? 0.246   11.914  14.028  1.00 67.81  ? 48   GLN A CD  1 
ATOM   219 O OE1 . GLN A 1 51 ? 1.103   12.146  13.185  1.00 67.84  ? 48   GLN A OE1 1 
ATOM   220 N NE2 . GLN A 1 51 ? -0.273  12.864  14.798  1.00 75.35  ? 48   GLN A NE2 1 
ATOM   221 N N   . SER A 1 52 ? 1.080   6.945   11.720  1.00 67.40  ? 49   SER A N   1 
ATOM   222 C CA  . SER A 1 52 ? 1.443   6.217   10.514  1.00 68.80  ? 49   SER A CA  1 
ATOM   223 C C   . SER A 1 52 ? 0.708   4.890   10.372  1.00 69.99  ? 49   SER A C   1 
ATOM   224 O O   . SER A 1 52 ? 0.216   4.561   9.299   1.00 71.27  ? 49   SER A O   1 
ATOM   225 C CB  . SER A 1 52 ? 2.950   5.971   10.496  1.00 71.87  ? 49   SER A CB  1 
ATOM   226 O OG  . SER A 1 52 ? 3.370   5.513   9.222   1.00 82.10  ? 49   SER A OG  1 
ATOM   227 N N   . LYS A 1 53 ? 0.629   4.119   11.444  1.00 70.88  ? 50   LYS A N   1 
ATOM   228 C CA  . LYS A 1 53 ? -0.069  2.848   11.353  1.00 74.31  ? 50   LYS A CA  1 
ATOM   229 C C   . LYS A 1 53 ? -1.591  3.028   11.318  1.00 76.43  ? 50   LYS A C   1 
ATOM   230 O O   . LYS A 1 53 ? -2.301  2.177   10.788  1.00 78.76  ? 50   LYS A O   1 
ATOM   231 C CB  . LYS A 1 53 ? 0.354   1.918   12.499  1.00 79.45  ? 50   LYS A CB  1 
ATOM   232 C CG  . LYS A 1 53 ? 1.776   1.390   12.322  1.00 89.55  ? 50   LYS A CG  1 
ATOM   233 C CD  . LYS A 1 53 ? 2.193   0.438   13.436  1.00 104.55 ? 50   LYS A CD  1 
ATOM   234 C CE  . LYS A 1 53 ? 3.580   -0.180  13.154  1.00 110.22 ? 50   LYS A CE  1 
ATOM   235 N NZ  . LYS A 1 53 ? 4.041   -1.118  14.242  1.00 110.84 ? 50   LYS A NZ  1 
ATOM   236 N N   . LEU A 1 54 ? -2.105  4.130   11.859  1.00 76.46  ? 51   LEU A N   1 
ATOM   237 C CA  . LEU A 1 54 ? -3.548  4.335   11.815  1.00 75.65  ? 51   LEU A CA  1 
ATOM   238 C C   . LEU A 1 54 ? -4.000  4.615   10.375  1.00 76.64  ? 51   LEU A C   1 
ATOM   239 O O   . LEU A 1 54 ? -5.022  4.083   9.933   1.00 77.04  ? 51   LEU A O   1 
ATOM   240 C CB  . LEU A 1 54 ? -3.997  5.493   12.725  1.00 69.94  ? 51   LEU A CB  1 
ATOM   241 C CG  . LEU A 1 54 ? -5.528  5.715   12.747  1.00 71.54  ? 51   LEU A CG  1 
ATOM   242 C CD1 . LEU A 1 54 ? -6.230  4.512   13.375  1.00 61.65  ? 51   LEU A CD1 1 
ATOM   243 C CD2 . LEU A 1 54 ? -5.883  6.987   13.508  1.00 68.02  ? 51   LEU A CD2 1 
ATOM   244 N N   . SER A 1 55 ? -3.244  5.431   9.636   1.00 72.83  ? 52   SER A N   1 
ATOM   245 C CA  . SER A 1 55 ? -3.639  5.740   8.269   1.00 74.00  ? 52   SER A CA  1 
ATOM   246 C C   . SER A 1 55 ? -3.368  4.577   7.337   1.00 75.16  ? 52   SER A C   1 
ATOM   247 O O   . SER A 1 55 ? -3.996  4.455   6.294   1.00 77.44  ? 52   SER A O   1 
ATOM   248 C CB  . SER A 1 55 ? -2.943  7.002   7.760   1.00 69.74  ? 52   SER A CB  1 
ATOM   249 O OG  . SER A 1 55 ? -1.551  6.895   7.885   1.00 72.53  ? 52   SER A OG  1 
ATOM   250 N N   . GLU A 1 56 ? -2.428  3.722   7.710   1.00 73.73  ? 53   GLU A N   1 
ATOM   251 C CA  . GLU A 1 56 ? -2.136  2.547   6.909   1.00 72.86  ? 53   GLU A CA  1 
ATOM   252 C C   . GLU A 1 56 ? -3.375  1.662   7.040   1.00 73.76  ? 53   GLU A C   1 
ATOM   253 O O   . GLU A 1 56 ? -3.868  1.087   6.070   1.00 71.77  ? 53   GLU A O   1 
ATOM   254 C CB  . GLU A 1 56 ? -0.923  1.821   7.481   1.00 77.12  ? 53   GLU A CB  1 
ATOM   255 C CG  . GLU A 1 56 ? -0.670  0.432   6.922   1.00 81.98  ? 53   GLU A CG  1 
ATOM   256 C CD  . GLU A 1 56 ? -0.442  0.434   5.429   1.00 82.74  ? 53   GLU A CD  1 
ATOM   257 O OE1 . GLU A 1 56 ? -0.218  1.524   4.866   1.00 88.63  ? 53   GLU A OE1 1 
ATOM   258 O OE2 . GLU A 1 56 ? -0.481  -0.660  4.820   1.00 88.83  ? 53   GLU A OE2 1 
ATOM   259 N N   . TYR A 1 57 ? -3.878  1.586   8.267   1.00 74.21  ? 54   TYR A N   1 
ATOM   260 C CA  . TYR A 1 57 ? -5.047  0.794   8.595   1.00 72.18  ? 54   TYR A CA  1 
ATOM   261 C C   . TYR A 1 57 ? -6.270  1.320   7.833   1.00 73.50  ? 54   TYR A C   1 
ATOM   262 O O   . TYR A 1 57 ? -6.980  0.561   7.152   1.00 73.08  ? 54   TYR A O   1 
ATOM   263 C CB  . TYR A 1 57 ? -5.293  0.861   10.106  1.00 71.71  ? 54   TYR A CB  1 
ATOM   264 C CG  . TYR A 1 57 ? -6.470  0.035   10.581  1.00 78.30  ? 54   TYR A CG  1 
ATOM   265 C CD1 . TYR A 1 57 ? -6.372  -1.350  10.706  1.00 76.81  ? 54   TYR A CD1 1 
ATOM   266 C CD2 . TYR A 1 57 ? -7.695  0.633   10.865  1.00 74.89  ? 54   TYR A CD2 1 
ATOM   267 C CE1 . TYR A 1 57 ? -7.467  -2.124  11.101  1.00 77.23  ? 54   TYR A CE1 1 
ATOM   268 C CE2 . TYR A 1 57 ? -8.794  -0.134  11.259  1.00 80.08  ? 54   TYR A CE2 1 
ATOM   269 C CZ  . TYR A 1 57 ? -8.676  -1.514  11.376  1.00 79.97  ? 54   TYR A CZ  1 
ATOM   270 O OH  . TYR A 1 57 ? -9.763  -2.277  11.760  1.00 75.27  ? 54   TYR A OH  1 
ATOM   271 N N   . ASN A 1 58 ? -6.497  2.627   7.931   1.00 71.39  ? 55   ASN A N   1 
ATOM   272 C CA  . ASN A 1 58 ? -7.637  3.241   7.271   1.00 71.56  ? 55   ASN A CA  1 
ATOM   273 C C   . ASN A 1 58 ? -7.566  3.096   5.770   1.00 73.20  ? 55   ASN A C   1 
ATOM   274 O O   . ASN A 1 58 ? -8.568  2.800   5.129   1.00 72.66  ? 55   ASN A O   1 
ATOM   275 C CB  . ASN A 1 58 ? -7.750  4.718   7.659   1.00 68.86  ? 55   ASN A CB  1 
ATOM   276 C CG  . ASN A 1 58 ? -8.199  4.898   9.106   1.00 77.47  ? 55   ASN A CG  1 
ATOM   277 O OD1 . ASN A 1 58 ? -8.610  3.929   9.770   1.00 79.63  ? 55   ASN A OD1 1 
ATOM   278 N ND2 . ASN A 1 58 ? -8.131  6.129   9.603   1.00 70.61  ? 55   ASN A ND2 1 
ATOM   279 N N   . LEU A 1 59 ? -6.380  3.302   5.208   1.00 72.44  ? 56   LEU A N   1 
ATOM   280 C CA  . LEU A 1 59 ? -6.198  3.175   3.771   1.00 70.38  ? 56   LEU A CA  1 
ATOM   281 C C   . LEU A 1 59 ? -6.574  1.758   3.342   1.00 71.46  ? 56   LEU A C   1 
ATOM   282 O O   . LEU A 1 59 ? -7.388  1.564   2.429   1.00 70.68  ? 56   LEU A O   1 
ATOM   283 C CB  . LEU A 1 59 ? -4.746  3.462   3.389   1.00 64.80  ? 56   LEU A CB  1 
ATOM   284 C CG  . LEU A 1 59 ? -4.338  4.933   3.395   1.00 67.67  ? 56   LEU A CG  1 
ATOM   285 C CD1 . LEU A 1 59 ? -2.847  5.061   3.094   1.00 65.73  ? 56   LEU A CD1 1 
ATOM   286 C CD2 . LEU A 1 59 ? -5.175  5.687   2.368   1.00 61.41  ? 56   LEU A CD2 1 
ATOM   287 N N   . TYR A 1 60 ? -5.998  0.777   4.031   1.00 70.48  ? 57   TYR A N   1 
ATOM   288 C CA  . TYR A 1 60 ? -6.236  -0.623  3.731   1.00 71.16  ? 57   TYR A CA  1 
ATOM   289 C C   . TYR A 1 60 ? -7.721  -0.957  3.769   1.00 72.73  ? 57   TYR A C   1 
ATOM   290 O O   . TYR A 1 60 ? -8.248  -1.556  2.828   1.00 73.12  ? 57   TYR A O   1 
ATOM   291 C CB  . TYR A 1 60 ? -5.497  -1.499  4.730   1.00 74.66  ? 57   TYR A CB  1 
ATOM   292 C CG  . TYR A 1 60 ? -5.293  -2.932  4.275   1.00 82.30  ? 57   TYR A CG  1 
ATOM   293 C CD1 . TYR A 1 60 ? -4.116  -3.320  3.635   1.00 80.69  ? 57   TYR A CD1 1 
ATOM   294 C CD2 . TYR A 1 60 ? -6.271  -3.905  4.496   1.00 81.90  ? 57   TYR A CD2 1 
ATOM   295 C CE1 . TYR A 1 60 ? -3.917  -4.642  3.235   1.00 81.99  ? 57   TYR A CE1 1 
ATOM   296 C CE2 . TYR A 1 60 ? -6.085  -5.229  4.092   1.00 77.61  ? 57   TYR A CE2 1 
ATOM   297 C CZ  . TYR A 1 60 ? -4.903  -5.587  3.463   1.00 80.49  ? 57   TYR A CZ  1 
ATOM   298 O OH  . TYR A 1 60 ? -4.705  -6.883  3.064   1.00 77.36  ? 57   TYR A OH  1 
ATOM   299 N N   . ARG A 1 61 ? -8.386  -0.566  4.855   1.00 72.45  ? 58   ARG A N   1 
ATOM   300 C CA  . ARG A 1 61 ? -9.809  -0.827  5.027   1.00 68.74  ? 58   ARG A CA  1 
ATOM   301 C C   . ARG A 1 61 ? -10.669 -0.158  3.977   1.00 66.61  ? 58   ARG A C   1 
ATOM   302 O O   . ARG A 1 61 ? -11.677 -0.713  3.556   1.00 63.76  ? 58   ARG A O   1 
ATOM   303 C CB  . ARG A 1 61 ? -10.273 -0.391  6.410   1.00 74.27  ? 58   ARG A CB  1 
ATOM   304 C CG  . ARG A 1 61 ? -9.843  -1.319  7.525   1.00 87.78  ? 58   ARG A CG  1 
ATOM   305 C CD  . ARG A 1 61 ? -10.790 -1.214  8.714   1.00 103.09 ? 58   ARG A CD  1 
ATOM   306 N NE  . ARG A 1 61 ? -10.995 0.168   9.153   1.00 110.34 ? 58   ARG A NE  1 
ATOM   307 C CZ  . ARG A 1 61 ? -11.757 0.516   10.190  1.00 114.93 ? 58   ARG A CZ  1 
ATOM   308 N NH1 . ARG A 1 61 ? -11.892 1.798   10.528  1.00 113.32 ? 58   ARG A NH1 1 
ATOM   309 N NH2 . ARG A 1 61 ? -12.388 -0.423  10.893  1.00 115.47 ? 58   ARG A NH2 1 
ATOM   310 N N   . ASN A 1 62 ? -10.281 1.031   3.544   1.00 67.14  ? 59   ASN A N   1 
ATOM   311 C CA  . ASN A 1 62 ? -11.063 1.694   2.519   1.00 72.43  ? 59   ASN A CA  1 
ATOM   312 C C   . ASN A 1 62 ? -10.851 0.986   1.177   1.00 74.40  ? 59   ASN A C   1 
ATOM   313 O O   . ASN A 1 62 ? -11.759 0.933   0.346   1.00 73.36  ? 59   ASN A O   1 
ATOM   314 C CB  . ASN A 1 62 ? -10.680 3.168   2.413   1.00 73.94  ? 59   ASN A CB  1 
ATOM   315 C CG  . ASN A 1 62 ? -10.946 3.926   3.693   1.00 84.80  ? 59   ASN A CG  1 
ATOM   316 O OD1 . ASN A 1 62 ? -11.915 3.656   4.395   1.00 83.05  ? 59   ASN A OD1 1 
ATOM   317 N ND2 . ASN A 1 62 ? -10.096 4.897   3.996   1.00 91.12  ? 59   ASN A ND2 1 
ATOM   318 N N   . ALA A 1 63 ? -9.647  0.443   0.981   1.00 75.24  ? 60   ALA A N   1 
ATOM   319 C CA  . ALA A 1 63 ? -9.310  -0.281  -0.241  1.00 71.90  ? 60   ALA A CA  1 
ATOM   320 C C   . ALA A 1 63 ? -10.227 -1.494  -0.309  1.00 70.54  ? 60   ALA A C   1 
ATOM   321 O O   . ALA A 1 63 ? -10.810 -1.785  -1.359  1.00 66.81  ? 60   ALA A O   1 
ATOM   322 C CB  . ALA A 1 63 ? -7.843  -0.727  -0.209  1.00 63.80  ? 60   ALA A CB  1 
ATOM   323 N N   . GLN A 1 64 ? -10.353 -2.188  0.821   1.00 67.69  ? 61   GLN A N   1 
ATOM   324 C CA  . GLN A 1 64 ? -11.209 -3.362  0.892   1.00 69.84  ? 61   GLN A CA  1 
ATOM   325 C C   . GLN A 1 64 ? -12.690 -3.040  0.640   1.00 72.13  ? 61   GLN A C   1 
ATOM   326 O O   . GLN A 1 64 ? -13.340 -3.685  -0.177  1.00 71.38  ? 61   GLN A O   1 
ATOM   327 C CB  . GLN A 1 64 ? -11.098 -4.032  2.257   1.00 66.46  ? 61   GLN A CB  1 
ATOM   328 C CG  . GLN A 1 64 ? -9.832  -4.786  2.508   1.00 69.38  ? 61   GLN A CG  1 
ATOM   329 C CD  . GLN A 1 64 ? -9.852  -5.449  3.873   1.00 74.90  ? 61   GLN A CD  1 
ATOM   330 O OE1 . GLN A 1 64 ? -10.100 -4.791  4.886   1.00 81.28  ? 61   GLN A OE1 1 
ATOM   331 N NE2 . GLN A 1 64 ? -9.593  -6.751  3.911   1.00 68.30  ? 61   GLN A NE2 1 
ATOM   332 N N   . SER A 1 65 ? -13.226 -2.051  1.349   1.00 73.06  ? 62   SER A N   1 
ATOM   333 C CA  . SER A 1 65 ? -14.634 -1.703  1.191   1.00 74.71  ? 62   SER A CA  1 
ATOM   334 C C   . SER A 1 65 ? -14.946 -1.150  -0.207  1.00 75.46  ? 62   SER A C   1 
ATOM   335 O O   . SER A 1 65 ? -16.031 -1.388  -0.732  1.00 74.14  ? 62   SER A O   1 
ATOM   336 C CB  . SER A 1 65 ? -15.067 -0.706  2.272   1.00 70.02  ? 62   SER A CB  1 
ATOM   337 O OG  . SER A 1 65 ? -14.799 0.628   1.882   1.00 78.53  ? 62   SER A OG  1 
ATOM   338 N N   . ASN A 1 66 ? -14.007 -0.417  -0.808  1.00 74.90  ? 63   ASN A N   1 
ATOM   339 C CA  . ASN A 1 66 ? -14.215 0.113   -2.156  1.00 72.22  ? 63   ASN A CA  1 
ATOM   340 C C   . ASN A 1 66 ? -14.127 -1.007  -3.190  1.00 73.01  ? 63   ASN A C   1 
ATOM   341 O O   . ASN A 1 66 ? -14.785 -0.960  -4.227  1.00 76.32  ? 63   ASN A O   1 
ATOM   342 C CB  . ASN A 1 66 ? -13.177 1.172   -2.509  1.00 64.18  ? 63   ASN A CB  1 
ATOM   343 C CG  . ASN A 1 66 ? -13.564 2.546   -2.035  1.00 74.23  ? 63   ASN A CG  1 
ATOM   344 O OD1 . ASN A 1 66 ? -14.736 2.923   -2.079  1.00 76.72  ? 63   ASN A OD1 1 
ATOM   345 N ND2 . ASN A 1 66 ? -12.579 3.319   -1.600  1.00 68.90  ? 63   ASN A ND2 1 
ATOM   346 N N   . THR A 1 67 ? -13.311 -2.013  -2.898  1.00 70.68  ? 64   THR A N   1 
ATOM   347 C CA  . THR A 1 67 ? -13.139 -3.142  -3.802  1.00 70.34  ? 64   THR A CA  1 
ATOM   348 C C   . THR A 1 67 ? -14.353 -4.062  -3.717  1.00 69.30  ? 64   THR A C   1 
ATOM   349 O O   . THR A 1 67 ? -14.767 -4.639  -4.730  1.00 69.55  ? 64   THR A O   1 
ATOM   350 C CB  . THR A 1 67 ? -11.835 -3.944  -3.477  1.00 71.44  ? 64   THR A CB  1 
ATOM   351 O OG1 . THR A 1 67 ? -10.691 -3.208  -3.926  1.00 67.41  ? 64   THR A OG1 1 
ATOM   352 C CG2 . THR A 1 67 ? -11.832 -5.288  -4.166  1.00 71.31  ? 64   THR A CG2 1 
ATOM   353 N N   . ALA A 1 68 ? -14.925 -4.198  -2.522  1.00 65.69  ? 65   ALA A N   1 
ATOM   354 C CA  . ALA A 1 68 ? -16.099 -5.035  -2.354  1.00 65.88  ? 65   ALA A CA  1 
ATOM   355 C C   . ALA A 1 68 ? -17.288 -4.395  -3.064  1.00 70.27  ? 65   ALA A C   1 
ATOM   356 O O   . ALA A 1 68 ? -18.057 -5.082  -3.730  1.00 73.45  ? 65   ALA A O   1 
ATOM   357 C CB  . ALA A 1 68 ? -16.410 -5.232  -0.890  1.00 60.06  ? 65   ALA A CB  1 
ATOM   358 N N   . LYS A 1 69 ? -17.428 -3.076  -2.944  1.00 71.74  ? 66   LYS A N   1 
ATOM   359 C CA  . LYS A 1 69 ? -18.530 -2.369  -3.581  1.00 71.70  ? 66   LYS A CA  1 
ATOM   360 C C   . LYS A 1 69 ? -18.513 -2.549  -5.092  1.00 72.48  ? 66   LYS A C   1 
ATOM   361 O O   . LYS A 1 69 ? -19.565 -2.680  -5.716  1.00 72.27  ? 66   LYS A O   1 
ATOM   362 C CB  . LYS A 1 69 ? -18.486 -0.878  -3.223  1.00 71.93  ? 66   LYS A CB  1 
ATOM   363 C CG  . LYS A 1 69 ? -18.729 -0.606  -1.736  1.00 68.19  ? 66   LYS A CG  1 
ATOM   364 C CD  . LYS A 1 69 ? -18.896 0.872   -1.443  1.00 80.52  ? 66   LYS A CD  1 
ATOM   365 C CE  . LYS A 1 69 ? -17.680 1.677   -1.898  1.00 94.66  ? 66   LYS A CE  1 
ATOM   366 N NZ  . LYS A 1 69 ? -17.900 3.164   -1.894  1.00 98.38  ? 66   LYS A NZ  1 
ATOM   367 N N   . ALA A 1 70 ? -17.319 -2.567  -5.676  1.00 72.48  ? 67   ALA A N   1 
ATOM   368 C CA  . ALA A 1 70 ? -17.179 -2.746  -7.119  1.00 72.09  ? 67   ALA A CA  1 
ATOM   369 C C   . ALA A 1 70 ? -17.554 -4.171  -7.539  1.00 75.09  ? 67   ALA A C   1 
ATOM   370 O O   . ALA A 1 70 ? -18.183 -4.382  -8.584  1.00 74.28  ? 67   ALA A O   1 
ATOM   371 C CB  . ALA A 1 70 ? -15.758 -2.439  -7.546  1.00 67.28  ? 67   ALA A CB  1 
ATOM   372 N N   . PHE A 1 71 ? -17.164 -5.158  -6.735  1.00 76.56  ? 68   PHE A N   1 
ATOM   373 C CA  . PHE A 1 71 ? -17.500 -6.529  -7.072  1.00 76.09  ? 68   PHE A CA  1 
ATOM   374 C C   . PHE A 1 71 ? -18.999 -6.717  -6.955  1.00 75.12  ? 68   PHE A C   1 
ATOM   375 O O   . PHE A 1 71 ? -19.587 -7.512  -7.688  1.00 75.15  ? 68   PHE A O   1 
ATOM   376 C CB  . PHE A 1 71 ? -16.759 -7.518  -6.176  1.00 73.70  ? 68   PHE A CB  1 
ATOM   377 C CG  . PHE A 1 71 ? -15.443 -7.946  -6.740  1.00 75.10  ? 68   PHE A CG  1 
ATOM   378 C CD1 . PHE A 1 71 ? -14.285 -7.196  -6.510  1.00 72.85  ? 68   PHE A CD1 1 
ATOM   379 C CD2 . PHE A 1 71 ? -15.368 -9.060  -7.576  1.00 76.57  ? 68   PHE A CD2 1 
ATOM   380 C CE1 . PHE A 1 71 ? -13.066 -7.555  -7.114  1.00 77.49  ? 68   PHE A CE1 1 
ATOM   381 C CE2 . PHE A 1 71 ? -14.159 -9.427  -8.186  1.00 77.68  ? 68   PHE A CE2 1 
ATOM   382 C CZ  . PHE A 1 71 ? -13.009 -8.676  -7.956  1.00 79.85  ? 68   PHE A CZ  1 
ATOM   383 N N   . LYS A 1 72 ? -19.608 -5.965  -6.041  1.00 75.04  ? 69   LYS A N   1 
ATOM   384 C CA  . LYS A 1 72 ? -21.052 -6.002  -5.837  1.00 76.79  ? 69   LYS A CA  1 
ATOM   385 C C   . LYS A 1 72 ? -21.740 -5.495  -7.105  1.00 76.17  ? 69   LYS A C   1 
ATOM   386 O O   . LYS A 1 72 ? -22.846 -5.931  -7.432  1.00 74.89  ? 69   LYS A O   1 
ATOM   387 C CB  . LYS A 1 72 ? -21.474 -5.119  -4.655  1.00 78.66  ? 69   LYS A CB  1 
ATOM   388 C CG  . LYS A 1 72 ? -21.392 -5.784  -3.298  1.00 88.59  ? 69   LYS A CG  1 
ATOM   389 C CD  . LYS A 1 72 ? -22.105 -4.942  -2.233  1.00 99.43  ? 69   LYS A CD  1 
ATOM   390 C CE  . LYS A 1 72 ? -22.008 -5.577  -0.837  1.00 103.90 ? 69   LYS A CE  1 
ATOM   391 N NZ  . LYS A 1 72 ? -22.643 -4.743  0.240   1.00 107.19 ? 69   LYS A NZ  1 
ATOM   392 N N   . ASP A 1 73 ? -21.094 -4.565  -7.807  1.00 74.12  ? 70   ASP A N   1 
ATOM   393 C CA  . ASP A 1 73 ? -21.663 -4.040  -9.043  1.00 75.57  ? 70   ASP A CA  1 
ATOM   394 C C   . ASP A 1 73 ? -21.754 -5.172  -10.059 1.00 76.39  ? 70   ASP A C   1 
ATOM   395 O O   . ASP A 1 73 ? -22.766 -5.312  -10.753 1.00 74.23  ? 70   ASP A O   1 
ATOM   396 C CB  . ASP A 1 73 ? -20.811 -2.902  -9.608  1.00 76.45  ? 70   ASP A CB  1 
ATOM   397 C CG  . ASP A 1 73 ? -20.924 -1.638  -8.788  1.00 83.79  ? 70   ASP A CG  1 
ATOM   398 O OD1 . ASP A 1 73 ? -21.976 -1.479  -8.131  1.00 88.91  ? 70   ASP A OD1 1 
ATOM   399 O OD2 . ASP A 1 73 ? -19.985 -0.802  -8.803  1.00 84.88  ? 70   ASP A OD2 1 
ATOM   400 N N   . ILE A 1 74 ? -20.690 -5.976  -10.133 1.00 76.41  ? 71   ILE A N   1 
ATOM   401 C CA  . ILE A 1 74 ? -20.637 -7.116  -11.036 1.00 75.34  ? 71   ILE A CA  1 
ATOM   402 C C   . ILE A 1 74 ? -21.658 -8.150  -10.602 1.00 75.56  ? 71   ILE A C   1 
ATOM   403 O O   . ILE A 1 74 ? -22.277 -8.792  -11.443 1.00 76.46  ? 71   ILE A O   1 
ATOM   404 C CB  . ILE A 1 74 ? -19.269 -7.799  -11.029 1.00 74.85  ? 71   ILE A CB  1 
ATOM   405 C CG1 . ILE A 1 74 ? -18.175 -6.793  -11.371 1.00 74.71  ? 71   ILE A CG1 1 
ATOM   406 C CG2 . ILE A 1 74 ? -19.267 -8.945  -12.043 1.00 71.62  ? 71   ILE A CG2 1 
ATOM   407 C CD1 . ILE A 1 74 ? -16.793 -7.361  -11.208 1.00 72.48  ? 71   ILE A CD1 1 
ATOM   408 N N   . ASP A 1 75 ? -21.820 -8.313  -9.294  1.00 73.58  ? 72   ASP A N   1 
ATOM   409 C CA  . ASP A 1 75 ? -22.782 -9.263  -8.757  1.00 74.23  ? 72   ASP A CA  1 
ATOM   410 C C   . ASP A 1 75 ? -24.190 -8.835  -9.136  1.00 76.71  ? 72   ASP A C   1 
ATOM   411 O O   . ASP A 1 75 ? -25.033 -9.671  -9.472  1.00 75.91  ? 72   ASP A O   1 
ATOM   412 C CB  . ASP A 1 75 ? -22.654 -9.344  -7.237  1.00 74.65  ? 72   ASP A CB  1 
ATOM   413 C CG  . ASP A 1 75 ? -21.427 -10.124 -6.795  1.00 85.04  ? 72   ASP A CG  1 
ATOM   414 O OD1 . ASP A 1 75 ? -20.512 -10.314 -7.626  1.00 87.31  ? 72   ASP A OD1 1 
ATOM   415 O OD2 . ASP A 1 75 ? -21.378 -10.542 -5.616  1.00 84.03  ? 72   ASP A OD2 1 
ATOM   416 N N   . ALA A 1 76 ? -24.443 -7.529  -9.077  1.00 76.05  ? 73   ALA A N   1 
ATOM   417 C CA  . ALA A 1 76 ? -25.749 -6.993  -9.433  1.00 73.44  ? 73   ALA A CA  1 
ATOM   418 C C   . ALA A 1 76 ? -26.026 -7.287  -10.913 1.00 73.43  ? 73   ALA A C   1 
ATOM   419 O O   . ALA A 1 76 ? -27.122 -7.723  -11.279 1.00 72.60  ? 73   ALA A O   1 
ATOM   420 C CB  . ALA A 1 76 ? -25.789 -5.475  -9.174  1.00 67.31  ? 73   ALA A CB  1 
ATOM   421 N N   . ALA A 1 77 ? -25.026 -7.046  -11.757 1.00 72.26  ? 74   ALA A N   1 
ATOM   422 C CA  . ALA A 1 77 ? -25.170 -7.284  -13.185 1.00 71.77  ? 74   ALA A CA  1 
ATOM   423 C C   . ALA A 1 77 ? -25.421 -8.767  -13.467 1.00 73.19  ? 74   ALA A C   1 
ATOM   424 O O   . ALA A 1 77 ? -26.166 -9.117  -14.377 1.00 74.53  ? 74   ALA A O   1 
ATOM   425 C CB  . ALA A 1 77 ? -23.930 -6.809  -13.916 1.00 65.56  ? 74   ALA A CB  1 
ATOM   426 N N   . ILE A 1 78 ? -24.793 -9.637  -12.686 1.00 74.55  ? 75   ILE A N   1 
ATOM   427 C CA  . ILE A 1 78 ? -24.967 -11.069 -12.859 1.00 76.87  ? 75   ILE A CA  1 
ATOM   428 C C   . ILE A 1 78 ? -26.408 -11.435 -12.557 1.00 80.72  ? 75   ILE A C   1 
ATOM   429 O O   . ILE A 1 78 ? -27.099 -12.039 -13.374 1.00 82.46  ? 75   ILE A O   1 
ATOM   430 C CB  . ILE A 1 78 ? -24.067 -11.871 -11.902 1.00 72.22  ? 75   ILE A CB  1 
ATOM   431 C CG1 . ILE A 1 78 ? -22.600 -11.679 -12.269 1.00 77.87  ? 75   ILE A CG1 1 
ATOM   432 C CG2 . ILE A 1 78 ? -24.424 -13.349 -11.980 1.00 75.08  ? 75   ILE A CG2 1 
ATOM   433 C CD1 . ILE A 1 78 ? -21.641 -12.477 -11.390 1.00 75.99  ? 75   ILE A CD1 1 
ATOM   434 N N   . ILE A 1 79 ? -26.840 -11.057 -11.361 1.00 84.30  ? 76   ILE A N   1 
ATOM   435 C CA  . ILE A 1 79 ? -28.181 -11.323 -10.866 1.00 86.10  ? 76   ILE A CA  1 
ATOM   436 C C   . ILE A 1 79 ? -29.325 -10.841 -11.748 1.00 88.13  ? 76   ILE A C   1 
ATOM   437 O O   . ILE A 1 79 ? -30.264 -11.592 -11.999 1.00 88.64  ? 76   ILE A O   1 
ATOM   438 C CB  . ILE A 1 79 ? -28.342 -10.735 -9.444  1.00 90.36  ? 76   ILE A CB  1 
ATOM   439 C CG1 . ILE A 1 79 ? -27.735 -11.719 -8.430  1.00 85.29  ? 76   ILE A CG1 1 
ATOM   440 C CG2 . ILE A 1 79 ? -29.805 -10.403 -9.159  1.00 81.65  ? 76   ILE A CG2 1 
ATOM   441 C CD1 . ILE A 1 79 ? -27.414 -11.105 -7.084  1.00 90.73  ? 76   ILE A CD1 1 
ATOM   442 N N   . GLN A 1 80 ? -29.265 -9.608  -12.231 1.00 90.22  ? 77   GLN A N   1 
ATOM   443 C CA  . GLN A 1 80 ? -30.360 -9.126  -13.051 1.00 93.88  ? 77   GLN A CA  1 
ATOM   444 C C   . GLN A 1 80 ? -30.295 -9.594  -14.508 1.00 96.81  ? 77   GLN A C   1 
ATOM   445 O O   . GLN A 1 80 ? -30.973 -9.055  -15.377 1.00 95.66  ? 77   GLN A O   1 
ATOM   446 C CB  . GLN A 1 80 ? -30.452 -7.604  -12.963 1.00 96.83  ? 77   GLN A CB  1 
ATOM   447 C CG  . GLN A 1 80 ? -29.406 -6.848  -13.736 1.00 103.56 ? 77   GLN A CG  1 
ATOM   448 C CD  . GLN A 1 80 ? -29.701 -5.362  -13.770 1.00 107.89 ? 77   GLN A CD  1 
ATOM   449 O OE1 . GLN A 1 80 ? -29.492 -4.647  -12.780 1.00 106.04 ? 77   GLN A OE1 1 
ATOM   450 N NE2 . GLN A 1 80 ? -30.215 -4.888  -14.908 1.00 109.70 ? 77   GLN A NE2 1 
ATOM   451 N N   . ASN A 1 81 ? -29.478 -10.609 -14.765 1.00 100.33 ? 78   ASN A N   1 
ATOM   452 C CA  . ASN A 1 81 ? -29.336 -11.186 -16.102 1.00 104.19 ? 78   ASN A CA  1 
ATOM   453 C C   . ASN A 1 81 ? -29.309 -12.701 -15.918 1.00 108.00 ? 78   ASN A C   1 
ATOM   454 O O   . ASN A 1 81 ? -28.659 -13.422 -16.674 1.00 108.89 ? 78   ASN A O   1 
ATOM   455 C CB  . ASN A 1 81 ? -28.035 -10.720 -16.778 1.00 101.77 ? 78   ASN A CB  1 
ATOM   456 C CG  . ASN A 1 81 ? -28.073 -9.248  -17.195 1.00 103.43 ? 78   ASN A CG  1 
ATOM   457 O OD1 . ASN A 1 81 ? -28.156 -8.349  -16.355 1.00 103.71 ? 78   ASN A OD1 1 
ATOM   458 N ND2 . ASN A 1 81 ? -28.002 -9.001  -18.499 1.00 94.60  ? 78   ASN A ND2 1 
ATOM   459 N N   . PHE A 1 82 ? -30.032 -13.164 -14.897 1.00 111.69 ? 79   PHE A N   1 
ATOM   460 C CA  . PHE A 1 82 ? -30.111 -14.580 -14.540 1.00 114.87 ? 79   PHE A CA  1 
ATOM   461 C C   . PHE A 1 82 ? -30.779 -15.457 -15.608 1.00 117.35 ? 79   PHE A C   1 
ATOM   462 O O   . PHE A 1 82 ? -31.949 -15.847 -15.397 1.00 117.68 ? 79   PHE A O   1 
ATOM   463 C CB  . PHE A 1 82 ? -30.859 -14.737 -13.211 1.00 113.05 ? 79   PHE A CB  1 
ATOM   464 C CG  . PHE A 1 82 ? -30.549 -16.024 -12.488 1.00 117.63 ? 79   PHE A CG  1 
ATOM   465 C CD1 . PHE A 1 82 ? -29.323 -16.198 -11.851 1.00 117.66 ? 79   PHE A CD1 1 
ATOM   466 C CD2 . PHE A 1 82 ? -31.471 -17.069 -12.458 1.00 118.61 ? 79   PHE A CD2 1 
ATOM   467 C CE1 . PHE A 1 82 ? -29.021 -17.394 -11.194 1.00 117.72 ? 79   PHE A CE1 1 
ATOM   468 C CE2 . PHE A 1 82 ? -31.174 -18.270 -11.801 1.00 116.94 ? 79   PHE A CE2 1 
ATOM   469 C CZ  . PHE A 1 82 ? -29.946 -18.429 -11.171 1.00 116.12 ? 79   PHE A CZ  1 
ATOM   470 N N   . ARG A 1 83 ? -30.126 -15.754 -16.639 1.00 117.91 ? 80   ARG A N   1 
ATOM   471 N N   . THR B 1 21 ? 2.726   7.270   -13.094 1.00 108.42 ? 18   THR B N   1 
ATOM   472 C CA  . THR B 1 21 ? 3.398   8.575   -12.811 1.00 109.60 ? 18   THR B CA  1 
ATOM   473 C C   . THR B 1 21 ? 4.011   8.628   -11.404 1.00 111.60 ? 18   THR B C   1 
ATOM   474 O O   . THR B 1 21 ? 4.989   9.354   -11.170 1.00 111.85 ? 18   THR B O   1 
ATOM   475 C CB  . THR B 1 21 ? 2.414   9.757   -12.959 1.00 109.25 ? 18   THR B CB  1 
ATOM   476 O OG1 . THR B 1 21 ? 3.061   10.961  -12.529 1.00 101.67 ? 18   THR B OG1 1 
ATOM   477 C CG2 . THR B 1 21 ? 1.145   9.520   -12.128 1.00 106.72 ? 18   THR B CG2 1 
ATOM   478 N N   . GLY B 1 22 ? 3.424   7.880   -10.466 1.00 110.40 ? 19   GLY B N   1 
ATOM   479 C CA  . GLY B 1 22 ? 3.964   7.845   -9.119  1.00 106.29 ? 19   GLY B CA  1 
ATOM   480 C C   . GLY B 1 22 ? 5.215   7.000   -9.213  1.00 104.73 ? 19   GLY B C   1 
ATOM   481 O O   . GLY B 1 22 ? 6.171   7.185   -8.464  1.00 101.67 ? 19   GLY B O   1 
ATOM   482 N N   . VAL B 1 23 ? 5.179   6.071   -10.170 1.00 105.60 ? 20   VAL B N   1 
ATOM   483 C CA  . VAL B 1 23 ? 6.263   5.134   -10.468 1.00 106.14 ? 20   VAL B CA  1 
ATOM   484 C C   . VAL B 1 23 ? 7.486   5.896   -10.978 1.00 107.66 ? 20   VAL B C   1 
ATOM   485 O O   . VAL B 1 23 ? 8.601   5.375   -10.980 1.00 107.68 ? 20   VAL B O   1 
ATOM   486 C CB  . VAL B 1 23 ? 5.828   4.114   -11.562 1.00 104.37 ? 20   VAL B CB  1 
ATOM   487 C CG1 . VAL B 1 23 ? 6.877   3.035   -11.726 1.00 105.75 ? 20   VAL B CG1 1 
ATOM   488 C CG2 . VAL B 1 23 ? 4.491   3.492   -11.197 1.00 103.34 ? 20   VAL B CG2 1 
ATOM   489 N N   . ASP B 1 24 ? 7.261   7.133   -11.416 1.00 109.01 ? 21   ASP B N   1 
ATOM   490 C CA  . ASP B 1 24 ? 8.325   7.996   -11.928 1.00 110.12 ? 21   ASP B CA  1 
ATOM   491 C C   . ASP B 1 24 ? 9.047   8.675   -10.775 1.00 108.35 ? 21   ASP B C   1 
ATOM   492 O O   . ASP B 1 24 ? 10.275  8.806   -10.775 1.00 106.52 ? 21   ASP B O   1 
ATOM   493 C CB  . ASP B 1 24 ? 7.737   9.066   -12.856 1.00 116.64 ? 21   ASP B CB  1 
ATOM   494 C CG  . ASP B 1 24 ? 7.536   8.562   -14.270 1.00 124.87 ? 21   ASP B CG  1 
ATOM   495 O OD1 . ASP B 1 24 ? 6.940   9.296   -15.088 1.00 130.92 ? 21   ASP B OD1 1 
ATOM   496 O OD2 . ASP B 1 24 ? 7.989   7.432   -14.564 1.00 130.37 ? 21   ASP B OD2 1 
ATOM   497 N N   . ASN B 1 25 ? 8.262   9.121   -9.802  1.00 107.65 ? 22   ASN B N   1 
ATOM   498 C CA  . ASN B 1 25 ? 8.802   9.784   -8.629  1.00 107.63 ? 22   ASN B CA  1 
ATOM   499 C C   . ASN B 1 25 ? 9.666   8.797   -7.840  1.00 104.91 ? 22   ASN B C   1 
ATOM   500 O O   . ASN B 1 25 ? 10.800  9.104   -7.471  1.00 104.64 ? 22   ASN B O   1 
ATOM   501 C CB  . ASN B 1 25 ? 7.662   10.297  -7.751  1.00 112.37 ? 22   ASN B CB  1 
ATOM   502 C CG  . ASN B 1 25 ? 8.160   11.080  -6.552  1.00 117.44 ? 22   ASN B CG  1 
ATOM   503 O OD1 . ASN B 1 25 ? 7.457   11.214  -5.545  1.00 120.80 ? 22   ASN B OD1 1 
ATOM   504 N ND2 . ASN B 1 25 ? 9.378   11.610  -6.654  1.00 119.75 ? 22   ASN B ND2 1 
ATOM   505 N N   . LEU B 1 26 ? 9.109   7.613   -7.584  1.00 102.03 ? 23   LEU B N   1 
ATOM   506 C CA  . LEU B 1 26 ? 9.803   6.553   -6.856  1.00 97.73  ? 23   LEU B CA  1 
ATOM   507 C C   . LEU B 1 26 ? 11.060  6.137   -7.603  1.00 94.75  ? 23   LEU B C   1 
ATOM   508 O O   . LEU B 1 26 ? 12.080  5.839   -6.992  1.00 93.30  ? 23   LEU B O   1 
ATOM   509 C CB  . LEU B 1 26 ? 8.898   5.334   -6.697  1.00 93.98  ? 23   LEU B CB  1 
ATOM   510 C CG  . LEU B 1 26 ? 7.833   5.375   -5.610  1.00 91.38  ? 23   LEU B CG  1 
ATOM   511 C CD1 . LEU B 1 26 ? 6.950   4.154   -5.723  1.00 96.05  ? 23   LEU B CD1 1 
ATOM   512 C CD2 . LEU B 1 26 ? 8.495   5.418   -4.254  1.00 93.45  ? 23   LEU B CD2 1 
ATOM   513 N N   . GLN B 1 27 ? 10.965  6.106   -8.927  1.00 93.08  ? 24   GLN B N   1 
ATOM   514 C CA  . GLN B 1 27 ? 12.088  5.745   -9.782  1.00 93.57  ? 24   GLN B CA  1 
ATOM   515 C C   . GLN B 1 27 ? 13.263  6.639   -9.421  1.00 92.63  ? 24   GLN B C   1 
ATOM   516 O O   . GLN B 1 27 ? 14.388  6.172   -9.225  1.00 92.08  ? 24   GLN B O   1 
ATOM   517 C CB  . GLN B 1 27 ? 11.724  5.961   -11.255 1.00 96.86  ? 24   GLN B CB  1 
ATOM   518 C CG  . GLN B 1 27 ? 12.889  5.759   -12.212 1.00 101.43 ? 24   GLN B CG  1 
ATOM   519 C CD  . GLN B 1 27 ? 13.340  4.310   -12.290 1.00 106.88 ? 24   GLN B CD  1 
ATOM   520 O OE1 . GLN B 1 27 ? 12.742  3.499   -13.002 1.00 108.55 ? 24   GLN B OE1 1 
ATOM   521 N NE2 . GLN B 1 27 ? 14.395  3.974   -11.549 1.00 107.42 ? 24   GLN B NE2 1 
ATOM   522 N N   . THR B 1 28 ? 12.975  7.933   -9.333  1.00 90.27  ? 25   THR B N   1 
ATOM   523 C CA  . THR B 1 28 ? 13.970  8.932   -9.004  1.00 89.01  ? 25   THR B CA  1 
ATOM   524 C C   . THR B 1 28 ? 14.601  8.654   -7.656  1.00 88.95  ? 25   THR B C   1 
ATOM   525 O O   . THR B 1 28 ? 15.823  8.688   -7.520  1.00 90.02  ? 25   THR B O   1 
ATOM   526 C CB  . THR B 1 28 ? 13.339  10.332  -8.993  1.00 88.27  ? 25   THR B CB  1 
ATOM   527 O OG1 . THR B 1 28 ? 12.968  10.688  -10.331 1.00 87.79  ? 25   THR B OG1 1 
ATOM   528 C CG2 . THR B 1 28 ? 14.309  11.356  -8.442  1.00 87.64  ? 25   THR B CG2 1 
ATOM   529 N N   . GLN B 1 29 ? 13.769  8.381   -6.659  1.00 88.14  ? 26   GLN B N   1 
ATOM   530 C CA  . GLN B 1 29 ? 14.259  8.091   -5.317  1.00 87.92  ? 26   GLN B CA  1 
ATOM   531 C C   . GLN B 1 29 ? 15.125  6.828   -5.264  1.00 87.51  ? 26   GLN B C   1 
ATOM   532 O O   . GLN B 1 29 ? 16.042  6.740   -4.444  1.00 88.41  ? 26   GLN B O   1 
ATOM   533 C CB  . GLN B 1 29 ? 13.083  7.960   -4.356  1.00 85.81  ? 26   GLN B CB  1 
ATOM   534 C CG  . GLN B 1 29 ? 12.316  9.250   -4.197  1.00 90.62  ? 26   GLN B CG  1 
ATOM   535 C CD  . GLN B 1 29 ? 10.879  9.017   -3.791  1.00 97.19  ? 26   GLN B CD  1 
ATOM   536 O OE1 . GLN B 1 29 ? 10.594  8.569   -2.673  1.00 92.49  ? 26   GLN B OE1 1 
ATOM   537 N NE2 . GLN B 1 29 ? 9.957   9.311   -4.705  1.00 99.17  ? 26   GLN B NE2 1 
ATOM   538 N N   . VAL B 1 30 ? 14.831  5.854   -6.127  1.00 84.82  ? 27   VAL B N   1 
ATOM   539 C CA  . VAL B 1 30 ? 15.605  4.612   -6.175  1.00 82.82  ? 27   VAL B CA  1 
ATOM   540 C C   . VAL B 1 30 ? 17.000  4.906   -6.704  1.00 83.12  ? 27   VAL B C   1 
ATOM   541 O O   . VAL B 1 30 ? 17.984  4.342   -6.233  1.00 85.20  ? 27   VAL B O   1 
ATOM   542 C CB  . VAL B 1 30 ? 14.960  3.554   -7.099  1.00 79.51  ? 27   VAL B CB  1 
ATOM   543 C CG1 . VAL B 1 30 ? 15.923  2.391   -7.306  1.00 75.23  ? 27   VAL B CG1 1 
ATOM   544 C CG2 . VAL B 1 30 ? 13.680  3.036   -6.481  1.00 78.53  ? 27   VAL B CG2 1 
ATOM   545 N N   . THR B 1 31 ? 17.067  5.794   -7.687  1.00 82.81  ? 28   THR B N   1 
ATOM   546 C CA  . THR B 1 31 ? 18.321  6.200   -8.297  1.00 81.50  ? 28   THR B CA  1 
ATOM   547 C C   . THR B 1 31 ? 19.151  7.052   -7.347  1.00 82.81  ? 28   THR B C   1 
ATOM   548 O O   . THR B 1 31 ? 20.377  6.949   -7.325  1.00 83.90  ? 28   THR B O   1 
ATOM   549 C CB  . THR B 1 31 ? 18.065  7.017   -9.551  1.00 79.88  ? 28   THR B CB  1 
ATOM   550 O OG1 . THR B 1 31 ? 17.456  6.182   -10.538 1.00 81.38  ? 28   THR B OG1 1 
ATOM   551 C CG2 . THR B 1 31 ? 19.367  7.601   -10.082 1.00 81.25  ? 28   THR B CG2 1 
ATOM   552 N N   . GLU B 1 32 ? 18.482  7.909   -6.580  1.00 80.56  ? 29   GLU B N   1 
ATOM   553 C CA  . GLU B 1 32 ? 19.172  8.757   -5.627  1.00 79.56  ? 29   GLU B CA  1 
ATOM   554 C C   . GLU B 1 32 ? 19.792  7.887   -4.536  1.00 81.05  ? 29   GLU B C   1 
ATOM   555 O O   . GLU B 1 32 ? 20.964  8.056   -4.187  1.00 81.34  ? 29   GLU B O   1 
ATOM   556 C CB  . GLU B 1 32 ? 18.201  9.758   -5.007  1.00 80.54  ? 29   GLU B CB  1 
ATOM   557 C CG  . GLU B 1 32 ? 17.818  10.898  -5.931  1.00 95.39  ? 29   GLU B CG  1 
ATOM   558 C CD  . GLU B 1 32 ? 16.801  11.848  -5.301  1.00 108.43 ? 29   GLU B CD  1 
ATOM   559 O OE1 . GLU B 1 32 ? 16.621  12.966  -5.832  1.00 112.13 ? 29   GLU B OE1 1 
ATOM   560 O OE2 . GLU B 1 32 ? 16.171  11.476  -4.282  1.00 113.68 ? 29   GLU B OE2 1 
ATOM   561 N N   . ALA B 1 33 ? 19.000  6.956   -4.004  1.00 79.51  ? 30   ALA B N   1 
ATOM   562 C CA  . ALA B 1 33 ? 19.463  6.050   -2.964  1.00 77.08  ? 30   ALA B CA  1 
ATOM   563 C C   . ALA B 1 33 ? 20.680  5.241   -3.431  1.00 76.26  ? 30   ALA B C   1 
ATOM   564 O O   . ALA B 1 33 ? 21.624  5.032   -2.665  1.00 73.26  ? 30   ALA B O   1 
ATOM   565 C CB  . ALA B 1 33 ? 18.338  5.116   -2.561  1.00 71.12  ? 30   ALA B CB  1 
ATOM   566 N N   . LEU B 1 34 ? 20.645  4.801   -4.689  1.00 75.43  ? 31   LEU B N   1 
ATOM   567 C CA  . LEU B 1 34 ? 21.715  4.004   -5.278  1.00 75.73  ? 31   LEU B CA  1 
ATOM   568 C C   . LEU B 1 34 ? 22.975  4.843   -5.341  1.00 78.06  ? 31   LEU B C   1 
ATOM   569 O O   . LEU B 1 34 ? 24.051  4.391   -4.951  1.00 78.88  ? 31   LEU B O   1 
ATOM   570 C CB  . LEU B 1 34 ? 21.313  3.549   -6.690  1.00 72.92  ? 31   LEU B CB  1 
ATOM   571 C CG  . LEU B 1 34 ? 22.238  2.591   -7.467  1.00 74.63  ? 31   LEU B CG  1 
ATOM   572 C CD1 . LEU B 1 34 ? 22.415  1.288   -6.690  1.00 74.92  ? 31   LEU B CD1 1 
ATOM   573 C CD2 . LEU B 1 34 ? 21.664  2.299   -8.846  1.00 59.67  ? 31   LEU B CD2 1 
ATOM   574 N N   . ASP B 1 35 ? 22.820  6.072   -5.825  1.00 79.30  ? 32   ASP B N   1 
ATOM   575 C CA  . ASP B 1 35 ? 23.927  7.007   -5.964  1.00 79.13  ? 32   ASP B CA  1 
ATOM   576 C C   . ASP B 1 35 ? 24.603  7.326   -4.639  1.00 78.97  ? 32   ASP B C   1 
ATOM   577 O O   . ASP B 1 35 ? 25.824  7.429   -4.579  1.00 80.42  ? 32   ASP B O   1 
ATOM   578 C CB  . ASP B 1 35 ? 23.447  8.297   -6.635  1.00 83.76  ? 32   ASP B CB  1 
ATOM   579 C CG  . ASP B 1 35 ? 23.089  8.094   -8.105  1.00 93.34  ? 32   ASP B CG  1 
ATOM   580 O OD1 . ASP B 1 35 ? 22.540  9.036   -8.729  1.00 94.80  ? 32   ASP B OD1 1 
ATOM   581 O OD2 . ASP B 1 35 ? 23.364  6.993   -8.637  1.00 92.54  ? 32   ASP B OD2 1 
ATOM   582 N N   . LYS B 1 36 ? 23.831  7.501   -3.575  1.00 76.14  ? 33   LYS B N   1 
ATOM   583 C CA  . LYS B 1 36 ? 24.456  7.785   -2.295  1.00 75.80  ? 33   LYS B CA  1 
ATOM   584 C C   . LYS B 1 36 ? 25.254  6.558   -1.853  1.00 74.37  ? 33   LYS B C   1 
ATOM   585 O O   . LYS B 1 36 ? 26.327  6.668   -1.266  1.00 72.12  ? 33   LYS B O   1 
ATOM   586 C CB  . LYS B 1 36 ? 23.394  8.164   -1.255  1.00 72.40  ? 33   LYS B CB  1 
ATOM   587 C CG  . LYS B 1 36 ? 22.774  9.505   -1.565  1.00 80.38  ? 33   LYS B CG  1 
ATOM   588 C CD  . LYS B 1 36 ? 21.712  9.944   -0.581  1.00 89.26  ? 33   LYS B CD  1 
ATOM   589 C CE  . LYS B 1 36 ? 21.127  11.303  -1.006  1.00 99.21  ? 33   LYS B CE  1 
ATOM   590 N NZ  . LYS B 1 36 ? 19.917  11.728  -0.217  1.00 105.44 ? 33   LYS B NZ  1 
ATOM   591 N N   . LEU B 1 37 ? 24.732  5.384   -2.180  1.00 76.34  ? 34   LEU B N   1 
ATOM   592 C CA  . LEU B 1 37 ? 25.376  4.129   -1.812  1.00 76.28  ? 34   LEU B CA  1 
ATOM   593 C C   . LEU B 1 37 ? 26.652  3.908   -2.611  1.00 74.77  ? 34   LEU B C   1 
ATOM   594 O O   . LEU B 1 37 ? 27.712  3.637   -2.050  1.00 74.66  ? 34   LEU B O   1 
ATOM   595 C CB  . LEU B 1 37 ? 24.413  2.968   -2.051  1.00 72.30  ? 34   LEU B CB  1 
ATOM   596 C CG  . LEU B 1 37 ? 24.939  1.581   -1.682  1.00 74.50  ? 34   LEU B CG  1 
ATOM   597 C CD1 . LEU B 1 37 ? 25.302  1.494   -0.189  1.00 64.98  ? 34   LEU B CD1 1 
ATOM   598 C CD2 . LEU B 1 37 ? 23.876  0.580   -2.043  1.00 67.15  ? 34   LEU B CD2 1 
ATOM   599 N N   . ALA B 1 38 ? 26.538  4.042   -3.925  1.00 73.06  ? 35   ALA B N   1 
ATOM   600 C CA  . ALA B 1 38 ? 27.659  3.857   -4.826  1.00 72.89  ? 35   ALA B CA  1 
ATOM   601 C C   . ALA B 1 38 ? 28.828  4.760   -4.474  1.00 75.47  ? 35   ALA B C   1 
ATOM   602 O O   . ALA B 1 38 ? 29.954  4.483   -4.860  1.00 78.48  ? 35   ALA B O   1 
ATOM   603 C CB  . ALA B 1 38 ? 27.221  4.120   -6.258  1.00 65.82  ? 35   ALA B CB  1 
ATOM   604 N N   . ALA B 1 39 ? 28.570  5.833   -3.734  1.00 76.19  ? 36   ALA B N   1 
ATOM   605 C CA  . ALA B 1 39 ? 29.631  6.772   -3.373  1.00 75.49  ? 36   ALA B CA  1 
ATOM   606 C C   . ALA B 1 39 ? 30.289  6.458   -2.044  1.00 76.73  ? 36   ALA B C   1 
ATOM   607 O O   . ALA B 1 39 ? 31.484  6.697   -1.856  1.00 77.73  ? 36   ALA B O   1 
ATOM   608 C CB  . ALA B 1 39 ? 29.085  8.189   -3.352  1.00 70.19  ? 36   ALA B CB  1 
ATOM   609 N N   . LYS B 1 40 ? 29.501  5.913   -1.125  1.00 76.49  ? 37   LYS B N   1 
ATOM   610 C CA  . LYS B 1 40 ? 29.974  5.558   0.212   1.00 74.90  ? 37   LYS B CA  1 
ATOM   611 C C   . LYS B 1 40 ? 29.451  4.137   0.494   1.00 73.50  ? 37   LYS B C   1 
ATOM   612 O O   . LYS B 1 40 ? 28.609  3.930   1.381   1.00 71.12  ? 37   LYS B O   1 
ATOM   613 C CB  . LYS B 1 40 ? 29.398  6.561   1.214   1.00 73.17  ? 37   LYS B CB  1 
ATOM   614 C CG  . LYS B 1 40 ? 30.109  6.631   2.546   1.00 80.67  ? 37   LYS B CG  1 
ATOM   615 C CD  . LYS B 1 40 ? 29.393  7.599   3.492   1.00 80.58  ? 37   LYS B CD  1 
ATOM   616 C CE  . LYS B 1 40 ? 30.161  7.782   4.805   1.00 83.09  ? 37   LYS B CE  1 
ATOM   617 N NZ  . LYS B 1 40 ? 30.460  6.504   5.520   1.00 87.39  ? 37   LYS B NZ  1 
ATOM   618 N N   . PRO B 1 41 ? 29.967  3.136   -0.251  1.00 71.90  ? 38   PRO B N   1 
ATOM   619 C CA  . PRO B 1 41 ? 29.591  1.718   -0.149  1.00 70.88  ? 38   PRO B CA  1 
ATOM   620 C C   . PRO B 1 41 ? 29.704  1.077   1.244   1.00 71.09  ? 38   PRO B C   1 
ATOM   621 O O   . PRO B 1 41 ? 29.093  0.053   1.524   1.00 70.58  ? 38   PRO B O   1 
ATOM   622 C CB  . PRO B 1 41 ? 30.522  1.038   -1.163  1.00 73.06  ? 38   PRO B CB  1 
ATOM   623 C CG  . PRO B 1 41 ? 30.951  2.138   -2.086  1.00 69.97  ? 38   PRO B CG  1 
ATOM   624 C CD  . PRO B 1 41 ? 31.120  3.294   -1.155  1.00 69.40  ? 38   PRO B CD  1 
ATOM   625 N N   . SER B 1 42 ? 30.486  1.679   2.122   1.00 73.82  ? 39   SER B N   1 
ATOM   626 C CA  . SER B 1 42 ? 30.682  1.119   3.453   1.00 73.87  ? 39   SER B CA  1 
ATOM   627 C C   . SER B 1 42 ? 29.608  1.457   4.492   1.00 73.87  ? 39   SER B C   1 
ATOM   628 O O   . SER B 1 42 ? 29.559  0.847   5.557   1.00 75.25  ? 39   SER B O   1 
ATOM   629 C CB  . SER B 1 42 ? 32.053  1.554   3.966   1.00 71.47  ? 39   SER B CB  1 
ATOM   630 O OG  . SER B 1 42 ? 32.295  2.918   3.618   1.00 81.98  ? 39   SER B OG  1 
ATOM   631 N N   . ASP B 1 43 ? 28.744  2.416   4.189   1.00 75.38  ? 40   ASP B N   1 
ATOM   632 C CA  . ASP B 1 43 ? 27.708  2.818   5.134   1.00 77.52  ? 40   ASP B CA  1 
ATOM   633 C C   . ASP B 1 43 ? 26.452  1.934   5.078   1.00 78.44  ? 40   ASP B C   1 
ATOM   634 O O   . ASP B 1 43 ? 25.779  1.888   4.056   1.00 78.43  ? 40   ASP B O   1 
ATOM   635 C CB  . ASP B 1 43 ? 27.346  4.281   4.874   1.00 80.93  ? 40   ASP B CB  1 
ATOM   636 C CG  . ASP B 1 43 ? 26.380  4.829   5.898   1.00 88.58  ? 40   ASP B CG  1 
ATOM   637 O OD1 . ASP B 1 43 ? 26.445  4.397   7.071   1.00 92.59  ? 40   ASP B OD1 1 
ATOM   638 O OD2 . ASP B 1 43 ? 25.557  5.691   5.535   1.00 100.11 ? 40   ASP B OD2 1 
ATOM   639 N N   . PRO B 1 44 ? 26.120  1.230   6.186   1.00 79.82  ? 41   PRO B N   1 
ATOM   640 C CA  . PRO B 1 44 ? 24.948  0.339   6.274   1.00 78.31  ? 41   PRO B CA  1 
ATOM   641 C C   . PRO B 1 44 ? 23.638  1.101   6.165   1.00 76.80  ? 41   PRO B C   1 
ATOM   642 O O   . PRO B 1 44 ? 22.664  0.586   5.624   1.00 76.26  ? 41   PRO B O   1 
ATOM   643 C CB  . PRO B 1 44 ? 25.096  -0.327  7.648   1.00 76.59  ? 41   PRO B CB  1 
ATOM   644 C CG  . PRO B 1 44 ? 26.548  -0.169  7.978   1.00 84.29  ? 41   PRO B CG  1 
ATOM   645 C CD  . PRO B 1 44 ? 26.855  1.223   7.461   1.00 82.66  ? 41   PRO B CD  1 
ATOM   646 N N   . ALA B 1 45 ? 23.627  2.323   6.696   1.00 75.23  ? 42   ALA B N   1 
ATOM   647 C CA  . ALA B 1 45 ? 22.453  3.187   6.658   1.00 72.98  ? 42   ALA B CA  1 
ATOM   648 C C   . ALA B 1 45 ? 22.014  3.419   5.203   1.00 73.13  ? 42   ALA B C   1 
ATOM   649 O O   . ALA B 1 45 ? 20.818  3.390   4.902   1.00 71.97  ? 42   ALA B O   1 
ATOM   650 C CB  . ALA B 1 45 ? 22.769  4.519   7.330   1.00 65.69  ? 42   ALA B CB  1 
ATOM   651 N N   . LEU B 1 46 ? 22.985  3.645   4.314   1.00 70.52  ? 43   LEU B N   1 
ATOM   652 C CA  . LEU B 1 46 ? 22.708  3.868   2.894   1.00 68.18  ? 43   LEU B CA  1 
ATOM   653 C C   . LEU B 1 46 ? 22.295  2.576   2.188   1.00 65.10  ? 43   LEU B C   1 
ATOM   654 O O   . LEU B 1 46 ? 21.555  2.596   1.201   1.00 63.35  ? 43   LEU B O   1 
ATOM   655 C CB  . LEU B 1 46 ? 23.942  4.425   2.196   1.00 71.44  ? 43   LEU B CB  1 
ATOM   656 C CG  . LEU B 1 46 ? 24.561  5.729   2.699   1.00 77.40  ? 43   LEU B CG  1 
ATOM   657 C CD1 . LEU B 1 46 ? 25.845  6.015   1.897   1.00 76.83  ? 43   LEU B CD1 1 
ATOM   658 C CD2 . LEU B 1 46 ? 23.561  6.871   2.557   1.00 72.76  ? 43   LEU B CD2 1 
ATOM   659 N N   . LEU B 1 47 ? 22.788  1.452   2.692   1.00 61.68  ? 44   LEU B N   1 
ATOM   660 C CA  . LEU B 1 47 ? 22.458  0.161   2.104   1.00 63.16  ? 44   LEU B CA  1 
ATOM   661 C C   . LEU B 1 47 ? 21.036  -0.236  2.459   1.00 63.36  ? 44   LEU B C   1 
ATOM   662 O O   . LEU B 1 47 ? 20.360  -0.914  1.687   1.00 63.45  ? 44   LEU B O   1 
ATOM   663 C CB  . LEU B 1 47 ? 23.404  -0.920  2.605   1.00 57.89  ? 44   LEU B CB  1 
ATOM   664 C CG  . LEU B 1 47 ? 23.052  -2.291  2.023   1.00 58.18  ? 44   LEU B CG  1 
ATOM   665 C CD1 . LEU B 1 47 ? 23.148  -2.259  0.496   1.00 49.18  ? 44   LEU B CD1 1 
ATOM   666 C CD2 . LEU B 1 47 ? 23.978  -3.324  2.605   1.00 53.91  ? 44   LEU B CD2 1 
ATOM   667 N N   . ALA B 1 48 ? 20.612  0.175   3.650   1.00 64.22  ? 45   ALA B N   1 
ATOM   668 C CA  . ALA B 1 48 ? 19.281  -0.092  4.153   1.00 62.74  ? 45   ALA B CA  1 
ATOM   669 C C   . ALA B 1 48 ? 18.308  0.781   3.382   1.00 64.29  ? 45   ALA B C   1 
ATOM   670 O O   . ALA B 1 48 ? 17.278  0.305   2.910   1.00 67.26  ? 45   ALA B O   1 
ATOM   671 C CB  . ALA B 1 48 ? 19.219  0.236   5.615   1.00 59.41  ? 45   ALA B CB  1 
ATOM   672 N N   . ALA B 1 49 ? 18.653  2.056   3.240   1.00 62.96  ? 46   ALA B N   1 
ATOM   673 C CA  . ALA B 1 49 ? 17.808  2.997   2.533   1.00 63.38  ? 46   ALA B CA  1 
ATOM   674 C C   . ALA B 1 49 ? 17.556  2.537   1.117   1.00 67.05  ? 46   ALA B C   1 
ATOM   675 O O   . ALA B 1 49 ? 16.427  2.627   0.634   1.00 71.21  ? 46   ALA B O   1 
ATOM   676 C CB  . ALA B 1 49 ? 18.444  4.361   2.515   1.00 60.05  ? 46   ALA B CB  1 
ATOM   677 N N   . TYR B 1 50 ? 18.598  2.053   0.440   1.00 69.14  ? 47   TYR B N   1 
ATOM   678 C CA  . TYR B 1 50 ? 18.438  1.589   -0.939  1.00 68.53  ? 47   TYR B CA  1 
ATOM   679 C C   . TYR B 1 50 ? 17.513  0.368   -1.021  1.00 68.56  ? 47   TYR B C   1 
ATOM   680 O O   . TYR B 1 50 ? 16.551  0.363   -1.786  1.00 68.23  ? 47   TYR B O   1 
ATOM   681 C CB  . TYR B 1 50 ? 19.792  1.235   -1.573  1.00 66.11  ? 47   TYR B CB  1 
ATOM   682 C CG  . TYR B 1 50 ? 19.625  0.680   -2.964  1.00 65.51  ? 47   TYR B CG  1 
ATOM   683 C CD1 . TYR B 1 50 ? 19.085  1.470   -3.983  1.00 65.08  ? 47   TYR B CD1 1 
ATOM   684 C CD2 . TYR B 1 50 ? 19.925  -0.657  -3.248  1.00 63.09  ? 47   TYR B CD2 1 
ATOM   685 C CE1 . TYR B 1 50 ? 18.837  0.944   -5.258  1.00 65.93  ? 47   TYR B CE1 1 
ATOM   686 C CE2 . TYR B 1 50 ? 19.681  -1.200  -4.520  1.00 65.99  ? 47   TYR B CE2 1 
ATOM   687 C CZ  . TYR B 1 50 ? 19.135  -0.387  -5.517  1.00 67.27  ? 47   TYR B CZ  1 
ATOM   688 O OH  . TYR B 1 50 ? 18.875  -0.900  -6.765  1.00 73.28  ? 47   TYR B OH  1 
ATOM   689 N N   . GLN B 1 51 ? 17.828  -0.660  -0.240  1.00 66.13  ? 48   GLN B N   1 
ATOM   690 C CA  . GLN B 1 51 ? 17.044  -1.882  -0.213  1.00 67.24  ? 48   GLN B CA  1 
ATOM   691 C C   . GLN B 1 51 ? 15.577  -1.535  0.032   1.00 70.01  ? 48   GLN B C   1 
ATOM   692 O O   . GLN B 1 51 ? 14.670  -2.049  -0.622  1.00 68.63  ? 48   GLN B O   1 
ATOM   693 C CB  . GLN B 1 51 ? 17.546  -2.800  0.907   1.00 62.49  ? 48   GLN B CB  1 
ATOM   694 C CG  . GLN B 1 51 ? 18.841  -3.524  0.600   1.00 68.81  ? 48   GLN B CG  1 
ATOM   695 C CD  . GLN B 1 51 ? 19.259  -4.456  1.729   1.00 73.02  ? 48   GLN B CD  1 
ATOM   696 O OE1 . GLN B 1 51 ? 18.432  -4.916  2.519   1.00 79.48  ? 48   GLN B OE1 1 
ATOM   697 N NE2 . GLN B 1 51 ? 20.542  -4.750  1.801   1.00 78.56  ? 48   GLN B NE2 1 
ATOM   698 N N   . SER B 1 52 ? 15.369  -0.654  0.997   1.00 71.22  ? 49   SER B N   1 
ATOM   699 C CA  . SER B 1 52 ? 14.051  -0.214  1.385   1.00 69.76  ? 49   SER B CA  1 
ATOM   700 C C   . SER B 1 52 ? 13.313  0.450   0.220   1.00 70.45  ? 49   SER B C   1 
ATOM   701 O O   . SER B 1 52 ? 12.133  0.172   -0.014  1.00 70.01  ? 49   SER B O   1 
ATOM   702 C CB  . SER B 1 52 ? 14.186  0.752   2.550   1.00 68.77  ? 49   SER B CB  1 
ATOM   703 O OG  . SER B 1 52 ? 12.929  1.023   3.116   1.00 77.52  ? 49   SER B OG  1 
ATOM   704 N N   . LYS B 1 53 ? 14.012  1.320   -0.508  1.00 70.28  ? 50   LYS B N   1 
ATOM   705 C CA  . LYS B 1 53 ? 13.423  2.020   -1.649  1.00 70.81  ? 50   LYS B CA  1 
ATOM   706 C C   . LYS B 1 53 ? 13.243  1.150   -2.888  1.00 71.54  ? 50   LYS B C   1 
ATOM   707 O O   . LYS B 1 53 ? 12.274  1.311   -3.632  1.00 73.63  ? 50   LYS B O   1 
ATOM   708 C CB  . LYS B 1 53 ? 14.254  3.243   -2.024  1.00 70.14  ? 50   LYS B CB  1 
ATOM   709 C CG  . LYS B 1 53 ? 13.585  4.555   -1.674  1.00 77.70  ? 50   LYS B CG  1 
ATOM   710 C CD  . LYS B 1 53 ? 12.259  4.734   -2.404  1.00 78.81  ? 50   LYS B CD  1 
ATOM   711 C CE  . LYS B 1 53 ? 11.566  6.006   -1.938  1.00 84.09  ? 50   LYS B CE  1 
ATOM   712 N NZ  . LYS B 1 53 ? 11.452  6.065   -0.452  1.00 77.52  ? 50   LYS B NZ  1 
ATOM   713 N N   . LEU B 1 54 ? 14.184  0.247   -3.126  1.00 71.13  ? 51   LEU B N   1 
ATOM   714 C CA  . LEU B 1 54 ? 14.088  -0.647  -4.270  1.00 68.89  ? 51   LEU B CA  1 
ATOM   715 C C   . LEU B 1 54 ? 12.852  -1.505  -4.068  1.00 69.68  ? 51   LEU B C   1 
ATOM   716 O O   . LEU B 1 54 ? 12.104  -1.759  -5.005  1.00 69.79  ? 51   LEU B O   1 
ATOM   717 C CB  . LEU B 1 54 ? 15.313  -1.558  -4.345  1.00 64.94  ? 51   LEU B CB  1 
ATOM   718 C CG  . LEU B 1 54 ? 15.268  -2.656  -5.413  1.00 62.20  ? 51   LEU B CG  1 
ATOM   719 C CD1 . LEU B 1 54 ? 15.469  -2.038  -6.788  1.00 59.30  ? 51   LEU B CD1 1 
ATOM   720 C CD2 . LEU B 1 54 ? 16.345  -3.695  -5.129  1.00 62.47  ? 51   LEU B CD2 1 
ATOM   721 N N   . SER B 1 55 ? 12.656  -1.952  -2.831  1.00 67.27  ? 52   SER B N   1 
ATOM   722 C CA  . SER B 1 55 ? 11.525  -2.794  -2.491  1.00 68.36  ? 52   SER B CA  1 
ATOM   723 C C   . SER B 1 55 ? 10.201  -2.063  -2.703  1.00 70.00  ? 52   SER B C   1 
ATOM   724 O O   . SER B 1 55 ? 9.310   -2.564  -3.388  1.00 69.27  ? 52   SER B O   1 
ATOM   725 C CB  . SER B 1 55 ? 11.638  -3.254  -1.044  1.00 62.47  ? 52   SER B CB  1 
ATOM   726 O OG  . SER B 1 55 ? 10.554  -4.091  -0.726  1.00 72.60  ? 52   SER B OG  1 
ATOM   727 N N   . GLU B 1 56 ? 10.081  -0.886  -2.101  1.00 71.58  ? 53   GLU B N   1 
ATOM   728 C CA  . GLU B 1 56 ? 8.890   -0.070  -2.231  1.00 73.02  ? 53   GLU B CA  1 
ATOM   729 C C   . GLU B 1 56 ? 8.576   0.111   -3.715  1.00 73.77  ? 53   GLU B C   1 
ATOM   730 O O   . GLU B 1 56 ? 7.426   0.051   -4.147  1.00 72.41  ? 53   GLU B O   1 
ATOM   731 C CB  . GLU B 1 56 ? 9.125   1.295   -1.590  1.00 75.34  ? 53   GLU B CB  1 
ATOM   732 C CG  . GLU B 1 56 ? 7.959   2.236   -1.776  1.00 85.35  ? 53   GLU B CG  1 
ATOM   733 C CD  . GLU B 1 56 ? 8.199   3.586   -1.151  1.00 91.21  ? 53   GLU B CD  1 
ATOM   734 O OE1 . GLU B 1 56 ? 7.224   4.356   -1.029  1.00 89.71  ? 53   GLU B OE1 1 
ATOM   735 O OE2 . GLU B 1 56 ? 9.362   3.878   -0.793  1.00 95.14  ? 53   GLU B OE2 1 
ATOM   736 N N   . TYR B 1 57 ? 9.622   0.338   -4.492  1.00 73.35  ? 54   TYR B N   1 
ATOM   737 C CA  . TYR B 1 57 ? 9.479   0.526   -5.920  1.00 72.40  ? 54   TYR B CA  1 
ATOM   738 C C   . TYR B 1 57 ? 8.915   -0.713  -6.625  1.00 70.49  ? 54   TYR B C   1 
ATOM   739 O O   . TYR B 1 57 ? 7.990   -0.603  -7.428  1.00 71.45  ? 54   TYR B O   1 
ATOM   740 C CB  . TYR B 1 57 ? 10.838  0.896   -6.514  1.00 76.20  ? 54   TYR B CB  1 
ATOM   741 C CG  . TYR B 1 57 ? 10.836  1.011   -8.025  1.00 85.24  ? 54   TYR B CG  1 
ATOM   742 C CD1 . TYR B 1 57 ? 10.310  2.140   -8.662  1.00 84.89  ? 54   TYR B CD1 1 
ATOM   743 C CD2 . TYR B 1 57 ? 11.342  -0.017  -8.819  1.00 77.80  ? 54   TYR B CD2 1 
ATOM   744 C CE1 . TYR B 1 57 ? 10.289  2.245   -10.048 1.00 80.67  ? 54   TYR B CE1 1 
ATOM   745 C CE2 . TYR B 1 57 ? 11.321  0.077   -10.203 1.00 84.79  ? 54   TYR B CE2 1 
ATOM   746 C CZ  . TYR B 1 57 ? 10.795  1.210   -10.812 1.00 85.90  ? 54   TYR B CZ  1 
ATOM   747 O OH  . TYR B 1 57 ? 10.780  1.296   -12.185 1.00 92.17  ? 54   TYR B OH  1 
ATOM   748 N N   . ASN B 1 58 ? 9.476   -1.883  -6.332  1.00 68.82  ? 55   ASN B N   1 
ATOM   749 C CA  . ASN B 1 58 ? 9.024   -3.120  -6.961  1.00 72.97  ? 55   ASN B CA  1 
ATOM   750 C C   . ASN B 1 58 ? 7.606   -3.526  -6.563  1.00 74.36  ? 55   ASN B C   1 
ATOM   751 O O   . ASN B 1 58 ? 6.840   -4.051  -7.377  1.00 75.91  ? 55   ASN B O   1 
ATOM   752 C CB  . ASN B 1 58 ? 9.982   -4.273  -6.635  1.00 67.56  ? 55   ASN B CB  1 
ATOM   753 C CG  . ASN B 1 58 ? 11.350  -4.113  -7.299  1.00 70.47  ? 55   ASN B CG  1 
ATOM   754 O OD1 . ASN B 1 58 ? 11.523  -3.315  -8.225  1.00 68.23  ? 55   ASN B OD1 1 
ATOM   755 N ND2 . ASN B 1 58 ? 12.325  -4.885  -6.831  1.00 69.84  ? 55   ASN B ND2 1 
ATOM   756 N N   . LEU B 1 59 ? 7.261   -3.286  -5.304  1.00 73.85  ? 56   LEU B N   1 
ATOM   757 C CA  . LEU B 1 59 ? 5.945   -3.631  -4.804  1.00 71.59  ? 56   LEU B CA  1 
ATOM   758 C C   . LEU B 1 59 ? 4.884   -2.715  -5.399  1.00 73.42  ? 56   LEU B C   1 
ATOM   759 O O   . LEU B 1 59 ? 3.809   -3.163  -5.756  1.00 73.45  ? 56   LEU B O   1 
ATOM   760 C CB  . LEU B 1 59 ? 5.935   -3.552  -3.275  1.00 67.12  ? 56   LEU B CB  1 
ATOM   761 C CG  . LEU B 1 59 ? 6.682   -4.699  -2.563  1.00 67.39  ? 56   LEU B CG  1 
ATOM   762 C CD1 . LEU B 1 59 ? 6.800   -4.443  -1.061  1.00 51.02  ? 56   LEU B CD1 1 
ATOM   763 C CD2 . LEU B 1 59 ? 5.937   -6.015  -2.821  1.00 62.12  ? 56   LEU B CD2 1 
ATOM   764 N N   . TYR B 1 60 ? 5.213   -1.436  -5.535  1.00 73.37  ? 57   TYR B N   1 
ATOM   765 C CA  . TYR B 1 60 ? 4.299   -0.444  -6.079  1.00 72.16  ? 57   TYR B CA  1 
ATOM   766 C C   . TYR B 1 60 ? 4.109   -0.664  -7.574  1.00 75.74  ? 57   TYR B C   1 
ATOM   767 O O   . TYR B 1 60 ? 3.044   -0.389  -8.119  1.00 77.43  ? 57   TYR B O   1 
ATOM   768 C CB  . TYR B 1 60 ? 4.877   0.946   -5.841  1.00 68.63  ? 57   TYR B CB  1 
ATOM   769 C CG  . TYR B 1 60 ? 3.983   2.093   -6.230  1.00 66.46  ? 57   TYR B CG  1 
ATOM   770 C CD1 . TYR B 1 60 ? 3.081   2.633   -5.327  1.00 70.39  ? 57   TYR B CD1 1 
ATOM   771 C CD2 . TYR B 1 60 ? 4.070   2.668   -7.493  1.00 68.97  ? 57   TYR B CD2 1 
ATOM   772 C CE1 . TYR B 1 60 ? 2.290   3.732   -5.671  1.00 73.16  ? 57   TYR B CE1 1 
ATOM   773 C CE2 . TYR B 1 60 ? 3.285   3.755   -7.847  1.00 67.27  ? 57   TYR B CE2 1 
ATOM   774 C CZ  . TYR B 1 60 ? 2.396   4.287   -6.933  1.00 71.49  ? 57   TYR B CZ  1 
ATOM   775 O OH  . TYR B 1 60 ? 1.617   5.366   -7.277  1.00 72.27  ? 57   TYR B OH  1 
ATOM   776 N N   . ARG B 1 61 ? 5.160   -1.137  -8.232  1.00 77.23  ? 58   ARG B N   1 
ATOM   777 C CA  . ARG B 1 61 ? 5.129   -1.399  -9.662  1.00 76.07  ? 58   ARG B CA  1 
ATOM   778 C C   . ARG B 1 61 ? 4.234   -2.606  -9.902  1.00 73.83  ? 58   ARG B C   1 
ATOM   779 O O   . ARG B 1 61 ? 3.339   -2.576  -10.743 1.00 73.87  ? 58   ARG B O   1 
ATOM   780 C CB  . ARG B 1 61 ? 6.548   -1.686  -10.150 1.00 83.51  ? 58   ARG B CB  1 
ATOM   781 C CG  . ARG B 1 61 ? 6.684   -1.776  -11.647 1.00 97.56  ? 58   ARG B CG  1 
ATOM   782 C CD  . ARG B 1 61 ? 8.143   -1.838  -12.060 1.00 110.88 ? 58   ARG B CD  1 
ATOM   783 N NE  . ARG B 1 61 ? 8.296   -1.783  -13.515 1.00 120.39 ? 58   ARG B NE  1 
ATOM   784 C CZ  . ARG B 1 61 ? 9.465   -1.847  -14.153 1.00 124.26 ? 58   ARG B CZ  1 
ATOM   785 N NH1 . ARG B 1 61 ? 10.600  -1.973  -13.463 1.00 123.17 ? 58   ARG B NH1 1 
ATOM   786 N NH2 . ARG B 1 61 ? 9.503   -1.781  -15.483 1.00 121.11 ? 58   ARG B NH2 1 
ATOM   787 N N   . ASN B 1 62 ? 4.484   -3.667  -9.144  1.00 70.94  ? 59   ASN B N   1 
ATOM   788 C CA  . ASN B 1 62 ? 3.714   -4.894  -9.247  1.00 69.95  ? 59   ASN B CA  1 
ATOM   789 C C   . ASN B 1 62 ? 2.227   -4.641  -8.942  1.00 72.43  ? 59   ASN B C   1 
ATOM   790 O O   . ASN B 1 62 ? 1.354   -5.291  -9.509  1.00 73.49  ? 59   ASN B O   1 
ATOM   791 C CB  . ASN B 1 62 ? 4.278   -5.943  -8.281  1.00 64.70  ? 59   ASN B CB  1 
ATOM   792 C CG  . ASN B 1 62 ? 3.601   -7.299  -8.431  1.00 74.10  ? 59   ASN B CG  1 
ATOM   793 O OD1 . ASN B 1 62 ? 3.504   -7.825  -9.535  1.00 78.25  ? 59   ASN B OD1 1 
ATOM   794 N ND2 . ASN B 1 62 ? 3.134   -7.871  -7.323  1.00 77.25  ? 59   ASN B ND2 1 
ATOM   795 N N   . ALA B 1 63 ? 1.945   -3.701  -8.041  1.00 70.36  ? 60   ALA B N   1 
ATOM   796 C CA  . ALA B 1 63 ? 0.576   -3.367  -7.689  1.00 67.90  ? 60   ALA B CA  1 
ATOM   797 C C   . ALA B 1 63 ? -0.099  -2.599  -8.832  1.00 70.33  ? 60   ALA B C   1 
ATOM   798 O O   . ALA B 1 63 ? -1.218  -2.932  -9.206  1.00 69.28  ? 60   ALA B O   1 
ATOM   799 C CB  . ALA B 1 63 ? 0.551   -2.546  -6.408  1.00 63.51  ? 60   ALA B CB  1 
ATOM   800 N N   . GLN B 1 64 ? 0.570   -1.579  -9.380  1.00 72.01  ? 61   GLN B N   1 
ATOM   801 C CA  . GLN B 1 64 ? 0.012   -0.799  -10.490 1.00 72.38  ? 61   GLN B CA  1 
ATOM   802 C C   . GLN B 1 64 ? -0.448  -1.776  -11.549 1.00 75.73  ? 61   GLN B C   1 
ATOM   803 O O   . GLN B 1 64 ? -1.602  -1.775  -11.966 1.00 80.51  ? 61   GLN B O   1 
ATOM   804 C CB  . GLN B 1 64 ? 1.061   0.105   -11.132 1.00 69.00  ? 61   GLN B CB  1 
ATOM   805 C CG  . GLN B 1 64 ? 1.613   1.177   -10.228 1.00 84.10  ? 61   GLN B CG  1 
ATOM   806 C CD  . GLN B 1 64 ? 0.592   2.246   -9.897  1.00 86.63  ? 61   GLN B CD  1 
ATOM   807 O OE1 . GLN B 1 64 ? 0.563   3.318   -10.516 1.00 83.60  ? 61   GLN B OE1 1 
ATOM   808 N NE2 . GLN B 1 64 ? -0.261  1.958   -8.920  1.00 90.76  ? 61   GLN B NE2 1 
ATOM   809 N N   . SER B 1 65 ? 0.479   -2.620  -11.976 1.00 75.62  ? 62   SER B N   1 
ATOM   810 C CA  . SER B 1 65 ? 0.222   -3.618  -12.992 1.00 71.73  ? 62   SER B CA  1 
ATOM   811 C C   . SER B 1 65 ? -0.995  -4.501  -12.673 1.00 70.77  ? 62   SER B C   1 
ATOM   812 O O   . SER B 1 65 ? -1.951  -4.554  -13.444 1.00 70.50  ? 62   SER B O   1 
ATOM   813 C CB  . SER B 1 65 ? 1.487   -4.468  -13.160 1.00 67.87  ? 62   SER B CB  1 
ATOM   814 O OG  . SER B 1 65 ? 1.325   -5.460  -14.149 1.00 71.06  ? 62   SER B OG  1 
ATOM   815 N N   . ASN B 1 66 ? -0.966  -5.196  -11.541 1.00 68.56  ? 63   ASN B N   1 
ATOM   816 C CA  . ASN B 1 66 ? -2.068  -6.078  -11.191 1.00 71.26  ? 63   ASN B CA  1 
ATOM   817 C C   . ASN B 1 66 ? -3.391  -5.350  -11.038 1.00 73.54  ? 63   ASN B C   1 
ATOM   818 O O   . ASN B 1 66 ? -4.445  -5.822  -11.464 1.00 73.05  ? 63   ASN B O   1 
ATOM   819 C CB  . ASN B 1 66 ? -1.767  -6.835  -9.899  1.00 68.00  ? 63   ASN B CB  1 
ATOM   820 C CG  . ASN B 1 66 ? -0.715  -7.905  -10.084 1.00 76.11  ? 63   ASN B CG  1 
ATOM   821 O OD1 . ASN B 1 66 ? -0.687  -8.597  -11.102 1.00 77.41  ? 63   ASN B OD1 1 
ATOM   822 N ND2 . ASN B 1 66 ? 0.145   -8.063  -9.089  1.00 74.15  ? 63   ASN B ND2 1 
ATOM   823 N N   . THR B 1 67 ? -3.321  -4.183  -10.430 1.00 75.22  ? 64   THR B N   1 
ATOM   824 C CA  . THR B 1 67 ? -4.502  -3.395  -10.189 1.00 75.31  ? 64   THR B CA  1 
ATOM   825 C C   . THR B 1 67 ? -5.110  -2.920  -11.523 1.00 75.69  ? 64   THR B C   1 
ATOM   826 O O   . THR B 1 67 ? -6.326  -2.920  -11.680 1.00 75.79  ? 64   THR B O   1 
ATOM   827 C CB  . THR B 1 67 ? -4.145  -2.222  -9.237  1.00 74.62  ? 64   THR B CB  1 
ATOM   828 O OG1 . THR B 1 67 ? -5.302  -1.843  -8.491  1.00 77.07  ? 64   THR B OG1 1 
ATOM   829 C CG2 . THR B 1 67 ? -3.611  -1.029  -10.007 1.00 72.38  ? 64   THR B CG2 1 
ATOM   830 N N   . ALA B 1 68 ? -4.272  -2.550  -12.489 1.00 73.81  ? 65   ALA B N   1 
ATOM   831 C CA  . ALA B 1 68 ? -4.768  -2.103  -13.785 1.00 72.36  ? 65   ALA B CA  1 
ATOM   832 C C   . ALA B 1 68 ? -5.358  -3.283  -14.569 1.00 76.06  ? 65   ALA B C   1 
ATOM   833 O O   . ALA B 1 68 ? -6.239  -3.101  -15.409 1.00 79.61  ? 65   ALA B O   1 
ATOM   834 C CB  . ALA B 1 68 ? -3.651  -1.457  -14.585 1.00 62.47  ? 65   ALA B CB  1 
ATOM   835 N N   . LYS B 1 69 ? -4.884  -4.495  -14.306 1.00 75.76  ? 66   LYS B N   1 
ATOM   836 C CA  . LYS B 1 69 ? -5.418  -5.637  -15.023 1.00 75.57  ? 66   LYS B CA  1 
ATOM   837 C C   . LYS B 1 69 ? -6.760  -6.069  -14.456 1.00 73.49  ? 66   LYS B C   1 
ATOM   838 O O   . LYS B 1 69 ? -7.605  -6.579  -15.174 1.00 76.03  ? 66   LYS B O   1 
ATOM   839 C CB  . LYS B 1 69 ? -4.430  -6.810  -15.010 1.00 77.47  ? 66   LYS B CB  1 
ATOM   840 C CG  . LYS B 1 69 ? -3.266  -6.638  -15.992 1.00 78.13  ? 66   LYS B CG  1 
ATOM   841 C CD  . LYS B 1 69 ? -2.468  -7.928  -16.135 1.00 86.40  ? 66   LYS B CD  1 
ATOM   842 C CE  . LYS B 1 69 ? -1.959  -8.407  -14.785 1.00 94.76  ? 66   LYS B CE  1 
ATOM   843 N NZ  . LYS B 1 69 ? -1.451  -9.810  -14.808 1.00 96.61  ? 66   LYS B NZ  1 
ATOM   844 N N   . ALA B 1 70 ? -6.954  -5.846  -13.169 1.00 73.72  ? 67   ALA B N   1 
ATOM   845 C CA  . ALA B 1 70 ? -8.198  -6.202  -12.498 1.00 72.49  ? 67   ALA B CA  1 
ATOM   846 C C   . ALA B 1 70 ? -9.289  -5.156  -12.754 1.00 72.94  ? 67   ALA B C   1 
ATOM   847 O O   . ALA B 1 70 ? -10.472 -5.454  -12.673 1.00 71.62  ? 67   ALA B O   1 
ATOM   848 C CB  . ALA B 1 70 ? -7.951  -6.333  -11.017 1.00 74.33  ? 67   ALA B CB  1 
ATOM   849 N N   . PHE B 1 71 ? -8.872  -3.930  -13.043 1.00 74.23  ? 68   PHE B N   1 
ATOM   850 C CA  . PHE B 1 71 ? -9.779  -2.836  -13.346 1.00 76.62  ? 68   PHE B CA  1 
ATOM   851 C C   . PHE B 1 71 ? -10.420 -3.155  -14.691 1.00 75.74  ? 68   PHE B C   1 
ATOM   852 O O   . PHE B 1 71 ? -11.636 -3.048  -14.855 1.00 72.86  ? 68   PHE B O   1 
ATOM   853 C CB  . PHE B 1 71 ? -8.982  -1.515  -13.409 1.00 87.92  ? 68   PHE B CB  1 
ATOM   854 C CG  . PHE B 1 71 ? -9.721  -0.352  -14.061 1.00 102.10 ? 68   PHE B CG  1 
ATOM   855 C CD1 . PHE B 1 71 ? -9.672  -0.152  -15.452 1.00 110.93 ? 68   PHE B CD1 1 
ATOM   856 C CD2 . PHE B 1 71 ? -10.426 0.571   -13.283 1.00 107.19 ? 68   PHE B CD2 1 
ATOM   857 C CE1 . PHE B 1 71 ? -10.313 0.957   -16.055 1.00 112.32 ? 68   PHE B CE1 1 
ATOM   858 C CE2 . PHE B 1 71 ? -11.067 1.675   -13.869 1.00 109.42 ? 68   PHE B CE2 1 
ATOM   859 C CZ  . PHE B 1 71 ? -11.007 1.865   -15.261 1.00 113.33 ? 68   PHE B CZ  1 
ATOM   860 N N   . LYS B 1 72 ? -9.595  -3.547  -15.657 1.00 75.08  ? 69   LYS B N   1 
ATOM   861 C CA  . LYS B 1 72 ? -10.116 -3.882  -16.968 1.00 73.77  ? 69   LYS B CA  1 
ATOM   862 C C   . LYS B 1 72 ? -10.992 -5.138  -16.908 1.00 69.08  ? 69   LYS B C   1 
ATOM   863 O O   . LYS B 1 72 ? -11.988 -5.236  -17.618 1.00 70.49  ? 69   LYS B O   1 
ATOM   864 C CB  . LYS B 1 72 ? -8.967  -4.048  -17.969 1.00 77.29  ? 69   LYS B CB  1 
ATOM   865 C CG  . LYS B 1 72 ? -8.050  -2.828  -18.006 1.00 90.30  ? 69   LYS B CG  1 
ATOM   866 C CD  . LYS B 1 72 ? -7.573  -2.476  -19.412 1.00 97.85  ? 69   LYS B CD  1 
ATOM   867 C CE  . LYS B 1 72 ? -6.785  -3.609  -20.061 1.00 108.59 ? 69   LYS B CE  1 
ATOM   868 N NZ  . LYS B 1 72 ? -6.279  -3.244  -21.427 1.00 112.49 ? 69   LYS B NZ  1 
ATOM   869 N N   . ASP B 1 73 ? -10.644 -6.086  -16.048 1.00 64.85  ? 70   ASP B N   1 
ATOM   870 C CA  . ASP B 1 73 ? -11.441 -7.300  -15.941 1.00 67.85  ? 70   ASP B CA  1 
ATOM   871 C C   . ASP B 1 73 ? -12.829 -7.009  -15.355 1.00 69.90  ? 70   ASP B C   1 
ATOM   872 O O   . ASP B 1 73 ? -13.810 -7.622  -15.771 1.00 69.89  ? 70   ASP B O   1 
ATOM   873 C CB  . ASP B 1 73 ? -10.728 -8.369  -15.092 1.00 72.76  ? 70   ASP B CB  1 
ATOM   874 C CG  . ASP B 1 73 ? -9.509  -8.989  -15.800 1.00 83.69  ? 70   ASP B CG  1 
ATOM   875 O OD1 . ASP B 1 73 ? -9.258  -8.665  -16.981 1.00 86.29  ? 70   ASP B OD1 1 
ATOM   876 O OD2 . ASP B 1 73 ? -8.795  -9.810  -15.172 1.00 88.62  ? 70   ASP B OD2 1 
ATOM   877 N N   . ILE B 1 74 ? -12.910 -6.085  -14.392 1.00 70.01  ? 71   ILE B N   1 
ATOM   878 C CA  . ILE B 1 74 ? -14.186 -5.715  -13.776 1.00 69.15  ? 71   ILE B CA  1 
ATOM   879 C C   . ILE B 1 74 ? -15.108 -5.015  -14.788 1.00 69.47  ? 71   ILE B C   1 
ATOM   880 O O   . ILE B 1 74 ? -16.278 -5.376  -14.911 1.00 69.81  ? 71   ILE B O   1 
ATOM   881 C CB  . ILE B 1 74 ? -13.970 -4.799  -12.542 1.00 72.66  ? 71   ILE B CB  1 
ATOM   882 C CG1 . ILE B 1 74 ? -13.447 -5.638  -11.375 1.00 75.68  ? 71   ILE B CG1 1 
ATOM   883 C CG2 . ILE B 1 74 ? -15.274 -4.121  -12.126 1.00 57.30  ? 71   ILE B CG2 1 
ATOM   884 C CD1 . ILE B 1 74 ? -12.997 -4.802  -10.181 1.00 73.35  ? 71   ILE B CD1 1 
ATOM   885 N N   . ASP B 1 75 ? -14.583 -4.028  -15.509 1.00 65.83  ? 72   ASP B N   1 
ATOM   886 C CA  . ASP B 1 75 ? -15.359 -3.322  -16.522 1.00 67.67  ? 72   ASP B CA  1 
ATOM   887 C C   . ASP B 1 75 ? -15.890 -4.338  -17.541 1.00 69.40  ? 72   ASP B C   1 
ATOM   888 O O   . ASP B 1 75 ? -17.087 -4.384  -17.831 1.00 69.43  ? 72   ASP B O   1 
ATOM   889 C CB  . ASP B 1 75 ? -14.477 -2.301  -17.244 1.00 73.06  ? 72   ASP B CB  1 
ATOM   890 C CG  . ASP B 1 75 ? -13.961 -1.206  -16.320 1.00 82.05  ? 72   ASP B CG  1 
ATOM   891 O OD1 . ASP B 1 75 ? -13.037 -0.461  -16.737 1.00 83.98  ? 72   ASP B OD1 1 
ATOM   892 O OD2 . ASP B 1 75 ? -14.484 -1.089  -15.184 1.00 86.40  ? 72   ASP B OD2 1 
ATOM   893 N N   . ALA B 1 76 ? -14.985 -5.148  -18.087 1.00 69.05  ? 73   ALA B N   1 
ATOM   894 C CA  . ALA B 1 76 ? -15.354 -6.175  -19.047 1.00 68.66  ? 73   ALA B CA  1 
ATOM   895 C C   . ALA B 1 76 ? -16.394 -7.131  -18.438 1.00 67.99  ? 73   ALA B C   1 
ATOM   896 O O   . ALA B 1 76 ? -17.410 -7.441  -19.058 1.00 70.82  ? 73   ALA B O   1 
ATOM   897 C CB  . ALA B 1 76 ? -14.113 -6.957  -19.479 1.00 65.54  ? 73   ALA B CB  1 
ATOM   898 N N   . ALA B 1 77 ? -16.149 -7.601  -17.224 1.00 63.79  ? 74   ALA B N   1 
ATOM   899 C CA  . ALA B 1 77 ? -17.096 -8.505  -16.586 1.00 63.66  ? 74   ALA B CA  1 
ATOM   900 C C   . ALA B 1 77 ? -18.519 -7.929  -16.583 1.00 67.24  ? 74   ALA B C   1 
ATOM   901 O O   . ALA B 1 77 ? -19.484 -8.638  -16.863 1.00 68.66  ? 74   ALA B O   1 
ATOM   902 C CB  . ALA B 1 77 ? -16.645 -8.817  -15.151 1.00 55.65  ? 74   ALA B CB  1 
ATOM   903 N N   . ILE B 1 78 ? -18.650 -6.641  -16.280 1.00 68.84  ? 75   ILE B N   1 
ATOM   904 C CA  . ILE B 1 78 ? -19.953 -6.002  -16.223 1.00 69.25  ? 75   ILE B CA  1 
ATOM   905 C C   . ILE B 1 78 ? -20.620 -5.949  -17.583 1.00 70.14  ? 75   ILE B C   1 
ATOM   906 O O   . ILE B 1 78 ? -21.806 -6.252  -17.715 1.00 69.86  ? 75   ILE B O   1 
ATOM   907 C CB  . ILE B 1 78 ? -19.828 -4.567  -15.658 1.00 75.82  ? 75   ILE B CB  1 
ATOM   908 C CG1 . ILE B 1 78 ? -19.440 -4.654  -14.183 1.00 75.56  ? 75   ILE B CG1 1 
ATOM   909 C CG2 . ILE B 1 78 ? -21.151 -3.784  -15.838 1.00 72.15  ? 75   ILE B CG2 1 
ATOM   910 C CD1 . ILE B 1 78 ? -19.089 -3.329  -13.562 1.00 81.28  ? 75   ILE B CD1 1 
ATOM   911 N N   . ILE B 1 79 ? -19.852 -5.539  -18.584 1.00 68.07  ? 76   ILE B N   1 
ATOM   912 C CA  . ILE B 1 79 ? -20.343 -5.441  -19.950 1.00 68.26  ? 76   ILE B CA  1 
ATOM   913 C C   . ILE B 1 79 ? -20.721 -6.824  -20.499 1.00 68.30  ? 76   ILE B C   1 
ATOM   914 O O   . ILE B 1 79 ? -21.774 -6.993  -21.114 1.00 67.80  ? 76   ILE B O   1 
ATOM   915 C CB  . ILE B 1 79 ? -19.269 -4.773  -20.857 1.00 70.79  ? 76   ILE B CB  1 
ATOM   916 C CG1 . ILE B 1 79 ? -19.201 -3.276  -20.552 1.00 69.09  ? 76   ILE B CG1 1 
ATOM   917 C CG2 . ILE B 1 79 ? -19.577 -5.006  -22.320 1.00 64.32  ? 76   ILE B CG2 1 
ATOM   918 C CD1 . ILE B 1 79 ? -18.063 -2.590  -21.240 1.00 69.52  ? 76   ILE B CD1 1 
ATOM   919 N N   . GLN B 1 80 ? -19.867 -7.812  -20.264 1.00 66.90  ? 77   GLN B N   1 
ATOM   920 C CA  . GLN B 1 80 ? -20.120 -9.155  -20.754 1.00 67.89  ? 77   GLN B CA  1 
ATOM   921 C C   . GLN B 1 80 ? -21.482 -9.673  -20.293 1.00 70.49  ? 77   GLN B C   1 
ATOM   922 O O   . GLN B 1 80 ? -22.089 -10.523 -20.951 1.00 71.17  ? 77   GLN B O   1 
ATOM   923 C CB  . GLN B 1 80 ? -19.009 -10.099 -20.275 1.00 66.48  ? 77   GLN B CB  1 
ATOM   924 C CG  . GLN B 1 80 ? -19.179 -11.542 -20.696 1.00 60.80  ? 77   GLN B CG  1 
ATOM   925 C CD  . GLN B 1 80 ? -19.264 -11.692 -22.199 1.00 68.08  ? 77   GLN B CD  1 
ATOM   926 O OE1 . GLN B 1 80 ? -18.441 -11.148 -22.934 1.00 71.58  ? 77   GLN B OE1 1 
ATOM   927 N NE2 . GLN B 1 80 ? -20.270 -12.426 -22.668 1.00 66.52  ? 77   GLN B NE2 1 
ATOM   928 N N   . ASN B 1 81 ? -21.961 -9.163  -19.162 1.00 71.23  ? 78   ASN B N   1 
ATOM   929 C CA  . ASN B 1 81 ? -23.242 -9.603  -18.627 1.00 72.50  ? 78   ASN B CA  1 
ATOM   930 C C   . ASN B 1 81 ? -24.407 -9.162  -19.492 1.00 75.60  ? 78   ASN B C   1 
ATOM   931 O O   . ASN B 1 81 ? -25.401 -9.865  -19.602 1.00 75.92  ? 78   ASN B O   1 
ATOM   932 C CB  . ASN B 1 81 ? -23.464 -9.062  -17.210 1.00 74.38  ? 78   ASN B CB  1 
ATOM   933 C CG  . ASN B 1 81 ? -22.838 -9.935  -16.138 1.00 78.38  ? 78   ASN B CG  1 
ATOM   934 O OD1 . ASN B 1 81 ? -22.977 -11.151 -16.162 1.00 80.67  ? 78   ASN B OD1 1 
ATOM   935 N ND2 . ASN B 1 81 ? -22.164 -9.310  -15.174 1.00 80.89  ? 78   ASN B ND2 1 
ATOM   936 N N   . PHE B 1 82 ? -24.285 -7.990  -20.098 1.00 78.18  ? 79   PHE B N   1 
ATOM   937 C CA  . PHE B 1 82 ? -25.353 -7.447  -20.921 1.00 81.41  ? 79   PHE B CA  1 
ATOM   938 C C   . PHE B 1 82 ? -25.247 -7.782  -22.401 1.00 85.67  ? 79   PHE B C   1 
ATOM   939 O O   . PHE B 1 82 ? -25.647 -6.995  -23.256 1.00 85.31  ? 79   PHE B O   1 
ATOM   940 C CB  . PHE B 1 82 ? -25.416 -5.939  -20.718 1.00 79.10  ? 79   PHE B CB  1 
ATOM   941 C CG  . PHE B 1 82 ? -25.844 -5.552  -19.342 1.00 83.88  ? 79   PHE B CG  1 
ATOM   942 C CD1 . PHE B 1 82 ? -27.175 -5.259  -19.072 1.00 82.98  ? 79   PHE B CD1 1 
ATOM   943 C CD2 . PHE B 1 82 ? -24.932 -5.548  -18.295 1.00 79.31  ? 79   PHE B CD2 1 
ATOM   944 C CE1 . PHE B 1 82 ? -27.597 -4.971  -17.775 1.00 83.00  ? 79   PHE B CE1 1 
ATOM   945 C CE2 . PHE B 1 82 ? -25.345 -5.263  -16.991 1.00 85.41  ? 79   PHE B CE2 1 
ATOM   946 C CZ  . PHE B 1 82 ? -26.680 -4.975  -16.736 1.00 84.09  ? 79   PHE B CZ  1 
ATOM   947 N N   . ARG B 1 83 ? -24.708 -8.958  -22.697 1.00 90.71  ? 80   ARG B N   1 
ATOM   948 C CA  . ARG B 1 83 ? -24.586 -9.422  -24.076 1.00 94.18  ? 80   ARG B CA  1 
ATOM   949 C C   . ARG B 1 83 ? -24.551 -10.955 -24.069 1.00 95.87  ? 80   ARG B C   1 
ATOM   950 O O   . ARG B 1 83 ? -23.897 -11.546 -24.961 1.00 96.59  ? 80   ARG B O   1 
ATOM   951 C CB  . ARG B 1 83 ? -23.311 -8.868  -24.714 1.00 91.88  ? 80   ARG B CB  1 
ATOM   952 C CG  . ARG B 1 83 ? -22.052 -9.353  -24.054 1.00 97.95  ? 80   ARG B CG  1 
ATOM   953 C CD  . ARG B 1 83 ? -20.875 -9.291  -24.993 1.00 100.09 ? 80   ARG B CD  1 
ATOM   954 N NE  . ARG B 1 83 ? -20.523 -7.927  -25.352 1.00 106.50 ? 80   ARG B NE  1 
ATOM   955 C CZ  . ARG B 1 83 ? -19.432 -7.606  -26.040 1.00 113.48 ? 80   ARG B CZ  1 
ATOM   956 N NH1 . ARG B 1 83 ? -18.595 -8.562  -26.438 1.00 112.24 ? 80   ARG B NH1 1 
ATOM   957 N NH2 . ARG B 1 83 ? -19.174 -6.331  -26.324 1.00 110.35 ? 80   ARG B NH2 1 
ATOM   958 O OXT . ARG B 1 83 ? -25.195 -11.543 -23.165 1.00 95.10  ? 80   ARG B OXT 1 
HETATM 959 O O   . HOH C 2 .  ? -8.254  0.181   15.459  1.00 87.29  ? 2001 HOH A O   1 
HETATM 960 O O   . HOH C 2 .  ? 5.412   10.318  28.959  1.00 70.90  ? 2002 HOH A O   1 
HETATM 961 O O   . HOH C 2 .  ? 12.124  10.470  19.812  1.00 72.18  ? 2003 HOH A O   1 
HETATM 962 O O   . HOH C 2 .  ? -10.527 3.020   12.354  1.00 82.79  ? 2004 HOH A O   1 
HETATM 963 O O   . HOH D 2 .  ? 26.917  -0.690  2.678   1.00 64.01  ? 2001 HOH B O   1 
HETATM 964 O O   . HOH D 2 .  ? 21.307  4.658   -0.123  1.00 61.52  ? 2002 HOH B O   1 
HETATM 965 O O   . HOH D 2 .  ? 17.734  -7.642  3.391   1.00 71.75  ? 2003 HOH B O   1 
HETATM 966 O O   . HOH D 2 .  ? 9.740   -4.197  -10.913 1.00 99.31  ? 2004 HOH B O   1 
HETATM 967 O O   . HOH D 2 .  ? 2.093   -10.425 -11.458 1.00 75.96  ? 2005 HOH B O   1 
# 
loop_
_pdbx_poly_seq_scheme.asym_id 
_pdbx_poly_seq_scheme.entity_id 
_pdbx_poly_seq_scheme.seq_id 
_pdbx_poly_seq_scheme.mon_id 
_pdbx_poly_seq_scheme.ndb_seq_num 
_pdbx_poly_seq_scheme.pdb_seq_num 
_pdbx_poly_seq_scheme.auth_seq_num 
_pdbx_poly_seq_scheme.pdb_mon_id 
_pdbx_poly_seq_scheme.auth_mon_id 
_pdbx_poly_seq_scheme.pdb_strand_id 
_pdbx_poly_seq_scheme.pdb_ins_code 
_pdbx_poly_seq_scheme.hetero 
A 1 1  GLY 1  -2 ?  ?   ?   A . n 
A 1 2  SER 2  -1 ?  ?   ?   A . n 
A 1 3  HIS 3  0  ?  ?   ?   A . n 
A 1 4  MET 4  1  ?  ?   ?   A . n 
A 1 5  ALA 5  2  ?  ?   ?   A . n 
A 1 6  THR 6  3  ?  ?   ?   A . n 
A 1 7  PRO 7  4  ?  ?   ?   A . n 
A 1 8  TRP 8  5  ?  ?   ?   A . n 
A 1 9  SER 9  6  ?  ?   ?   A . n 
A 1 10 GLY 10 7  ?  ?   ?   A . n 
A 1 11 TYR 11 8  ?  ?   ?   A . n 
A 1 12 LEU 12 9  ?  ?   ?   A . n 
A 1 13 ASP 13 10 ?  ?   ?   A . n 
A 1 14 ASP 14 11 ?  ?   ?   A . n 
A 1 15 VAL 15 12 ?  ?   ?   A . n 
A 1 16 SER 16 13 ?  ?   ?   A . n 
A 1 17 ALA 17 14 ?  ?   ?   A . n 
A 1 18 LYS 18 15 ?  ?   ?   A . n 
A 1 19 PHE 19 16 ?  ?   ?   A . n 
A 1 20 ASP 20 17 ?  ?   ?   A . n 
A 1 21 THR 21 18 ?  ?   ?   A . n 
A 1 22 GLY 22 19 19 GLY GLY A . n 
A 1 23 VAL 23 20 20 VAL VAL A . n 
A 1 24 ASP 24 21 21 ASP ASP A . n 
A 1 25 ASN 25 22 22 ASN ASN A . n 
A 1 26 LEU 26 23 23 LEU LEU A . n 
A 1 27 GLN 27 24 24 GLN GLN A . n 
A 1 28 THR 28 25 25 THR THR A . n 
A 1 29 GLN 29 26 26 GLN GLN A . n 
A 1 30 VAL 30 27 27 VAL VAL A . n 
A 1 31 THR 31 28 28 THR THR A . n 
A 1 32 GLU 32 29 29 GLU GLU A . n 
A 1 33 ALA 33 30 30 ALA ALA A . n 
A 1 34 LEU 34 31 31 LEU LEU A . n 
A 1 35 ASP 35 32 32 ASP ASP A . n 
A 1 36 LYS 36 33 33 LYS LYS A . n 
A 1 37 LEU 37 34 34 LEU LEU A . n 
A 1 38 ALA 38 35 35 ALA ALA A . n 
A 1 39 ALA 39 36 36 ALA ALA A . n 
A 1 40 LYS 40 37 37 LYS LYS A . n 
A 1 41 PRO 41 38 38 PRO PRO A . n 
A 1 42 SER 42 39 39 SER SER A . n 
A 1 43 ASP 43 40 40 ASP ASP A . n 
A 1 44 PRO 44 41 41 PRO PRO A . n 
A 1 45 ALA 45 42 42 ALA ALA A . n 
A 1 46 LEU 46 43 43 LEU LEU A . n 
A 1 47 LEU 47 44 44 LEU LEU A . n 
A 1 48 ALA 48 45 45 ALA ALA A . n 
A 1 49 ALA 49 46 46 ALA ALA A . n 
A 1 50 TYR 50 47 47 TYR TYR A . n 
A 1 51 GLN 51 48 48 GLN GLN A . n 
A 1 52 SER 52 49 49 SER SER A . n 
A 1 53 LYS 53 50 50 LYS LYS A . n 
A 1 54 LEU 54 51 51 LEU LEU A . n 
A 1 55 SER 55 52 52 SER SER A . n 
A 1 56 GLU 56 53 53 GLU GLU A . n 
A 1 57 TYR 57 54 54 TYR TYR A . n 
A 1 58 ASN 58 55 55 ASN ASN A . n 
A 1 59 LEU 59 56 56 LEU LEU A . n 
A 1 60 TYR 60 57 57 TYR TYR A . n 
A 1 61 ARG 61 58 58 ARG ARG A . n 
A 1 62 ASN 62 59 59 ASN ASN A . n 
A 1 63 ALA 63 60 60 ALA ALA A . n 
A 1 64 GLN 64 61 61 GLN GLN A . n 
A 1 65 SER 65 62 62 SER SER A . n 
A 1 66 ASN 66 63 63 ASN ASN A . n 
A 1 67 THR 67 64 64 THR THR A . n 
A 1 68 ALA 68 65 65 ALA ALA A . n 
A 1 69 LYS 69 66 66 LYS LYS A . n 
A 1 70 ALA 70 67 67 ALA ALA A . n 
A 1 71 PHE 71 68 68 PHE PHE A . n 
A 1 72 LYS 72 69 69 LYS LYS A . n 
A 1 73 ASP 73 70 70 ASP ASP A . n 
A 1 74 ILE 74 71 71 ILE ILE A . n 
A 1 75 ASP 75 72 72 ASP ASP A . n 
A 1 76 ALA 76 73 73 ALA ALA A . n 
A 1 77 ALA 77 74 74 ALA ALA A . n 
A 1 78 ILE 78 75 75 ILE ILE A . n 
A 1 79 ILE 79 76 76 ILE ILE A . n 
A 1 80 GLN 80 77 77 GLN GLN A . n 
A 1 81 ASN 81 78 78 ASN ASN A . n 
A 1 82 PHE 82 79 79 PHE PHE A . n 
A 1 83 ARG 83 80 80 ARG ARG A . n 
B 1 1  GLY 1  -2 ?  ?   ?   B . n 
B 1 2  SER 2  -1 ?  ?   ?   B . n 
B 1 3  HIS 3  0  ?  ?   ?   B . n 
B 1 4  MET 4  1  ?  ?   ?   B . n 
B 1 5  ALA 5  2  ?  ?   ?   B . n 
B 1 6  THR 6  3  ?  ?   ?   B . n 
B 1 7  PRO 7  4  ?  ?   ?   B . n 
B 1 8  TRP 8  5  ?  ?   ?   B . n 
B 1 9  SER 9  6  ?  ?   ?   B . n 
B 1 10 GLY 10 7  ?  ?   ?   B . n 
B 1 11 TYR 11 8  ?  ?   ?   B . n 
B 1 12 LEU 12 9  ?  ?   ?   B . n 
B 1 13 ASP 13 10 ?  ?   ?   B . n 
B 1 14 ASP 14 11 ?  ?   ?   B . n 
B 1 15 VAL 15 12 ?  ?   ?   B . n 
B 1 16 SER 16 13 ?  ?   ?   B . n 
B 1 17 ALA 17 14 ?  ?   ?   B . n 
B 1 18 LYS 18 15 ?  ?   ?   B . n 
B 1 19 PHE 19 16 ?  ?   ?   B . n 
B 1 20 ASP 20 17 ?  ?   ?   B . n 
B 1 21 THR 21 18 18 THR THR B . n 
B 1 22 GLY 22 19 19 GLY GLY B . n 
B 1 23 VAL 23 20 20 VAL VAL B . n 
B 1 24 ASP 24 21 21 ASP ASP B . n 
B 1 25 ASN 25 22 22 ASN ASN B . n 
B 1 26 LEU 26 23 23 LEU LEU B . n 
B 1 27 GLN 27 24 24 GLN GLN B . n 
B 1 28 THR 28 25 25 THR THR B . n 
B 1 29 GLN 29 26 26 GLN GLN B . n 
B 1 30 VAL 30 27 27 VAL VAL B . n 
B 1 31 THR 31 28 28 THR THR B . n 
B 1 32 GLU 32 29 29 GLU GLU B . n 
B 1 33 ALA 33 30 30 ALA ALA B . n 
B 1 34 LEU 34 31 31 LEU LEU B . n 
B 1 35 ASP 35 32 32 ASP ASP B . n 
B 1 36 LYS 36 33 33 LYS LYS B . n 
B 1 37 LEU 37 34 34 LEU LEU B . n 
B 1 38 ALA 38 35 35 ALA ALA B . n 
B 1 39 ALA 39 36 36 ALA ALA B . n 
B 1 40 LYS 40 37 37 LYS LYS B . n 
B 1 41 PRO 41 38 38 PRO PRO B . n 
B 1 42 SER 42 39 39 SER SER B . n 
B 1 43 ASP 43 40 40 ASP ASP B . n 
B 1 44 PRO 44 41 41 PRO PRO B . n 
B 1 45 ALA 45 42 42 ALA ALA B . n 
B 1 46 LEU 46 43 43 LEU LEU B . n 
B 1 47 LEU 47 44 44 LEU LEU B . n 
B 1 48 ALA 48 45 45 ALA ALA B . n 
B 1 49 ALA 49 46 46 ALA ALA B . n 
B 1 50 TYR 50 47 47 TYR TYR B . n 
B 1 51 GLN 51 48 48 GLN GLN B . n 
B 1 52 SER 52 49 49 SER SER B . n 
B 1 53 LYS 53 50 50 LYS LYS B . n 
B 1 54 LEU 54 51 51 LEU LEU B . n 
B 1 55 SER 55 52 52 SER SER B . n 
B 1 56 GLU 56 53 53 GLU GLU B . n 
B 1 57 TYR 57 54 54 TYR TYR B . n 
B 1 58 ASN 58 55 55 ASN ASN B . n 
B 1 59 LEU 59 56 56 LEU LEU B . n 
B 1 60 TYR 60 57 57 TYR TYR B . n 
B 1 61 ARG 61 58 58 ARG ARG B . n 
B 1 62 ASN 62 59 59 ASN ASN B . n 
B 1 63 ALA 63 60 60 ALA ALA B . n 
B 1 64 GLN 64 61 61 GLN GLN B . n 
B 1 65 SER 65 62 62 SER SER B . n 
B 1 66 ASN 66 63 63 ASN ASN B . n 
B 1 67 THR 67 64 64 THR THR B . n 
B 1 68 ALA 68 65 65 ALA ALA B . n 
B 1 69 LYS 69 66 66 LYS LYS B . n 
B 1 70 ALA 70 67 67 ALA ALA B . n 
B 1 71 PHE 71 68 68 PHE PHE B . n 
B 1 72 LYS 72 69 69 LYS LYS B . n 
B 1 73 ASP 73 70 70 ASP ASP B . n 
B 1 74 ILE 74 71 71 ILE ILE B . n 
B 1 75 ASP 75 72 72 ASP ASP B . n 
B 1 76 ALA 76 73 73 ALA ALA B . n 
B 1 77 ALA 77 74 74 ALA ALA B . n 
B 1 78 ILE 78 75 75 ILE ILE B . n 
B 1 79 ILE 79 76 76 ILE ILE B . n 
B 1 80 GLN 80 77 77 GLN GLN B . n 
B 1 81 ASN 81 78 78 ASN ASN B . n 
B 1 82 PHE 82 79 79 PHE PHE B . n 
B 1 83 ARG 83 80 80 ARG ARG B . n 
# 
loop_
_pdbx_nonpoly_scheme.asym_id 
_pdbx_nonpoly_scheme.entity_id 
_pdbx_nonpoly_scheme.mon_id 
_pdbx_nonpoly_scheme.ndb_seq_num 
_pdbx_nonpoly_scheme.pdb_seq_num 
_pdbx_nonpoly_scheme.auth_seq_num 
_pdbx_nonpoly_scheme.pdb_mon_id 
_pdbx_nonpoly_scheme.auth_mon_id 
_pdbx_nonpoly_scheme.pdb_strand_id 
_pdbx_nonpoly_scheme.pdb_ins_code 
C 2 HOH 1 2001 2001 HOH HOH A . 
C 2 HOH 2 2002 2002 HOH HOH A . 
C 2 HOH 3 2003 2003 HOH HOH A . 
C 2 HOH 4 2004 2004 HOH HOH A . 
D 2 HOH 1 2001 2001 HOH HOH B . 
D 2 HOH 2 2002 2002 HOH HOH B . 
D 2 HOH 3 2003 2003 HOH HOH B . 
D 2 HOH 4 2004 2004 HOH HOH B . 
D 2 HOH 5 2005 2005 HOH HOH B . 
# 
loop_
_pdbx_struct_assembly.id 
_pdbx_struct_assembly.details 
_pdbx_struct_assembly.method_details 
_pdbx_struct_assembly.oligomeric_details 
_pdbx_struct_assembly.oligomeric_count 
1 author_and_software_defined_assembly PISA monomeric 1 
2 author_and_software_defined_assembly PISA monomeric 1 
# 
loop_
_pdbx_struct_assembly_gen.assembly_id 
_pdbx_struct_assembly_gen.oper_expression 
_pdbx_struct_assembly_gen.asym_id_list 
1 1 A,C 
2 1 B,D 
# 
_pdbx_struct_oper_list.id                   1 
_pdbx_struct_oper_list.type                 'identity operation' 
_pdbx_struct_oper_list.name                 1_555 
_pdbx_struct_oper_list.symmetry_operation   x,y,z 
_pdbx_struct_oper_list.matrix[1][1]         1.0000000000 
_pdbx_struct_oper_list.matrix[1][2]         0.0000000000 
_pdbx_struct_oper_list.matrix[1][3]         0.0000000000 
_pdbx_struct_oper_list.vector[1]            0.0000000000 
_pdbx_struct_oper_list.matrix[2][1]         0.0000000000 
_pdbx_struct_oper_list.matrix[2][2]         1.0000000000 
_pdbx_struct_oper_list.matrix[2][3]         0.0000000000 
_pdbx_struct_oper_list.vector[2]            0.0000000000 
_pdbx_struct_oper_list.matrix[3][1]         0.0000000000 
_pdbx_struct_oper_list.matrix[3][2]         0.0000000000 
_pdbx_struct_oper_list.matrix[3][3]         1.0000000000 
_pdbx_struct_oper_list.vector[3]            0.0000000000 
# 
loop_
_pdbx_audit_revision_history.ordinal 
_pdbx_audit_revision_history.data_content_type 
_pdbx_audit_revision_history.major_revision 
_pdbx_audit_revision_history.minor_revision 
_pdbx_audit_revision_history.revision_date 
1 'Structure model' 1 0 2010-06-16 
2 'Structure model' 1 1 2011-05-26 
3 'Structure model' 1 2 2011-07-13 
4 'Structure model' 1 3 2019-05-08 
5 'Structure model' 1 4 2023-12-20 
# 
_pdbx_audit_revision_details.ordinal             1 
_pdbx_audit_revision_details.revision_ordinal    1 
_pdbx_audit_revision_details.data_content_type   'Structure model' 
_pdbx_audit_revision_details.provider            repository 
_pdbx_audit_revision_details.type                'Initial release' 
_pdbx_audit_revision_details.description         ? 
_pdbx_audit_revision_details.details             ? 
# 
loop_
_pdbx_audit_revision_group.ordinal 
_pdbx_audit_revision_group.revision_ordinal 
_pdbx_audit_revision_group.data_content_type 
_pdbx_audit_revision_group.group 
1 2 'Structure model' 'Version format compliance' 
2 3 'Structure model' 'Version format compliance' 
3 4 'Structure model' 'Data collection'           
4 4 'Structure model' 'Experimental preparation'  
5 4 'Structure model' Other                       
6 5 'Structure model' 'Data collection'           
7 5 'Structure model' 'Database references'       
8 5 'Structure model' Other                       
9 5 'Structure model' 'Refinement description'    
# 
loop_
_pdbx_audit_revision_category.ordinal 
_pdbx_audit_revision_category.revision_ordinal 
_pdbx_audit_revision_category.data_content_type 
_pdbx_audit_revision_category.category 
1  4 'Structure model' database_PDB_rev              
2  4 'Structure model' database_PDB_rev_record       
3  4 'Structure model' exptl_crystal_grow            
4  4 'Structure model' pdbx_database_proc            
5  4 'Structure model' pdbx_database_status          
6  5 'Structure model' chem_comp_atom                
7  5 'Structure model' chem_comp_bond                
8  5 'Structure model' database_2                    
9  5 'Structure model' pdbx_database_status          
10 5 'Structure model' pdbx_initial_refinement_model 
# 
loop_
_pdbx_audit_revision_item.ordinal 
_pdbx_audit_revision_item.revision_ordinal 
_pdbx_audit_revision_item.data_content_type 
_pdbx_audit_revision_item.item 
1 4 'Structure model' '_exptl_crystal_grow.method'                  
2 4 'Structure model' '_pdbx_database_status.recvd_author_approval' 
3 5 'Structure model' '_database_2.pdbx_DOI'                        
4 5 'Structure model' '_database_2.pdbx_database_accession'         
5 5 'Structure model' '_pdbx_database_status.status_code_sf'        
# 
loop_
_software.name 
_software.classification 
_software.version 
_software.citation_id 
_software.pdbx_ordinal 
CNS    refinement       1.21 ? 1 
XDS    'data reduction' .    ? 2 
XSCALE 'data scaling'   .    ? 3 
PHASER phasing          .    ? 4 
# 
_pdbx_entry_details.entry_id                 2X9C 
_pdbx_entry_details.compound_details         
;ENGINEERED RESIDUE IN CHAIN A, VAL 65 TO ALA
ENGINEERED RESIDUE IN CHAIN A, VAL 67 TO ALA
ENGINEERED RESIDUE IN CHAIN B, VAL 65 TO ALA
ENGINEERED RESIDUE IN CHAIN B, VAL 67 TO ALA
;
_pdbx_entry_details.source_details           ? 
_pdbx_entry_details.nonpolymer_details       ? 
_pdbx_entry_details.sequence_details         ? 
_pdbx_entry_details.has_ligand_of_interest   ? 
# 
loop_
_pdbx_validate_torsion.id 
_pdbx_validate_torsion.PDB_model_num 
_pdbx_validate_torsion.auth_comp_id 
_pdbx_validate_torsion.auth_asym_id 
_pdbx_validate_torsion.auth_seq_id 
_pdbx_validate_torsion.PDB_ins_code 
_pdbx_validate_torsion.label_alt_id 
_pdbx_validate_torsion.phi 
_pdbx_validate_torsion.psi 
1 1 LYS A 37 ? ? -153.51 60.92 
2 1 PRO A 38 ? ? -59.14  -4.70 
3 1 PHE A 79 ? ? -64.91  75.96 
4 1 PHE B 79 ? ? -92.83  32.61 
# 
loop_
_pdbx_unobs_or_zero_occ_atoms.id 
_pdbx_unobs_or_zero_occ_atoms.PDB_model_num 
_pdbx_unobs_or_zero_occ_atoms.polymer_flag 
_pdbx_unobs_or_zero_occ_atoms.occupancy_flag 
_pdbx_unobs_or_zero_occ_atoms.auth_asym_id 
_pdbx_unobs_or_zero_occ_atoms.auth_comp_id 
_pdbx_unobs_or_zero_occ_atoms.auth_seq_id 
_pdbx_unobs_or_zero_occ_atoms.PDB_ins_code 
_pdbx_unobs_or_zero_occ_atoms.auth_atom_id 
_pdbx_unobs_or_zero_occ_atoms.label_alt_id 
_pdbx_unobs_or_zero_occ_atoms.label_asym_id 
_pdbx_unobs_or_zero_occ_atoms.label_comp_id 
_pdbx_unobs_or_zero_occ_atoms.label_seq_id 
_pdbx_unobs_or_zero_occ_atoms.label_atom_id 
1  1 Y 1 A ARG 80 ? CA  ? A ARG 83 CA  
2  1 Y 1 A ARG 80 ? C   ? A ARG 83 C   
3  1 Y 1 A ARG 80 ? O   ? A ARG 83 O   
4  1 Y 1 A ARG 80 ? CB  ? A ARG 83 CB  
5  1 Y 1 A ARG 80 ? CG  ? A ARG 83 CG  
6  1 Y 1 A ARG 80 ? CD  ? A ARG 83 CD  
7  1 Y 1 A ARG 80 ? NE  ? A ARG 83 NE  
8  1 Y 1 A ARG 80 ? CZ  ? A ARG 83 CZ  
9  1 Y 1 A ARG 80 ? NH1 ? A ARG 83 NH1 
10 1 Y 1 A ARG 80 ? NH2 ? A ARG 83 NH2 
# 
loop_
_pdbx_unobs_or_zero_occ_residues.id 
_pdbx_unobs_or_zero_occ_residues.PDB_model_num 
_pdbx_unobs_or_zero_occ_residues.polymer_flag 
_pdbx_unobs_or_zero_occ_residues.occupancy_flag 
_pdbx_unobs_or_zero_occ_residues.auth_asym_id 
_pdbx_unobs_or_zero_occ_residues.auth_comp_id 
_pdbx_unobs_or_zero_occ_residues.auth_seq_id 
_pdbx_unobs_or_zero_occ_residues.PDB_ins_code 
_pdbx_unobs_or_zero_occ_residues.label_asym_id 
_pdbx_unobs_or_zero_occ_residues.label_comp_id 
_pdbx_unobs_or_zero_occ_residues.label_seq_id 
1  1 Y 1 A GLY -2 ? A GLY 1  
2  1 Y 1 A SER -1 ? A SER 2  
3  1 Y 1 A HIS 0  ? A HIS 3  
4  1 Y 1 A MET 1  ? A MET 4  
5  1 Y 1 A ALA 2  ? A ALA 5  
6  1 Y 1 A THR 3  ? A THR 6  
7  1 Y 1 A PRO 4  ? A PRO 7  
8  1 Y 1 A TRP 5  ? A TRP 8  
9  1 Y 1 A SER 6  ? A SER 9  
10 1 Y 1 A GLY 7  ? A GLY 10 
11 1 Y 1 A TYR 8  ? A TYR 11 
12 1 Y 1 A LEU 9  ? A LEU 12 
13 1 Y 1 A ASP 10 ? A ASP 13 
14 1 Y 1 A ASP 11 ? A ASP 14 
15 1 Y 1 A VAL 12 ? A VAL 15 
16 1 Y 1 A SER 13 ? A SER 16 
17 1 Y 1 A ALA 14 ? A ALA 17 
18 1 Y 1 A LYS 15 ? A LYS 18 
19 1 Y 1 A PHE 16 ? A PHE 19 
20 1 Y 1 A ASP 17 ? A ASP 20 
21 1 Y 1 A THR 18 ? A THR 21 
22 1 Y 1 B GLY -2 ? B GLY 1  
23 1 Y 1 B SER -1 ? B SER 2  
24 1 Y 1 B HIS 0  ? B HIS 3  
25 1 Y 1 B MET 1  ? B MET 4  
26 1 Y 1 B ALA 2  ? B ALA 5  
27 1 Y 1 B THR 3  ? B THR 6  
28 1 Y 1 B PRO 4  ? B PRO 7  
29 1 Y 1 B TRP 5  ? B TRP 8  
30 1 Y 1 B SER 6  ? B SER 9  
31 1 Y 1 B GLY 7  ? B GLY 10 
32 1 Y 1 B TYR 8  ? B TYR 11 
33 1 Y 1 B LEU 9  ? B LEU 12 
34 1 Y 1 B ASP 10 ? B ASP 13 
35 1 Y 1 B ASP 11 ? B ASP 14 
36 1 Y 1 B VAL 12 ? B VAL 15 
37 1 Y 1 B SER 13 ? B SER 16 
38 1 Y 1 B ALA 14 ? B ALA 17 
39 1 Y 1 B LYS 15 ? B LYS 18 
40 1 Y 1 B PHE 16 ? B PHE 19 
41 1 Y 1 B ASP 17 ? B ASP 20 
# 
loop_
_chem_comp_atom.comp_id 
_chem_comp_atom.atom_id 
_chem_comp_atom.type_symbol 
_chem_comp_atom.pdbx_aromatic_flag 
_chem_comp_atom.pdbx_stereo_config 
_chem_comp_atom.pdbx_ordinal 
ALA N    N N N 1   
ALA CA   C N S 2   
ALA C    C N N 3   
ALA O    O N N 4   
ALA CB   C N N 5   
ALA OXT  O N N 6   
ALA H    H N N 7   
ALA H2   H N N 8   
ALA HA   H N N 9   
ALA HB1  H N N 10  
ALA HB2  H N N 11  
ALA HB3  H N N 12  
ALA HXT  H N N 13  
ARG N    N N N 14  
ARG CA   C N S 15  
ARG C    C N N 16  
ARG O    O N N 17  
ARG CB   C N N 18  
ARG CG   C N N 19  
ARG CD   C N N 20  
ARG NE   N N N 21  
ARG CZ   C N N 22  
ARG NH1  N N N 23  
ARG NH2  N N N 24  
ARG OXT  O N N 25  
ARG H    H N N 26  
ARG H2   H N N 27  
ARG HA   H N N 28  
ARG HB2  H N N 29  
ARG HB3  H N N 30  
ARG HG2  H N N 31  
ARG HG3  H N N 32  
ARG HD2  H N N 33  
ARG HD3  H N N 34  
ARG HE   H N N 35  
ARG HH11 H N N 36  
ARG HH12 H N N 37  
ARG HH21 H N N 38  
ARG HH22 H N N 39  
ARG HXT  H N N 40  
ASN N    N N N 41  
ASN CA   C N S 42  
ASN C    C N N 43  
ASN O    O N N 44  
ASN CB   C N N 45  
ASN CG   C N N 46  
ASN OD1  O N N 47  
ASN ND2  N N N 48  
ASN OXT  O N N 49  
ASN H    H N N 50  
ASN H2   H N N 51  
ASN HA   H N N 52  
ASN HB2  H N N 53  
ASN HB3  H N N 54  
ASN HD21 H N N 55  
ASN HD22 H N N 56  
ASN HXT  H N N 57  
ASP N    N N N 58  
ASP CA   C N S 59  
ASP C    C N N 60  
ASP O    O N N 61  
ASP CB   C N N 62  
ASP CG   C N N 63  
ASP OD1  O N N 64  
ASP OD2  O N N 65  
ASP OXT  O N N 66  
ASP H    H N N 67  
ASP H2   H N N 68  
ASP HA   H N N 69  
ASP HB2  H N N 70  
ASP HB3  H N N 71  
ASP HD2  H N N 72  
ASP HXT  H N N 73  
GLN N    N N N 74  
GLN CA   C N S 75  
GLN C    C N N 76  
GLN O    O N N 77  
GLN CB   C N N 78  
GLN CG   C N N 79  
GLN CD   C N N 80  
GLN OE1  O N N 81  
GLN NE2  N N N 82  
GLN OXT  O N N 83  
GLN H    H N N 84  
GLN H2   H N N 85  
GLN HA   H N N 86  
GLN HB2  H N N 87  
GLN HB3  H N N 88  
GLN HG2  H N N 89  
GLN HG3  H N N 90  
GLN HE21 H N N 91  
GLN HE22 H N N 92  
GLN HXT  H N N 93  
GLU N    N N N 94  
GLU CA   C N S 95  
GLU C    C N N 96  
GLU O    O N N 97  
GLU CB   C N N 98  
GLU CG   C N N 99  
GLU CD   C N N 100 
GLU OE1  O N N 101 
GLU OE2  O N N 102 
GLU OXT  O N N 103 
GLU H    H N N 104 
GLU H2   H N N 105 
GLU HA   H N N 106 
GLU HB2  H N N 107 
GLU HB3  H N N 108 
GLU HG2  H N N 109 
GLU HG3  H N N 110 
GLU HE2  H N N 111 
GLU HXT  H N N 112 
GLY N    N N N 113 
GLY CA   C N N 114 
GLY C    C N N 115 
GLY O    O N N 116 
GLY OXT  O N N 117 
GLY H    H N N 118 
GLY H2   H N N 119 
GLY HA2  H N N 120 
GLY HA3  H N N 121 
GLY HXT  H N N 122 
HIS N    N N N 123 
HIS CA   C N S 124 
HIS C    C N N 125 
HIS O    O N N 126 
HIS CB   C N N 127 
HIS CG   C Y N 128 
HIS ND1  N Y N 129 
HIS CD2  C Y N 130 
HIS CE1  C Y N 131 
HIS NE2  N Y N 132 
HIS OXT  O N N 133 
HIS H    H N N 134 
HIS H2   H N N 135 
HIS HA   H N N 136 
HIS HB2  H N N 137 
HIS HB3  H N N 138 
HIS HD1  H N N 139 
HIS HD2  H N N 140 
HIS HE1  H N N 141 
HIS HE2  H N N 142 
HIS HXT  H N N 143 
HOH O    O N N 144 
HOH H1   H N N 145 
HOH H2   H N N 146 
ILE N    N N N 147 
ILE CA   C N S 148 
ILE C    C N N 149 
ILE O    O N N 150 
ILE CB   C N S 151 
ILE CG1  C N N 152 
ILE CG2  C N N 153 
ILE CD1  C N N 154 
ILE OXT  O N N 155 
ILE H    H N N 156 
ILE H2   H N N 157 
ILE HA   H N N 158 
ILE HB   H N N 159 
ILE HG12 H N N 160 
ILE HG13 H N N 161 
ILE HG21 H N N 162 
ILE HG22 H N N 163 
ILE HG23 H N N 164 
ILE HD11 H N N 165 
ILE HD12 H N N 166 
ILE HD13 H N N 167 
ILE HXT  H N N 168 
LEU N    N N N 169 
LEU CA   C N S 170 
LEU C    C N N 171 
LEU O    O N N 172 
LEU CB   C N N 173 
LEU CG   C N N 174 
LEU CD1  C N N 175 
LEU CD2  C N N 176 
LEU OXT  O N N 177 
LEU H    H N N 178 
LEU H2   H N N 179 
LEU HA   H N N 180 
LEU HB2  H N N 181 
LEU HB3  H N N 182 
LEU HG   H N N 183 
LEU HD11 H N N 184 
LEU HD12 H N N 185 
LEU HD13 H N N 186 
LEU HD21 H N N 187 
LEU HD22 H N N 188 
LEU HD23 H N N 189 
LEU HXT  H N N 190 
LYS N    N N N 191 
LYS CA   C N S 192 
LYS C    C N N 193 
LYS O    O N N 194 
LYS CB   C N N 195 
LYS CG   C N N 196 
LYS CD   C N N 197 
LYS CE   C N N 198 
LYS NZ   N N N 199 
LYS OXT  O N N 200 
LYS H    H N N 201 
LYS H2   H N N 202 
LYS HA   H N N 203 
LYS HB2  H N N 204 
LYS HB3  H N N 205 
LYS HG2  H N N 206 
LYS HG3  H N N 207 
LYS HD2  H N N 208 
LYS HD3  H N N 209 
LYS HE2  H N N 210 
LYS HE3  H N N 211 
LYS HZ1  H N N 212 
LYS HZ2  H N N 213 
LYS HZ3  H N N 214 
LYS HXT  H N N 215 
MET N    N N N 216 
MET CA   C N S 217 
MET C    C N N 218 
MET O    O N N 219 
MET CB   C N N 220 
MET CG   C N N 221 
MET SD   S N N 222 
MET CE   C N N 223 
MET OXT  O N N 224 
MET H    H N N 225 
MET H2   H N N 226 
MET HA   H N N 227 
MET HB2  H N N 228 
MET HB3  H N N 229 
MET HG2  H N N 230 
MET HG3  H N N 231 
MET HE1  H N N 232 
MET HE2  H N N 233 
MET HE3  H N N 234 
MET HXT  H N N 235 
PHE N    N N N 236 
PHE CA   C N S 237 
PHE C    C N N 238 
PHE O    O N N 239 
PHE CB   C N N 240 
PHE CG   C Y N 241 
PHE CD1  C Y N 242 
PHE CD2  C Y N 243 
PHE CE1  C Y N 244 
PHE CE2  C Y N 245 
PHE CZ   C Y N 246 
PHE OXT  O N N 247 
PHE H    H N N 248 
PHE H2   H N N 249 
PHE HA   H N N 250 
PHE HB2  H N N 251 
PHE HB3  H N N 252 
PHE HD1  H N N 253 
PHE HD2  H N N 254 
PHE HE1  H N N 255 
PHE HE2  H N N 256 
PHE HZ   H N N 257 
PHE HXT  H N N 258 
PRO N    N N N 259 
PRO CA   C N S 260 
PRO C    C N N 261 
PRO O    O N N 262 
PRO CB   C N N 263 
PRO CG   C N N 264 
PRO CD   C N N 265 
PRO OXT  O N N 266 
PRO H    H N N 267 
PRO HA   H N N 268 
PRO HB2  H N N 269 
PRO HB3  H N N 270 
PRO HG2  H N N 271 
PRO HG3  H N N 272 
PRO HD2  H N N 273 
PRO HD3  H N N 274 
PRO HXT  H N N 275 
SER N    N N N 276 
SER CA   C N S 277 
SER C    C N N 278 
SER O    O N N 279 
SER CB   C N N 280 
SER OG   O N N 281 
SER OXT  O N N 282 
SER H    H N N 283 
SER H2   H N N 284 
SER HA   H N N 285 
SER HB2  H N N 286 
SER HB3  H N N 287 
SER HG   H N N 288 
SER HXT  H N N 289 
THR N    N N N 290 
THR CA   C N S 291 
THR C    C N N 292 
THR O    O N N 293 
THR CB   C N R 294 
THR OG1  O N N 295 
THR CG2  C N N 296 
THR OXT  O N N 297 
THR H    H N N 298 
THR H2   H N N 299 
THR HA   H N N 300 
THR HB   H N N 301 
THR HG1  H N N 302 
THR HG21 H N N 303 
THR HG22 H N N 304 
THR HG23 H N N 305 
THR HXT  H N N 306 
TRP N    N N N 307 
TRP CA   C N S 308 
TRP C    C N N 309 
TRP O    O N N 310 
TRP CB   C N N 311 
TRP CG   C Y N 312 
TRP CD1  C Y N 313 
TRP CD2  C Y N 314 
TRP NE1  N Y N 315 
TRP CE2  C Y N 316 
TRP CE3  C Y N 317 
TRP CZ2  C Y N 318 
TRP CZ3  C Y N 319 
TRP CH2  C Y N 320 
TRP OXT  O N N 321 
TRP H    H N N 322 
TRP H2   H N N 323 
TRP HA   H N N 324 
TRP HB2  H N N 325 
TRP HB3  H N N 326 
TRP HD1  H N N 327 
TRP HE1  H N N 328 
TRP HE3  H N N 329 
TRP HZ2  H N N 330 
TRP HZ3  H N N 331 
TRP HH2  H N N 332 
TRP HXT  H N N 333 
TYR N    N N N 334 
TYR CA   C N S 335 
TYR C    C N N 336 
TYR O    O N N 337 
TYR CB   C N N 338 
TYR CG   C Y N 339 
TYR CD1  C Y N 340 
TYR CD2  C Y N 341 
TYR CE1  C Y N 342 
TYR CE2  C Y N 343 
TYR CZ   C Y N 344 
TYR OH   O N N 345 
TYR OXT  O N N 346 
TYR H    H N N 347 
TYR H2   H N N 348 
TYR HA   H N N 349 
TYR HB2  H N N 350 
TYR HB3  H N N 351 
TYR HD1  H N N 352 
TYR HD2  H N N 353 
TYR HE1  H N N 354 
TYR HE2  H N N 355 
TYR HH   H N N 356 
TYR HXT  H N N 357 
VAL N    N N N 358 
VAL CA   C N S 359 
VAL C    C N N 360 
VAL O    O N N 361 
VAL CB   C N N 362 
VAL CG1  C N N 363 
VAL CG2  C N N 364 
VAL OXT  O N N 365 
VAL H    H N N 366 
VAL H2   H N N 367 
VAL HA   H N N 368 
VAL HB   H N N 369 
VAL HG11 H N N 370 
VAL HG12 H N N 371 
VAL HG13 H N N 372 
VAL HG21 H N N 373 
VAL HG22 H N N 374 
VAL HG23 H N N 375 
VAL HXT  H N N 376 
# 
loop_
_chem_comp_bond.comp_id 
_chem_comp_bond.atom_id_1 
_chem_comp_bond.atom_id_2 
_chem_comp_bond.value_order 
_chem_comp_bond.pdbx_aromatic_flag 
_chem_comp_bond.pdbx_stereo_config 
_chem_comp_bond.pdbx_ordinal 
ALA N   CA   sing N N 1   
ALA N   H    sing N N 2   
ALA N   H2   sing N N 3   
ALA CA  C    sing N N 4   
ALA CA  CB   sing N N 5   
ALA CA  HA   sing N N 6   
ALA C   O    doub N N 7   
ALA C   OXT  sing N N 8   
ALA CB  HB1  sing N N 9   
ALA CB  HB2  sing N N 10  
ALA CB  HB3  sing N N 11  
ALA OXT HXT  sing N N 12  
ARG N   CA   sing N N 13  
ARG N   H    sing N N 14  
ARG N   H2   sing N N 15  
ARG CA  C    sing N N 16  
ARG CA  CB   sing N N 17  
ARG CA  HA   sing N N 18  
ARG C   O    doub N N 19  
ARG C   OXT  sing N N 20  
ARG CB  CG   sing N N 21  
ARG CB  HB2  sing N N 22  
ARG CB  HB3  sing N N 23  
ARG CG  CD   sing N N 24  
ARG CG  HG2  sing N N 25  
ARG CG  HG3  sing N N 26  
ARG CD  NE   sing N N 27  
ARG CD  HD2  sing N N 28  
ARG CD  HD3  sing N N 29  
ARG NE  CZ   sing N N 30  
ARG NE  HE   sing N N 31  
ARG CZ  NH1  sing N N 32  
ARG CZ  NH2  doub N N 33  
ARG NH1 HH11 sing N N 34  
ARG NH1 HH12 sing N N 35  
ARG NH2 HH21 sing N N 36  
ARG NH2 HH22 sing N N 37  
ARG OXT HXT  sing N N 38  
ASN N   CA   sing N N 39  
ASN N   H    sing N N 40  
ASN N   H2   sing N N 41  
ASN CA  C    sing N N 42  
ASN CA  CB   sing N N 43  
ASN CA  HA   sing N N 44  
ASN C   O    doub N N 45  
ASN C   OXT  sing N N 46  
ASN CB  CG   sing N N 47  
ASN CB  HB2  sing N N 48  
ASN CB  HB3  sing N N 49  
ASN CG  OD1  doub N N 50  
ASN CG  ND2  sing N N 51  
ASN ND2 HD21 sing N N 52  
ASN ND2 HD22 sing N N 53  
ASN OXT HXT  sing N N 54  
ASP N   CA   sing N N 55  
ASP N   H    sing N N 56  
ASP N   H2   sing N N 57  
ASP CA  C    sing N N 58  
ASP CA  CB   sing N N 59  
ASP CA  HA   sing N N 60  
ASP C   O    doub N N 61  
ASP C   OXT  sing N N 62  
ASP CB  CG   sing N N 63  
ASP CB  HB2  sing N N 64  
ASP CB  HB3  sing N N 65  
ASP CG  OD1  doub N N 66  
ASP CG  OD2  sing N N 67  
ASP OD2 HD2  sing N N 68  
ASP OXT HXT  sing N N 69  
GLN N   CA   sing N N 70  
GLN N   H    sing N N 71  
GLN N   H2   sing N N 72  
GLN CA  C    sing N N 73  
GLN CA  CB   sing N N 74  
GLN CA  HA   sing N N 75  
GLN C   O    doub N N 76  
GLN C   OXT  sing N N 77  
GLN CB  CG   sing N N 78  
GLN CB  HB2  sing N N 79  
GLN CB  HB3  sing N N 80  
GLN CG  CD   sing N N 81  
GLN CG  HG2  sing N N 82  
GLN CG  HG3  sing N N 83  
GLN CD  OE1  doub N N 84  
GLN CD  NE2  sing N N 85  
GLN NE2 HE21 sing N N 86  
GLN NE2 HE22 sing N N 87  
GLN OXT HXT  sing N N 88  
GLU N   CA   sing N N 89  
GLU N   H    sing N N 90  
GLU N   H2   sing N N 91  
GLU CA  C    sing N N 92  
GLU CA  CB   sing N N 93  
GLU CA  HA   sing N N 94  
GLU C   O    doub N N 95  
GLU C   OXT  sing N N 96  
GLU CB  CG   sing N N 97  
GLU CB  HB2  sing N N 98  
GLU CB  HB3  sing N N 99  
GLU CG  CD   sing N N 100 
GLU CG  HG2  sing N N 101 
GLU CG  HG3  sing N N 102 
GLU CD  OE1  doub N N 103 
GLU CD  OE2  sing N N 104 
GLU OE2 HE2  sing N N 105 
GLU OXT HXT  sing N N 106 
GLY N   CA   sing N N 107 
GLY N   H    sing N N 108 
GLY N   H2   sing N N 109 
GLY CA  C    sing N N 110 
GLY CA  HA2  sing N N 111 
GLY CA  HA3  sing N N 112 
GLY C   O    doub N N 113 
GLY C   OXT  sing N N 114 
GLY OXT HXT  sing N N 115 
HIS N   CA   sing N N 116 
HIS N   H    sing N N 117 
HIS N   H2   sing N N 118 
HIS CA  C    sing N N 119 
HIS CA  CB   sing N N 120 
HIS CA  HA   sing N N 121 
HIS C   O    doub N N 122 
HIS C   OXT  sing N N 123 
HIS CB  CG   sing N N 124 
HIS CB  HB2  sing N N 125 
HIS CB  HB3  sing N N 126 
HIS CG  ND1  sing Y N 127 
HIS CG  CD2  doub Y N 128 
HIS ND1 CE1  doub Y N 129 
HIS ND1 HD1  sing N N 130 
HIS CD2 NE2  sing Y N 131 
HIS CD2 HD2  sing N N 132 
HIS CE1 NE2  sing Y N 133 
HIS CE1 HE1  sing N N 134 
HIS NE2 HE2  sing N N 135 
HIS OXT HXT  sing N N 136 
HOH O   H1   sing N N 137 
HOH O   H2   sing N N 138 
ILE N   CA   sing N N 139 
ILE N   H    sing N N 140 
ILE N   H2   sing N N 141 
ILE CA  C    sing N N 142 
ILE CA  CB   sing N N 143 
ILE CA  HA   sing N N 144 
ILE C   O    doub N N 145 
ILE C   OXT  sing N N 146 
ILE CB  CG1  sing N N 147 
ILE CB  CG2  sing N N 148 
ILE CB  HB   sing N N 149 
ILE CG1 CD1  sing N N 150 
ILE CG1 HG12 sing N N 151 
ILE CG1 HG13 sing N N 152 
ILE CG2 HG21 sing N N 153 
ILE CG2 HG22 sing N N 154 
ILE CG2 HG23 sing N N 155 
ILE CD1 HD11 sing N N 156 
ILE CD1 HD12 sing N N 157 
ILE CD1 HD13 sing N N 158 
ILE OXT HXT  sing N N 159 
LEU N   CA   sing N N 160 
LEU N   H    sing N N 161 
LEU N   H2   sing N N 162 
LEU CA  C    sing N N 163 
LEU CA  CB   sing N N 164 
LEU CA  HA   sing N N 165 
LEU C   O    doub N N 166 
LEU C   OXT  sing N N 167 
LEU CB  CG   sing N N 168 
LEU CB  HB2  sing N N 169 
LEU CB  HB3  sing N N 170 
LEU CG  CD1  sing N N 171 
LEU CG  CD2  sing N N 172 
LEU CG  HG   sing N N 173 
LEU CD1 HD11 sing N N 174 
LEU CD1 HD12 sing N N 175 
LEU CD1 HD13 sing N N 176 
LEU CD2 HD21 sing N N 177 
LEU CD2 HD22 sing N N 178 
LEU CD2 HD23 sing N N 179 
LEU OXT HXT  sing N N 180 
LYS N   CA   sing N N 181 
LYS N   H    sing N N 182 
LYS N   H2   sing N N 183 
LYS CA  C    sing N N 184 
LYS CA  CB   sing N N 185 
LYS CA  HA   sing N N 186 
LYS C   O    doub N N 187 
LYS C   OXT  sing N N 188 
LYS CB  CG   sing N N 189 
LYS CB  HB2  sing N N 190 
LYS CB  HB3  sing N N 191 
LYS CG  CD   sing N N 192 
LYS CG  HG2  sing N N 193 
LYS CG  HG3  sing N N 194 
LYS CD  CE   sing N N 195 
LYS CD  HD2  sing N N 196 
LYS CD  HD3  sing N N 197 
LYS CE  NZ   sing N N 198 
LYS CE  HE2  sing N N 199 
LYS CE  HE3  sing N N 200 
LYS NZ  HZ1  sing N N 201 
LYS NZ  HZ2  sing N N 202 
LYS NZ  HZ3  sing N N 203 
LYS OXT HXT  sing N N 204 
MET N   CA   sing N N 205 
MET N   H    sing N N 206 
MET N   H2   sing N N 207 
MET CA  C    sing N N 208 
MET CA  CB   sing N N 209 
MET CA  HA   sing N N 210 
MET C   O    doub N N 211 
MET C   OXT  sing N N 212 
MET CB  CG   sing N N 213 
MET CB  HB2  sing N N 214 
MET CB  HB3  sing N N 215 
MET CG  SD   sing N N 216 
MET CG  HG2  sing N N 217 
MET CG  HG3  sing N N 218 
MET SD  CE   sing N N 219 
MET CE  HE1  sing N N 220 
MET CE  HE2  sing N N 221 
MET CE  HE3  sing N N 222 
MET OXT HXT  sing N N 223 
PHE N   CA   sing N N 224 
PHE N   H    sing N N 225 
PHE N   H2   sing N N 226 
PHE CA  C    sing N N 227 
PHE CA  CB   sing N N 228 
PHE CA  HA   sing N N 229 
PHE C   O    doub N N 230 
PHE C   OXT  sing N N 231 
PHE CB  CG   sing N N 232 
PHE CB  HB2  sing N N 233 
PHE CB  HB3  sing N N 234 
PHE CG  CD1  doub Y N 235 
PHE CG  CD2  sing Y N 236 
PHE CD1 CE1  sing Y N 237 
PHE CD1 HD1  sing N N 238 
PHE CD2 CE2  doub Y N 239 
PHE CD2 HD2  sing N N 240 
PHE CE1 CZ   doub Y N 241 
PHE CE1 HE1  sing N N 242 
PHE CE2 CZ   sing Y N 243 
PHE CE2 HE2  sing N N 244 
PHE CZ  HZ   sing N N 245 
PHE OXT HXT  sing N N 246 
PRO N   CA   sing N N 247 
PRO N   CD   sing N N 248 
PRO N   H    sing N N 249 
PRO CA  C    sing N N 250 
PRO CA  CB   sing N N 251 
PRO CA  HA   sing N N 252 
PRO C   O    doub N N 253 
PRO C   OXT  sing N N 254 
PRO CB  CG   sing N N 255 
PRO CB  HB2  sing N N 256 
PRO CB  HB3  sing N N 257 
PRO CG  CD   sing N N 258 
PRO CG  HG2  sing N N 259 
PRO CG  HG3  sing N N 260 
PRO CD  HD2  sing N N 261 
PRO CD  HD3  sing N N 262 
PRO OXT HXT  sing N N 263 
SER N   CA   sing N N 264 
SER N   H    sing N N 265 
SER N   H2   sing N N 266 
SER CA  C    sing N N 267 
SER CA  CB   sing N N 268 
SER CA  HA   sing N N 269 
SER C   O    doub N N 270 
SER C   OXT  sing N N 271 
SER CB  OG   sing N N 272 
SER CB  HB2  sing N N 273 
SER CB  HB3  sing N N 274 
SER OG  HG   sing N N 275 
SER OXT HXT  sing N N 276 
THR N   CA   sing N N 277 
THR N   H    sing N N 278 
THR N   H2   sing N N 279 
THR CA  C    sing N N 280 
THR CA  CB   sing N N 281 
THR CA  HA   sing N N 282 
THR C   O    doub N N 283 
THR C   OXT  sing N N 284 
THR CB  OG1  sing N N 285 
THR CB  CG2  sing N N 286 
THR CB  HB   sing N N 287 
THR OG1 HG1  sing N N 288 
THR CG2 HG21 sing N N 289 
THR CG2 HG22 sing N N 290 
THR CG2 HG23 sing N N 291 
THR OXT HXT  sing N N 292 
TRP N   CA   sing N N 293 
TRP N   H    sing N N 294 
TRP N   H2   sing N N 295 
TRP CA  C    sing N N 296 
TRP CA  CB   sing N N 297 
TRP CA  HA   sing N N 298 
TRP C   O    doub N N 299 
TRP C   OXT  sing N N 300 
TRP CB  CG   sing N N 301 
TRP CB  HB2  sing N N 302 
TRP CB  HB3  sing N N 303 
TRP CG  CD1  doub Y N 304 
TRP CG  CD2  sing Y N 305 
TRP CD1 NE1  sing Y N 306 
TRP CD1 HD1  sing N N 307 
TRP CD2 CE2  doub Y N 308 
TRP CD2 CE3  sing Y N 309 
TRP NE1 CE2  sing Y N 310 
TRP NE1 HE1  sing N N 311 
TRP CE2 CZ2  sing Y N 312 
TRP CE3 CZ3  doub Y N 313 
TRP CE3 HE3  sing N N 314 
TRP CZ2 CH2  doub Y N 315 
TRP CZ2 HZ2  sing N N 316 
TRP CZ3 CH2  sing Y N 317 
TRP CZ3 HZ3  sing N N 318 
TRP CH2 HH2  sing N N 319 
TRP OXT HXT  sing N N 320 
TYR N   CA   sing N N 321 
TYR N   H    sing N N 322 
TYR N   H2   sing N N 323 
TYR CA  C    sing N N 324 
TYR CA  CB   sing N N 325 
TYR CA  HA   sing N N 326 
TYR C   O    doub N N 327 
TYR C   OXT  sing N N 328 
TYR CB  CG   sing N N 329 
TYR CB  HB2  sing N N 330 
TYR CB  HB3  sing N N 331 
TYR CG  CD1  doub Y N 332 
TYR CG  CD2  sing Y N 333 
TYR CD1 CE1  sing Y N 334 
TYR CD1 HD1  sing N N 335 
TYR CD2 CE2  doub Y N 336 
TYR CD2 HD2  sing N N 337 
TYR CE1 CZ   doub Y N 338 
TYR CE1 HE1  sing N N 339 
TYR CE2 CZ   sing Y N 340 
TYR CE2 HE2  sing N N 341 
TYR CZ  OH   sing N N 342 
TYR OH  HH   sing N N 343 
TYR OXT HXT  sing N N 344 
VAL N   CA   sing N N 345 
VAL N   H    sing N N 346 
VAL N   H2   sing N N 347 
VAL CA  C    sing N N 348 
VAL CA  CB   sing N N 349 
VAL CA  HA   sing N N 350 
VAL C   O    doub N N 351 
VAL C   OXT  sing N N 352 
VAL CB  CG1  sing N N 353 
VAL CB  CG2  sing N N 354 
VAL CB  HB   sing N N 355 
VAL CG1 HG11 sing N N 356 
VAL CG1 HG12 sing N N 357 
VAL CG1 HG13 sing N N 358 
VAL CG2 HG21 sing N N 359 
VAL CG2 HG22 sing N N 360 
VAL CG2 HG23 sing N N 361 
VAL OXT HXT  sing N N 362 
# 
_pdbx_entity_nonpoly.entity_id   2 
_pdbx_entity_nonpoly.name        water 
_pdbx_entity_nonpoly.comp_id     HOH 
# 
_pdbx_initial_refinement_model.id               1 
_pdbx_initial_refinement_model.entity_id_list   ? 
_pdbx_initial_refinement_model.type             'experimental model' 
_pdbx_initial_refinement_model.source_name      PDB 
_pdbx_initial_refinement_model.accession_code   2CA5 
_pdbx_initial_refinement_model.details          'PDB ENTRY 2CA5' 
# 
